data_1KD9
# 
_entry.id   1KD9 
# 
_audit_conform.dict_name       mmcif_pdbx.dic 
_audit_conform.dict_version    5.398 
_audit_conform.dict_location   http://mmcif.pdb.org/dictionaries/ascii/mmcif_pdbx.dic 
# 
loop_
_database_2.database_id 
_database_2.database_code 
_database_2.pdbx_database_accession 
_database_2.pdbx_DOI 
PDB   1KD9         pdb_00001kd9 10.2210/pdb1kd9/pdb 
RCSB  RCSB014834   ?            ?                   
WWPDB D_1000014834 ?            ?                   
# 
loop_
_pdbx_audit_revision_history.ordinal 
_pdbx_audit_revision_history.data_content_type 
_pdbx_audit_revision_history.major_revision 
_pdbx_audit_revision_history.minor_revision 
_pdbx_audit_revision_history.revision_date 
1 'Structure model' 1 0 2001-11-28 
2 'Structure model' 1 1 2008-04-27 
3 'Structure model' 1 2 2011-07-13 
4 'Structure model' 1 3 2024-04-03 
5 'Structure model' 1 4 2024-10-30 
# 
_pdbx_audit_revision_details.ordinal             1 
_pdbx_audit_revision_details.revision_ordinal    1 
_pdbx_audit_revision_details.data_content_type   'Structure model' 
_pdbx_audit_revision_details.provider            repository 
_pdbx_audit_revision_details.type                'Initial release' 
_pdbx_audit_revision_details.description         ? 
_pdbx_audit_revision_details.details             ? 
# 
loop_
_pdbx_audit_revision_group.ordinal 
_pdbx_audit_revision_group.revision_ordinal 
_pdbx_audit_revision_group.data_content_type 
_pdbx_audit_revision_group.group 
1 2 'Structure model' 'Version format compliance' 
2 3 'Structure model' 'Version format compliance' 
3 4 'Structure model' 'Data collection'           
4 4 'Structure model' 'Database references'       
5 4 'Structure model' 'Derived calculations'      
6 4 'Structure model' 'Refinement description'    
7 5 'Structure model' 'Structure summary'         
# 
loop_
_pdbx_audit_revision_category.ordinal 
_pdbx_audit_revision_category.revision_ordinal 
_pdbx_audit_revision_category.data_content_type 
_pdbx_audit_revision_category.category 
1 4 'Structure model' chem_comp_atom                
2 4 'Structure model' chem_comp_bond                
3 4 'Structure model' database_2                    
4 4 'Structure model' pdbx_initial_refinement_model 
5 4 'Structure model' struct_conn                   
6 5 'Structure model' pdbx_entry_details            
7 5 'Structure model' pdbx_modification_feature     
# 
loop_
_pdbx_audit_revision_item.ordinal 
_pdbx_audit_revision_item.revision_ordinal 
_pdbx_audit_revision_item.data_content_type 
_pdbx_audit_revision_item.item 
1 4 'Structure model' '_database_2.pdbx_DOI'                
2 4 'Structure model' '_database_2.pdbx_database_accession' 
3 4 'Structure model' '_struct_conn.pdbx_leaving_atom_flag' 
# 
_pdbx_database_status.status_code                     REL 
_pdbx_database_status.entry_id                        1KD9 
_pdbx_database_status.recvd_initial_deposition_date   2001-11-12 
_pdbx_database_status.deposit_site                    RCSB 
_pdbx_database_status.process_site                    RCSB 
_pdbx_database_status.status_code_sf                  REL 
_pdbx_database_status.SG_entry                        . 
_pdbx_database_status.pdb_format_compatible           Y 
_pdbx_database_status.status_code_mr                  ? 
_pdbx_database_status.status_code_cs                  ? 
_pdbx_database_status.status_code_nmr_data            ? 
_pdbx_database_status.methods_development_category    ? 
# 
loop_
_pdbx_database_related.db_name 
_pdbx_database_related.db_id 
_pdbx_database_related.details 
_pdbx_database_related.content_type 
PDB 1KD8 'X-ray structure of the coiled coil GABH AIVBLL' unspecified 
PDB 1KDD 'X-ray structure of the coiled coil GABH ALIBLL' unspecified 
# 
loop_
_audit_author.name 
_audit_author.pdbx_ordinal 
'Keating, A.E.'      1 
'Malashkevich, V.N.' 2 
'Tidor, B.'          3 
'Kim, P.S.'          4 
# 
_citation.id                        primary 
_citation.title                     
'Side-chain repacking calculations for predicting structures and stabilities of heterodimeric coiled coils.' 
_citation.journal_abbrev            Proc.Natl.Acad.Sci.USA 
_citation.journal_volume            98 
_citation.page_first                14825 
_citation.page_last                 14830 
_citation.year                      2001 
_citation.journal_id_ASTM           PNASA6 
_citation.country                   US 
_citation.journal_id_ISSN           0027-8424 
_citation.journal_id_CSD            0040 
_citation.book_publisher            ? 
_citation.pdbx_database_id_PubMed   11752430 
_citation.pdbx_database_id_DOI      10.1073/pnas.261563398 
# 
loop_
_citation_author.citation_id 
_citation_author.name 
_citation_author.ordinal 
_citation_author.identifier_ORCID 
primary 'Keating, A.E.'      1 ? 
primary 'Malashkevich, V.N.' 2 ? 
primary 'Tidor, B.'          3 ? 
primary 'Kim, P.S.'          4 ? 
# 
loop_
_entity.id 
_entity.type 
_entity.src_method 
_entity.pdbx_description 
_entity.formula_weight 
_entity.pdbx_number_of_molecules 
_entity.pdbx_ec 
_entity.pdbx_mutation 
_entity.pdbx_fragment 
_entity.details 
1 polymer syn 'GCN4 ACID BASE HETERODIMER ACID-d12La16L' 4156.490 3   ? ? ? 'coiled coil acid strand' 
2 polymer syn 'GCN4 ACID BASE HETERODIMER BASE-d12La16L' 4157.150 3   ? ? ? 'coiled coil base strand' 
3 water   nat water                                      18.015   174 ? ? ? ?                         
# 
loop_
_entity_name_com.entity_id 
_entity_name_com.name 
1 'GABH ALL' 
2 'GABH BLL' 
# 
loop_
_entity_poly.entity_id 
_entity_poly.type 
_entity_poly.nstd_linkage 
_entity_poly.nstd_monomer 
_entity_poly.pdbx_seq_one_letter_code 
_entity_poly.pdbx_seq_one_letter_code_can 
_entity_poly.pdbx_strand_id 
_entity_poly.pdbx_target_identifier 
1 'polypeptide(L)' no yes '(ACE)EVKQLEAEVEELESELWHLENEVARLEKENAECEA' XEVKQLEAEVEELESELWHLENEVARLEKENAECEA A,C,F ? 
2 'polypeptide(L)' no yes '(ACE)KVKQLKAKVEELKSKLWHLKNKVARLKKKNAECKA' XKVKQLKAKVEELKSKLWHLKNKVARLKKKNAECKA B,D,E ? 
# 
_pdbx_entity_nonpoly.entity_id   3 
_pdbx_entity_nonpoly.name        water 
_pdbx_entity_nonpoly.comp_id     HOH 
# 
loop_
_entity_poly_seq.entity_id 
_entity_poly_seq.num 
_entity_poly_seq.mon_id 
_entity_poly_seq.hetero 
1 1  ACE n 
1 2  GLU n 
1 3  VAL n 
1 4  LYS n 
1 5  GLN n 
1 6  LEU n 
1 7  GLU n 
1 8  ALA n 
1 9  GLU n 
1 10 VAL n 
1 11 GLU n 
1 12 GLU n 
1 13 LEU n 
1 14 GLU n 
1 15 SER n 
1 16 GLU n 
1 17 LEU n 
1 18 TRP n 
1 19 HIS n 
1 20 LEU n 
1 21 GLU n 
1 22 ASN n 
1 23 GLU n 
1 24 VAL n 
1 25 ALA n 
1 26 ARG n 
1 27 LEU n 
1 28 GLU n 
1 29 LYS n 
1 30 GLU n 
1 31 ASN n 
1 32 ALA n 
1 33 GLU n 
1 34 CYS n 
1 35 GLU n 
1 36 ALA n 
2 1  ACE n 
2 2  LYS n 
2 3  VAL n 
2 4  LYS n 
2 5  GLN n 
2 6  LEU n 
2 7  LYS n 
2 8  ALA n 
2 9  LYS n 
2 10 VAL n 
2 11 GLU n 
2 12 GLU n 
2 13 LEU n 
2 14 LYS n 
2 15 SER n 
2 16 LYS n 
2 17 LEU n 
2 18 TRP n 
2 19 HIS n 
2 20 LEU n 
2 21 LYS n 
2 22 ASN n 
2 23 LYS n 
2 24 VAL n 
2 25 ALA n 
2 26 ARG n 
2 27 LEU n 
2 28 LYS n 
2 29 LYS n 
2 30 LYS n 
2 31 ASN n 
2 32 ALA n 
2 33 GLU n 
2 34 CYS n 
2 35 LYS n 
2 36 ALA n 
# 
loop_
_pdbx_entity_src_syn.entity_id 
_pdbx_entity_src_syn.pdbx_src_id 
_pdbx_entity_src_syn.pdbx_alt_source_flag 
_pdbx_entity_src_syn.pdbx_beg_seq_num 
_pdbx_entity_src_syn.pdbx_end_seq_num 
_pdbx_entity_src_syn.organism_scientific 
_pdbx_entity_src_syn.organism_common_name 
_pdbx_entity_src_syn.ncbi_taxonomy_id 
_pdbx_entity_src_syn.details 
1 1 sample ? ? ? ? ? 'The peptide was chemically synthesized.' 
2 1 sample ? ? ? ? ? 'The peptide was chemically synthesized.' 
# 
loop_
_chem_comp.id 
_chem_comp.type 
_chem_comp.mon_nstd_flag 
_chem_comp.name 
_chem_comp.pdbx_synonyms 
_chem_comp.formula 
_chem_comp.formula_weight 
ACE non-polymer         . 'ACETYL GROUP'  ? 'C2 H4 O'        44.053  
ALA 'L-peptide linking' y ALANINE         ? 'C3 H7 N O2'     89.093  
ARG 'L-peptide linking' y ARGININE        ? 'C6 H15 N4 O2 1' 175.209 
ASN 'L-peptide linking' y ASPARAGINE      ? 'C4 H8 N2 O3'    132.118 
CYS 'L-peptide linking' y CYSTEINE        ? 'C3 H7 N O2 S'   121.158 
GLN 'L-peptide linking' y GLUTAMINE       ? 'C5 H10 N2 O3'   146.144 
GLU 'L-peptide linking' y 'GLUTAMIC ACID' ? 'C5 H9 N O4'     147.129 
HIS 'L-peptide linking' y HISTIDINE       ? 'C6 H10 N3 O2 1' 156.162 
HOH non-polymer         . WATER           ? 'H2 O'           18.015  
LEU 'L-peptide linking' y LEUCINE         ? 'C6 H13 N O2'    131.173 
LYS 'L-peptide linking' y LYSINE          ? 'C6 H15 N2 O2 1' 147.195 
SER 'L-peptide linking' y SERINE          ? 'C3 H7 N O3'     105.093 
TRP 'L-peptide linking' y TRYPTOPHAN      ? 'C11 H12 N2 O2'  204.225 
VAL 'L-peptide linking' y VALINE          ? 'C5 H11 N O2'    117.146 
# 
loop_
_pdbx_poly_seq_scheme.asym_id 
_pdbx_poly_seq_scheme.entity_id 
_pdbx_poly_seq_scheme.seq_id 
_pdbx_poly_seq_scheme.mon_id 
_pdbx_poly_seq_scheme.ndb_seq_num 
_pdbx_poly_seq_scheme.pdb_seq_num 
_pdbx_poly_seq_scheme.auth_seq_num 
_pdbx_poly_seq_scheme.pdb_mon_id 
_pdbx_poly_seq_scheme.auth_mon_id 
_pdbx_poly_seq_scheme.pdb_strand_id 
_pdbx_poly_seq_scheme.pdb_ins_code 
_pdbx_poly_seq_scheme.hetero 
A 1 1  ACE 1  0  0  ACE ACE A . n 
A 1 2  GLU 2  1  1  GLU GLU A . n 
A 1 3  VAL 3  2  2  VAL VAL A . n 
A 1 4  LYS 4  3  3  LYS LYS A . n 
A 1 5  GLN 5  4  4  GLN ALA A . n 
A 1 6  LEU 6  5  5  LEU LEU A . n 
A 1 7  GLU 7  6  6  GLU ALA A . n 
A 1 8  ALA 8  7  7  ALA ALA A . n 
A 1 9  GLU 9  8  8  GLU GLU A . n 
A 1 10 VAL 10 9  9  VAL VAL A . n 
A 1 11 GLU 11 10 10 GLU GLU A . n 
A 1 12 GLU 12 11 11 GLU ALA A . n 
A 1 13 LEU 13 12 12 LEU LEU A . n 
A 1 14 GLU 14 13 13 GLU GLU A . n 
A 1 15 SER 15 14 14 SER ALA A . n 
A 1 16 GLU 16 15 15 GLU GLU A . n 
A 1 17 LEU 17 16 16 LEU LEU A . n 
A 1 18 TRP 18 17 17 TRP TRP A . n 
A 1 19 HIS 19 18 18 HIS HIS A . n 
A 1 20 LEU 20 19 19 LEU LEU A . n 
A 1 21 GLU 21 20 20 GLU GLU A . n 
A 1 22 ASN 22 21 21 ASN ASN A . n 
A 1 23 GLU 23 22 22 GLU GLU A . n 
A 1 24 VAL 24 23 23 VAL VAL A . n 
A 1 25 ALA 25 24 24 ALA ALA A . n 
A 1 26 ARG 26 25 25 ARG ALA A . n 
A 1 27 LEU 27 26 26 LEU LEU A . n 
A 1 28 GLU 28 27 27 GLU GLU A . n 
A 1 29 LYS 29 28 28 LYS LYS A . n 
A 1 30 GLU 30 29 29 GLU GLU A . n 
A 1 31 ASN 31 30 30 ASN ASN A . n 
A 1 32 ALA 32 31 31 ALA ALA A . n 
A 1 33 GLU 33 32 32 GLU GLU A . n 
A 1 34 CYS 34 33 33 CYS CYS A . n 
A 1 35 GLU 35 34 34 GLU GLU A . n 
A 1 36 ALA 36 35 35 ALA ALA A . n 
B 2 1  ACE 1  0  ?  ?   ?   B . n 
B 2 2  LYS 2  1  1  LYS LYS B . n 
B 2 3  VAL 3  2  2  VAL VAL B . n 
B 2 4  LYS 4  3  3  LYS ALA B . n 
B 2 5  GLN 5  4  4  GLN ALA B . n 
B 2 6  LEU 6  5  5  LEU LEU B . n 
B 2 7  LYS 7  6  6  LYS LYS B . n 
B 2 8  ALA 8  7  7  ALA ALA B . n 
B 2 9  LYS 9  8  8  LYS LYS B . n 
B 2 10 VAL 10 9  9  VAL VAL B . n 
B 2 11 GLU 11 10 10 GLU GLU B . n 
B 2 12 GLU 12 11 11 GLU GLU B . n 
B 2 13 LEU 13 12 12 LEU LEU B . n 
B 2 14 LYS 14 13 13 LYS LYS B . n 
B 2 15 SER 15 14 14 SER ALA B . n 
B 2 16 LYS 16 15 15 LYS LYS B . n 
B 2 17 LEU 17 16 16 LEU LEU B . n 
B 2 18 TRP 18 17 17 TRP TRP B . n 
B 2 19 HIS 19 18 18 HIS HIS B . n 
B 2 20 LEU 20 19 19 LEU LEU B . n 
B 2 21 LYS 21 20 20 LYS LYS B . n 
B 2 22 ASN 22 21 21 ASN ASN B . n 
B 2 23 LYS 23 22 22 LYS LYS B . n 
B 2 24 VAL 24 23 23 VAL VAL B . n 
B 2 25 ALA 25 24 24 ALA ALA B . n 
B 2 26 ARG 26 25 25 ARG ARG B . n 
B 2 27 LEU 27 26 26 LEU LEU B . n 
B 2 28 LYS 28 27 27 LYS LYS B . n 
B 2 29 LYS 29 28 28 LYS LYS B . n 
B 2 30 LYS 30 29 29 LYS LYS B . n 
B 2 31 ASN 31 30 30 ASN ASN B . n 
B 2 32 ALA 32 31 31 ALA ALA B . n 
B 2 33 GLU 33 32 32 GLU GLU B . n 
B 2 34 CYS 34 33 33 CYS CYS B . n 
B 2 35 LYS 35 34 34 LYS ALA B . n 
B 2 36 ALA 36 35 35 ALA ALA B . n 
C 1 1  ACE 1  0  0  ACE ACE C . n 
C 1 2  GLU 2  1  1  GLU GLU C . n 
C 1 3  VAL 3  2  2  VAL VAL C . n 
C 1 4  LYS 4  3  3  LYS LYS C . n 
C 1 5  GLN 5  4  4  GLN GLN C . n 
C 1 6  LEU 6  5  5  LEU LEU C . n 
C 1 7  GLU 7  6  6  GLU GLU C . n 
C 1 8  ALA 8  7  7  ALA ALA C . n 
C 1 9  GLU 9  8  8  GLU GLU C . n 
C 1 10 VAL 10 9  9  VAL VAL C . n 
C 1 11 GLU 11 10 10 GLU GLU C . n 
C 1 12 GLU 12 11 11 GLU GLU C . n 
C 1 13 LEU 13 12 12 LEU LEU C . n 
C 1 14 GLU 14 13 13 GLU GLU C . n 
C 1 15 SER 15 14 14 SER SER C . n 
C 1 16 GLU 16 15 15 GLU GLU C . n 
C 1 17 LEU 17 16 16 LEU LEU C . n 
C 1 18 TRP 18 17 17 TRP TRP C . n 
C 1 19 HIS 19 18 18 HIS HIS C . n 
C 1 20 LEU 20 19 19 LEU LEU C . n 
C 1 21 GLU 21 20 20 GLU GLU C . n 
C 1 22 ASN 22 21 21 ASN ASN C . n 
C 1 23 GLU 23 22 22 GLU GLU C . n 
C 1 24 VAL 24 23 23 VAL VAL C . n 
C 1 25 ALA 25 24 24 ALA ALA C . n 
C 1 26 ARG 26 25 25 ARG ARG C . n 
C 1 27 LEU 27 26 26 LEU LEU C . n 
C 1 28 GLU 28 27 27 GLU GLU C . n 
C 1 29 LYS 29 28 28 LYS LYS C . n 
C 1 30 GLU 30 29 29 GLU GLU C . n 
C 1 31 ASN 31 30 30 ASN ASN C . n 
C 1 32 ALA 32 31 31 ALA ALA C . n 
C 1 33 GLU 33 32 32 GLU GLU C . n 
C 1 34 CYS 34 33 33 CYS CYS C . n 
C 1 35 GLU 35 34 34 GLU GLU C . n 
C 1 36 ALA 36 35 35 ALA ALA C . n 
D 2 1  ACE 1  0  0  ACE ACE D . n 
D 2 2  LYS 2  1  1  LYS LYS D . n 
D 2 3  VAL 3  2  2  VAL VAL D . n 
D 2 4  LYS 4  3  3  LYS ALA D . n 
D 2 5  GLN 5  4  4  GLN GLN D . n 
D 2 6  LEU 6  5  5  LEU LEU D . n 
D 2 7  LYS 7  6  6  LYS LYS D . n 
D 2 8  ALA 8  7  7  ALA ALA D . n 
D 2 9  LYS 9  8  8  LYS LYS D . n 
D 2 10 VAL 10 9  9  VAL VAL D . n 
D 2 11 GLU 11 10 10 GLU GLU D . n 
D 2 12 GLU 12 11 11 GLU GLU D . n 
D 2 13 LEU 13 12 12 LEU LEU D . n 
D 2 14 LYS 14 13 13 LYS LYS D . n 
D 2 15 SER 15 14 14 SER SER D . n 
D 2 16 LYS 16 15 15 LYS LYS D . n 
D 2 17 LEU 17 16 16 LEU LEU D . n 
D 2 18 TRP 18 17 17 TRP TRP D . n 
D 2 19 HIS 19 18 18 HIS HIS D . n 
D 2 20 LEU 20 19 19 LEU LEU D . n 
D 2 21 LYS 21 20 20 LYS LYS D . n 
D 2 22 ASN 22 21 21 ASN ASN D . n 
D 2 23 LYS 23 22 22 LYS LYS D . n 
D 2 24 VAL 24 23 23 VAL VAL D . n 
D 2 25 ALA 25 24 24 ALA ALA D . n 
D 2 26 ARG 26 25 25 ARG ARG D . n 
D 2 27 LEU 27 26 26 LEU LEU D . n 
D 2 28 LYS 28 27 27 LYS LYS D . n 
D 2 29 LYS 29 28 28 LYS LYS D . n 
D 2 30 LYS 30 29 29 LYS LYS D . n 
D 2 31 ASN 31 30 30 ASN ASN D . n 
D 2 32 ALA 32 31 31 ALA ALA D . n 
D 2 33 GLU 33 32 32 GLU GLU D . n 
D 2 34 CYS 34 33 33 CYS CYS D . n 
D 2 35 LYS 35 34 34 LYS LYS D . n 
D 2 36 ALA 36 35 ?  ?   ?   D . n 
E 2 1  ACE 1  0  0  ACE ACE E . n 
E 2 2  LYS 2  1  1  LYS LYS E . n 
E 2 3  VAL 3  2  2  VAL VAL E . n 
E 2 4  LYS 4  3  3  LYS ALA E . n 
E 2 5  GLN 5  4  4  GLN ALA E . n 
E 2 6  LEU 6  5  5  LEU LEU E . n 
E 2 7  LYS 7  6  6  LYS LYS E . n 
E 2 8  ALA 8  7  7  ALA ALA E . n 
E 2 9  LYS 9  8  8  LYS LYS E . n 
E 2 10 VAL 10 9  9  VAL VAL E . n 
E 2 11 GLU 11 10 10 GLU GLU E . n 
E 2 12 GLU 12 11 11 GLU GLU E . n 
E 2 13 LEU 13 12 12 LEU LEU E . n 
E 2 14 LYS 14 13 13 LYS LYS E . n 
E 2 15 SER 15 14 14 SER SER E . n 
E 2 16 LYS 16 15 15 LYS LYS E . n 
E 2 17 LEU 17 16 16 LEU LEU E . n 
E 2 18 TRP 18 17 17 TRP TRP E . n 
E 2 19 HIS 19 18 18 HIS HIS E . n 
E 2 20 LEU 20 19 19 LEU LEU E . n 
E 2 21 LYS 21 20 20 LYS LYS E . n 
E 2 22 ASN 22 21 21 ASN ASN E . n 
E 2 23 LYS 23 22 22 LYS LYS E . n 
E 2 24 VAL 24 23 23 VAL VAL E . n 
E 2 25 ALA 25 24 24 ALA ALA E . n 
E 2 26 ARG 26 25 25 ARG ARG E . n 
E 2 27 LEU 27 26 26 LEU LEU E . n 
E 2 28 LYS 28 27 27 LYS LYS E . n 
E 2 29 LYS 29 28 28 LYS ALA E . n 
E 2 30 LYS 30 29 29 LYS LYS E . n 
E 2 31 ASN 31 30 30 ASN ASN E . n 
E 2 32 ALA 32 31 31 ALA ALA E . n 
E 2 33 GLU 33 32 32 GLU ALA E . n 
E 2 34 CYS 34 33 33 CYS CYS E . n 
E 2 35 LYS 35 34 34 LYS LYS E . n 
E 2 36 ALA 36 35 ?  ?   ?   E . n 
F 1 1  ACE 1  0  0  ACE ACE F . n 
F 1 2  GLU 2  1  1  GLU GLU F . n 
F 1 3  VAL 3  2  2  VAL VAL F . n 
F 1 4  LYS 4  3  3  LYS LYS F . n 
F 1 5  GLN 5  4  4  GLN GLN F . n 
F 1 6  LEU 6  5  5  LEU LEU F . n 
F 1 7  GLU 7  6  6  GLU GLU F . n 
F 1 8  ALA 8  7  7  ALA ALA F . n 
F 1 9  GLU 9  8  8  GLU GLU F . n 
F 1 10 VAL 10 9  9  VAL VAL F . n 
F 1 11 GLU 11 10 10 GLU GLU F . n 
F 1 12 GLU 12 11 11 GLU GLU F . n 
F 1 13 LEU 13 12 12 LEU LEU F . n 
F 1 14 GLU 14 13 13 GLU GLU F . n 
F 1 15 SER 15 14 14 SER SER F . n 
F 1 16 GLU 16 15 15 GLU GLU F . n 
F 1 17 LEU 17 16 16 LEU LEU F . n 
F 1 18 TRP 18 17 17 TRP TRP F . n 
F 1 19 HIS 19 18 18 HIS HIS F . n 
F 1 20 LEU 20 19 19 LEU LEU F . n 
F 1 21 GLU 21 20 20 GLU GLU F . n 
F 1 22 ASN 22 21 21 ASN ASN F . n 
F 1 23 GLU 23 22 22 GLU GLU F . n 
F 1 24 VAL 24 23 23 VAL VAL F . n 
F 1 25 ALA 25 24 24 ALA ALA F . n 
F 1 26 ARG 26 25 25 ARG ARG F . n 
F 1 27 LEU 27 26 26 LEU LEU F . n 
F 1 28 GLU 28 27 27 GLU GLU F . n 
F 1 29 LYS 29 28 28 LYS LYS F . n 
F 1 30 GLU 30 29 29 GLU ALA F . n 
F 1 31 ASN 31 30 30 ASN ASN F . n 
F 1 32 ALA 32 31 31 ALA ALA F . n 
F 1 33 GLU 33 32 32 GLU GLU F . n 
F 1 34 CYS 34 33 33 CYS CYS F . n 
F 1 35 GLU 35 34 34 GLU ALA F . n 
F 1 36 ALA 36 35 35 ALA ALA F . n 
# 
loop_
_pdbx_nonpoly_scheme.asym_id 
_pdbx_nonpoly_scheme.entity_id 
_pdbx_nonpoly_scheme.mon_id 
_pdbx_nonpoly_scheme.ndb_seq_num 
_pdbx_nonpoly_scheme.pdb_seq_num 
_pdbx_nonpoly_scheme.auth_seq_num 
_pdbx_nonpoly_scheme.pdb_mon_id 
_pdbx_nonpoly_scheme.auth_mon_id 
_pdbx_nonpoly_scheme.pdb_strand_id 
_pdbx_nonpoly_scheme.pdb_ins_code 
G 3 HOH 1  36 13  HOH WAT A . 
G 3 HOH 2  37 21  HOH WAT A . 
G 3 HOH 3  38 27  HOH WAT A . 
G 3 HOH 4  39 35  HOH WAT A . 
G 3 HOH 5  40 49  HOH WAT A . 
G 3 HOH 6  41 50  HOH WAT A . 
G 3 HOH 7  42 52  HOH WAT A . 
G 3 HOH 8  43 64  HOH WAT A . 
G 3 HOH 9  44 76  HOH WAT A . 
G 3 HOH 10 45 80  HOH WAT A . 
G 3 HOH 11 46 90  HOH WAT A . 
G 3 HOH 12 47 91  HOH WAT A . 
G 3 HOH 13 48 94  HOH WAT A . 
G 3 HOH 14 49 100 HOH WAT A . 
G 3 HOH 15 50 106 HOH WAT A . 
G 3 HOH 16 51 113 HOH WAT A . 
G 3 HOH 17 52 114 HOH WAT A . 
G 3 HOH 18 53 120 HOH WAT A . 
G 3 HOH 19 54 121 HOH WAT A . 
G 3 HOH 20 55 123 HOH WAT A . 
G 3 HOH 21 56 129 HOH WAT A . 
G 3 HOH 22 57 130 HOH WAT A . 
G 3 HOH 23 58 140 HOH WAT A . 
G 3 HOH 24 59 149 HOH WAT A . 
G 3 HOH 25 60 157 HOH WAT A . 
G 3 HOH 26 61 161 HOH WAT A . 
G 3 HOH 27 62 170 HOH WAT A . 
H 3 HOH 1  36 8   HOH WAT B . 
H 3 HOH 2  37 10  HOH WAT B . 
H 3 HOH 3  38 12  HOH WAT B . 
H 3 HOH 4  39 16  HOH WAT B . 
H 3 HOH 5  40 29  HOH WAT B . 
H 3 HOH 6  41 31  HOH WAT B . 
H 3 HOH 7  42 34  HOH WAT B . 
H 3 HOH 8  43 37  HOH WAT B . 
H 3 HOH 9  44 42  HOH WAT B . 
H 3 HOH 10 45 61  HOH WAT B . 
H 3 HOH 11 46 62  HOH WAT B . 
H 3 HOH 12 47 71  HOH WAT B . 
H 3 HOH 13 48 75  HOH WAT B . 
H 3 HOH 14 49 81  HOH WAT B . 
H 3 HOH 15 50 97  HOH WAT B . 
H 3 HOH 16 51 99  HOH WAT B . 
H 3 HOH 17 52 101 HOH WAT B . 
H 3 HOH 18 53 109 HOH WAT B . 
H 3 HOH 19 54 115 HOH WAT B . 
H 3 HOH 20 55 116 HOH WAT B . 
H 3 HOH 21 56 119 HOH WAT B . 
H 3 HOH 22 57 124 HOH WAT B . 
H 3 HOH 23 58 133 HOH WAT B . 
H 3 HOH 24 59 137 HOH WAT B . 
H 3 HOH 25 60 148 HOH WAT B . 
H 3 HOH 26 61 153 HOH WAT B . 
H 3 HOH 27 62 154 HOH WAT B . 
H 3 HOH 28 63 168 HOH WAT B . 
H 3 HOH 29 64 173 HOH WAT B . 
I 3 HOH 1  36 2   HOH WAT C . 
I 3 HOH 2  37 3   HOH WAT C . 
I 3 HOH 3  38 9   HOH WAT C . 
I 3 HOH 4  39 17  HOH WAT C . 
I 3 HOH 5  40 19  HOH WAT C . 
I 3 HOH 6  41 26  HOH WAT C . 
I 3 HOH 7  42 41  HOH WAT C . 
I 3 HOH 8  43 51  HOH WAT C . 
I 3 HOH 9  44 54  HOH WAT C . 
I 3 HOH 10 45 57  HOH WAT C . 
I 3 HOH 11 46 60  HOH WAT C . 
I 3 HOH 12 47 69  HOH WAT C . 
I 3 HOH 13 48 70  HOH WAT C . 
I 3 HOH 14 49 73  HOH WAT C . 
I 3 HOH 15 50 78  HOH WAT C . 
I 3 HOH 16 51 84  HOH WAT C . 
I 3 HOH 17 52 85  HOH WAT C . 
I 3 HOH 18 53 88  HOH WAT C . 
I 3 HOH 19 54 92  HOH WAT C . 
I 3 HOH 20 55 96  HOH WAT C . 
I 3 HOH 21 56 102 HOH WAT C . 
I 3 HOH 22 57 125 HOH WAT C . 
I 3 HOH 23 58 127 HOH WAT C . 
I 3 HOH 24 59 143 HOH WAT C . 
I 3 HOH 25 60 144 HOH WAT C . 
I 3 HOH 26 61 146 HOH WAT C . 
I 3 HOH 27 62 147 HOH WAT C . 
I 3 HOH 28 63 150 HOH WAT C . 
I 3 HOH 29 64 151 HOH WAT C . 
I 3 HOH 30 65 152 HOH WAT C . 
I 3 HOH 31 66 160 HOH WAT C . 
J 3 HOH 1  36 4   HOH WAT D . 
J 3 HOH 2  37 22  HOH WAT D . 
J 3 HOH 3  38 32  HOH WAT D . 
J 3 HOH 4  39 40  HOH WAT D . 
J 3 HOH 5  40 47  HOH WAT D . 
J 3 HOH 6  41 53  HOH WAT D . 
J 3 HOH 7  42 58  HOH WAT D . 
J 3 HOH 8  43 59  HOH WAT D . 
J 3 HOH 9  44 83  HOH WAT D . 
J 3 HOH 10 45 89  HOH WAT D . 
J 3 HOH 11 46 93  HOH WAT D . 
J 3 HOH 12 47 95  HOH WAT D . 
J 3 HOH 13 48 107 HOH WAT D . 
J 3 HOH 14 49 128 HOH WAT D . 
J 3 HOH 15 50 134 HOH WAT D . 
J 3 HOH 16 51 136 HOH WAT D . 
J 3 HOH 17 52 139 HOH WAT D . 
J 3 HOH 18 53 141 HOH WAT D . 
J 3 HOH 19 54 164 HOH WAT D . 
J 3 HOH 20 55 165 HOH WAT D . 
K 3 HOH 1  36 11  HOH WAT E . 
K 3 HOH 2  37 20  HOH WAT E . 
K 3 HOH 3  38 24  HOH WAT E . 
K 3 HOH 4  39 25  HOH WAT E . 
K 3 HOH 5  40 39  HOH WAT E . 
K 3 HOH 6  41 43  HOH WAT E . 
K 3 HOH 7  42 55  HOH WAT E . 
K 3 HOH 8  43 56  HOH WAT E . 
K 3 HOH 9  44 68  HOH WAT E . 
K 3 HOH 10 45 77  HOH WAT E . 
K 3 HOH 11 46 87  HOH WAT E . 
K 3 HOH 12 47 103 HOH WAT E . 
K 3 HOH 13 48 108 HOH WAT E . 
K 3 HOH 14 49 111 HOH WAT E . 
K 3 HOH 15 50 117 HOH WAT E . 
K 3 HOH 16 51 118 HOH WAT E . 
K 3 HOH 17 52 122 HOH WAT E . 
K 3 HOH 18 53 126 HOH WAT E . 
K 3 HOH 19 54 132 HOH WAT E . 
K 3 HOH 20 55 138 HOH WAT E . 
K 3 HOH 21 56 142 HOH WAT E . 
K 3 HOH 22 57 155 HOH WAT E . 
K 3 HOH 23 58 156 HOH WAT E . 
K 3 HOH 24 59 162 HOH WAT E . 
L 3 HOH 1  36 1   HOH WAT F . 
L 3 HOH 2  37 5   HOH WAT F . 
L 3 HOH 3  38 6   HOH WAT F . 
L 3 HOH 4  39 7   HOH WAT F . 
L 3 HOH 5  40 14  HOH WAT F . 
L 3 HOH 6  41 15  HOH WAT F . 
L 3 HOH 7  42 18  HOH WAT F . 
L 3 HOH 8  43 23  HOH WAT F . 
L 3 HOH 9  44 28  HOH WAT F . 
L 3 HOH 10 45 30  HOH WAT F . 
L 3 HOH 11 46 33  HOH WAT F . 
L 3 HOH 12 47 36  HOH WAT F . 
L 3 HOH 13 48 38  HOH WAT F . 
L 3 HOH 14 49 44  HOH WAT F . 
L 3 HOH 15 50 45  HOH WAT F . 
L 3 HOH 16 51 46  HOH WAT F . 
L 3 HOH 17 52 48  HOH WAT F . 
L 3 HOH 18 53 63  HOH WAT F . 
L 3 HOH 19 54 65  HOH WAT F . 
L 3 HOH 20 55 66  HOH WAT F . 
L 3 HOH 21 56 67  HOH WAT F . 
L 3 HOH 22 57 72  HOH WAT F . 
L 3 HOH 23 58 74  HOH WAT F . 
L 3 HOH 24 59 79  HOH WAT F . 
L 3 HOH 25 60 82  HOH WAT F . 
L 3 HOH 26 61 86  HOH WAT F . 
L 3 HOH 27 62 98  HOH WAT F . 
L 3 HOH 28 63 104 HOH WAT F . 
L 3 HOH 29 64 105 HOH WAT F . 
L 3 HOH 30 65 110 HOH WAT F . 
L 3 HOH 31 66 112 HOH WAT F . 
L 3 HOH 32 67 131 HOH WAT F . 
L 3 HOH 33 68 135 HOH WAT F . 
L 3 HOH 34 69 145 HOH WAT F . 
L 3 HOH 35 70 158 HOH WAT F . 
L 3 HOH 36 71 159 HOH WAT F . 
L 3 HOH 37 72 163 HOH WAT F . 
L 3 HOH 38 73 166 HOH WAT F . 
L 3 HOH 39 74 167 HOH WAT F . 
L 3 HOH 40 75 169 HOH WAT F . 
L 3 HOH 41 76 171 HOH WAT F . 
L 3 HOH 42 77 172 HOH WAT F . 
L 3 HOH 43 78 174 HOH WAT F . 
# 
loop_
_pdbx_unobs_or_zero_occ_atoms.id 
_pdbx_unobs_or_zero_occ_atoms.PDB_model_num 
_pdbx_unobs_or_zero_occ_atoms.polymer_flag 
_pdbx_unobs_or_zero_occ_atoms.occupancy_flag 
_pdbx_unobs_or_zero_occ_atoms.auth_asym_id 
_pdbx_unobs_or_zero_occ_atoms.auth_comp_id 
_pdbx_unobs_or_zero_occ_atoms.auth_seq_id 
_pdbx_unobs_or_zero_occ_atoms.PDB_ins_code 
_pdbx_unobs_or_zero_occ_atoms.auth_atom_id 
_pdbx_unobs_or_zero_occ_atoms.label_alt_id 
_pdbx_unobs_or_zero_occ_atoms.label_asym_id 
_pdbx_unobs_or_zero_occ_atoms.label_comp_id 
_pdbx_unobs_or_zero_occ_atoms.label_seq_id 
_pdbx_unobs_or_zero_occ_atoms.label_atom_id 
1  1 Y 1 A GLU 1  ? CD  ? A GLU 2  CD  
2  1 Y 1 A GLU 1  ? OE1 ? A GLU 2  OE1 
3  1 Y 1 A GLU 1  ? OE2 ? A GLU 2  OE2 
4  1 Y 1 A LYS 3  ? CD  ? A LYS 4  CD  
5  1 Y 1 A LYS 3  ? CE  ? A LYS 4  CE  
6  1 Y 1 A LYS 3  ? NZ  ? A LYS 4  NZ  
7  1 Y 1 A GLN 4  ? CG  ? A GLN 5  CG  
8  1 Y 1 A GLN 4  ? CD  ? A GLN 5  CD  
9  1 Y 1 A GLN 4  ? OE1 ? A GLN 5  OE1 
10 1 Y 1 A GLN 4  ? NE2 ? A GLN 5  NE2 
11 1 Y 1 A GLU 6  ? CG  ? A GLU 7  CG  
12 1 Y 1 A GLU 6  ? CD  ? A GLU 7  CD  
13 1 Y 1 A GLU 6  ? OE1 ? A GLU 7  OE1 
14 1 Y 1 A GLU 6  ? OE2 ? A GLU 7  OE2 
15 1 Y 1 A GLU 11 ? CG  ? A GLU 12 CG  
16 1 Y 1 A GLU 11 ? CD  ? A GLU 12 CD  
17 1 Y 1 A GLU 11 ? OE1 ? A GLU 12 OE1 
18 1 Y 1 A GLU 11 ? OE2 ? A GLU 12 OE2 
19 1 Y 1 A SER 14 ? OG  ? A SER 15 OG  
20 1 Y 1 A ARG 25 ? CG  ? A ARG 26 CG  
21 1 Y 1 A ARG 25 ? CD  ? A ARG 26 CD  
22 1 Y 1 A ARG 25 ? NE  ? A ARG 26 NE  
23 1 Y 1 A ARG 25 ? CZ  ? A ARG 26 CZ  
24 1 Y 1 A ARG 25 ? NH1 ? A ARG 26 NH1 
25 1 Y 1 A ARG 25 ? NH2 ? A ARG 26 NH2 
26 1 Y 1 B LYS 3  ? CG  ? B LYS 4  CG  
27 1 Y 1 B LYS 3  ? CD  ? B LYS 4  CD  
28 1 Y 1 B LYS 3  ? CE  ? B LYS 4  CE  
29 1 Y 1 B LYS 3  ? NZ  ? B LYS 4  NZ  
30 1 Y 1 B GLN 4  ? CG  ? B GLN 5  CG  
31 1 Y 1 B GLN 4  ? CD  ? B GLN 5  CD  
32 1 Y 1 B GLN 4  ? OE1 ? B GLN 5  OE1 
33 1 Y 1 B GLN 4  ? NE2 ? B GLN 5  NE2 
34 1 Y 1 B LYS 6  ? CD  ? B LYS 7  CD  
35 1 Y 1 B LYS 6  ? CE  ? B LYS 7  CE  
36 1 Y 1 B LYS 6  ? NZ  ? B LYS 7  NZ  
37 1 Y 1 B SER 14 ? OG  ? B SER 15 OG  
38 1 Y 1 B LYS 34 ? CG  ? B LYS 35 CG  
39 1 Y 1 B LYS 34 ? CD  ? B LYS 35 CD  
40 1 Y 1 B LYS 34 ? CE  ? B LYS 35 CE  
41 1 Y 1 B LYS 34 ? NZ  ? B LYS 35 NZ  
42 1 Y 1 C GLU 1  ? CD  ? C GLU 2  CD  
43 1 Y 1 C GLU 1  ? OE1 ? C GLU 2  OE1 
44 1 Y 1 C GLU 1  ? OE2 ? C GLU 2  OE2 
45 1 Y 1 C GLU 29 ? CD  ? C GLU 30 CD  
46 1 Y 1 C GLU 29 ? OE1 ? C GLU 30 OE1 
47 1 Y 1 C GLU 29 ? OE2 ? C GLU 30 OE2 
48 1 Y 1 C GLU 32 ? CD  ? C GLU 33 CD  
49 1 Y 1 C GLU 32 ? OE1 ? C GLU 33 OE1 
50 1 Y 1 C GLU 32 ? OE2 ? C GLU 33 OE2 
51 1 Y 1 C GLU 34 ? CD  ? C GLU 35 CD  
52 1 Y 1 C GLU 34 ? OE1 ? C GLU 35 OE1 
53 1 Y 1 C GLU 34 ? OE2 ? C GLU 35 OE2 
54 1 Y 1 D LYS 3  ? CG  ? D LYS 4  CG  
55 1 Y 1 D LYS 3  ? CD  ? D LYS 4  CD  
56 1 Y 1 D LYS 3  ? CE  ? D LYS 4  CE  
57 1 Y 1 D LYS 3  ? NZ  ? D LYS 4  NZ  
58 1 Y 1 D LYS 34 ? CG  ? D LYS 35 CG  
59 1 Y 1 D LYS 34 ? CD  ? D LYS 35 CD  
60 1 Y 1 D LYS 34 ? CE  ? D LYS 35 CE  
61 1 Y 1 D LYS 34 ? NZ  ? D LYS 35 NZ  
62 1 Y 1 E LYS 3  ? CG  ? E LYS 4  CG  
63 1 Y 1 E LYS 3  ? CD  ? E LYS 4  CD  
64 1 Y 1 E LYS 3  ? CE  ? E LYS 4  CE  
65 1 Y 1 E LYS 3  ? NZ  ? E LYS 4  NZ  
66 1 Y 1 E GLN 4  ? CG  ? E GLN 5  CG  
67 1 Y 1 E GLN 4  ? CD  ? E GLN 5  CD  
68 1 Y 1 E GLN 4  ? OE1 ? E GLN 5  OE1 
69 1 Y 1 E GLN 4  ? NE2 ? E GLN 5  NE2 
70 1 Y 1 E LYS 28 ? CG  ? E LYS 29 CG  
71 1 Y 1 E LYS 28 ? CD  ? E LYS 29 CD  
72 1 Y 1 E LYS 28 ? CE  ? E LYS 29 CE  
73 1 Y 1 E LYS 28 ? NZ  ? E LYS 29 NZ  
74 1 Y 1 E GLU 32 ? CG  ? E GLU 33 CG  
75 1 Y 1 E GLU 32 ? CD  ? E GLU 33 CD  
76 1 Y 1 E GLU 32 ? OE1 ? E GLU 33 OE1 
77 1 Y 1 E GLU 32 ? OE2 ? E GLU 33 OE2 
78 1 Y 1 E LYS 34 ? CG  ? E LYS 35 CG  
79 1 Y 1 E LYS 34 ? CD  ? E LYS 35 CD  
80 1 Y 1 E LYS 34 ? CE  ? E LYS 35 CE  
81 1 Y 1 E LYS 34 ? NZ  ? E LYS 35 NZ  
82 1 Y 1 F GLU 29 ? CG  ? F GLU 30 CG  
83 1 Y 1 F GLU 29 ? CD  ? F GLU 30 CD  
84 1 Y 1 F GLU 29 ? OE1 ? F GLU 30 OE1 
85 1 Y 1 F GLU 29 ? OE2 ? F GLU 30 OE2 
86 1 Y 1 F GLU 34 ? CG  ? F GLU 35 CG  
87 1 Y 1 F GLU 34 ? CD  ? F GLU 35 CD  
88 1 Y 1 F GLU 34 ? OE1 ? F GLU 35 OE1 
89 1 Y 1 F GLU 34 ? OE2 ? F GLU 35 OE2 
# 
loop_
_software.name 
_software.classification 
_software.version 
_software.citation_id 
_software.pdbx_ordinal 
DENZO     'data reduction' .   ? 1 
SCALEPACK 'data scaling'   .   ? 2 
AMoRE     phasing          .   ? 3 
CNS       refinement       1.0 ? 4 
# 
_cell.entry_id           1KD9 
_cell.length_a           86.740 
_cell.length_b           86.740 
_cell.length_c           79.176 
_cell.angle_alpha        90.00 
_cell.angle_beta         90.00 
_cell.angle_gamma        90.00 
_cell.Z_PDB              24 
_cell.pdbx_unique_axis   ? 
# 
_symmetry.entry_id                         1KD9 
_symmetry.space_group_name_H-M             'P 41 21 2' 
_symmetry.pdbx_full_space_group_name_H-M   ? 
_symmetry.cell_setting                     ? 
_symmetry.Int_Tables_number                92 
# 
_exptl.entry_id          1KD9 
_exptl.method            'X-RAY DIFFRACTION' 
_exptl.crystals_number   1 
# 
_exptl_crystal.id                    1 
_exptl_crystal.density_meas          ? 
_exptl_crystal.density_Matthews      2.982 
_exptl_crystal.density_percent_sol   57.2 
_exptl_crystal.description           ? 
# 
_exptl_crystal_grow.crystal_id      1 
_exptl_crystal_grow.method          'VAPOR DIFFUSION, HANGING DROP' 
_exptl_crystal_grow.temp            293 
_exptl_crystal_grow.temp_details    ? 
_exptl_crystal_grow.pH              7.7 
_exptl_crystal_grow.pdbx_details    'PEG 4000, Na Hepes, 2-propanol, pH 7.7, VAPOR DIFFUSION, HANGING DROP, temperature 293K' 
_exptl_crystal_grow.pdbx_pH_range   ? 
# 
_diffrn.id                     1 
_diffrn.ambient_temp           100 
_diffrn.ambient_temp_details   ? 
_diffrn.crystal_id             1 
# 
_diffrn_detector.diffrn_id              1 
_diffrn_detector.detector               CCD 
_diffrn_detector.type                   'ADSC QUANTUM 4' 
_diffrn_detector.pdbx_collection_date   2000-10-19 
_diffrn_detector.details                ? 
# 
_diffrn_radiation.diffrn_id                        1 
_diffrn_radiation.wavelength_id                    1 
_diffrn_radiation.pdbx_monochromatic_or_laue_m_l   M 
_diffrn_radiation.monochromator                    ? 
_diffrn_radiation.pdbx_diffrn_protocol             'SINGLE WAVELENGTH' 
_diffrn_radiation.pdbx_scattering_type             x-ray 
# 
_diffrn_radiation_wavelength.id           1 
_diffrn_radiation_wavelength.wavelength   0.9763 
_diffrn_radiation_wavelength.wt           1.0 
# 
_diffrn_source.diffrn_id                   1 
_diffrn_source.source                      SYNCHROTRON 
_diffrn_source.type                        'NSLS BEAMLINE X4A' 
_diffrn_source.pdbx_synchrotron_site       NSLS 
_diffrn_source.pdbx_synchrotron_beamline   X4A 
_diffrn_source.pdbx_wavelength             ? 
_diffrn_source.pdbx_wavelength_list        0.9763 
# 
_reflns.entry_id                     1KD9 
_reflns.observed_criterion_sigma_I   0 
_reflns.observed_criterion_sigma_F   0 
_reflns.d_resolution_low             35 
_reflns.d_resolution_high            2.0 
_reflns.number_obs                   20141 
_reflns.number_all                   20141 
_reflns.percent_possible_obs         98.3 
_reflns.pdbx_Rmerge_I_obs            0.04 
_reflns.pdbx_Rsym_value              ? 
_reflns.pdbx_netI_over_sigmaI        ? 
_reflns.B_iso_Wilson_estimate        34.8 
_reflns.pdbx_redundancy              ? 
_reflns.R_free_details               ? 
_reflns.limit_h_max                  ? 
_reflns.limit_h_min                  ? 
_reflns.limit_k_max                  ? 
_reflns.limit_k_min                  ? 
_reflns.limit_l_max                  ? 
_reflns.limit_l_min                  ? 
_reflns.observed_criterion_F_max     ? 
_reflns.observed_criterion_F_min     ? 
_reflns.pdbx_diffrn_id               1 
_reflns.pdbx_ordinal                 1 
# 
_reflns_shell.d_res_high             2.0 
_reflns_shell.d_res_low              2.07 
_reflns_shell.percent_possible_all   99.4 
_reflns_shell.Rmerge_I_obs           0.337 
_reflns_shell.pdbx_Rsym_value        ? 
_reflns_shell.meanI_over_sigI_obs    ? 
_reflns_shell.pdbx_redundancy        ? 
_reflns_shell.percent_possible_obs   ? 
_reflns_shell.number_unique_all      ? 
_reflns_shell.pdbx_diffrn_id         ? 
_reflns_shell.pdbx_ordinal           1 
# 
_refine.entry_id                                 1KD9 
_refine.ls_number_reflns_obs                     17771 
_refine.ls_number_reflns_all                     17771 
_refine.pdbx_ls_sigma_I                          ? 
_refine.pdbx_ls_sigma_F                          0 
_refine.pdbx_data_cutoff_high_absF               ? 
_refine.pdbx_data_cutoff_low_absF                ? 
_refine.ls_d_res_low                             10. 
_refine.ls_d_res_high                            2.1 
_refine.ls_percent_reflns_obs                    98.8 
_refine.ls_R_factor_obs                          ? 
_refine.ls_R_factor_all                          ? 
_refine.ls_R_factor_R_work                       0.2417 
_refine.ls_R_factor_R_free                       0.2963 
_refine.ls_R_factor_R_free_error                 0.007 
_refine.ls_R_factor_R_free_error_details         ? 
_refine.ls_percent_reflns_R_free                 10.1 
_refine.ls_number_reflns_R_free                  1788 
_refine.ls_number_parameters                     ? 
_refine.ls_number_restraints                     ? 
_refine.occupancy_min                            ? 
_refine.occupancy_max                            ? 
_refine.B_iso_mean                               58.2 
_refine.aniso_B[1][1]                            1.01 
_refine.aniso_B[2][2]                            1.01 
_refine.aniso_B[3][3]                            -2.03 
_refine.aniso_B[1][2]                            0.00 
_refine.aniso_B[1][3]                            0.00 
_refine.aniso_B[2][3]                            0.00 
_refine.solvent_model_details                    'flat model' 
_refine.solvent_model_param_ksol                 0.440279 
_refine.solvent_model_param_bsol                 91.0823 
_refine.pdbx_ls_cross_valid_method               THROUGHOUT 
_refine.details                                  ? 
_refine.pdbx_starting_model                      'calculated structure' 
_refine.pdbx_method_to_determine_struct          'MOLECULAR REPLACEMENT' 
_refine.pdbx_isotropic_thermal_model             restrained 
_refine.pdbx_stereochemistry_target_values       'ENGH & HUBER' 
_refine.pdbx_stereochem_target_val_spec_case     ? 
_refine.pdbx_R_Free_selection_details            random 
_refine.pdbx_overall_ESU_R_Free                  ? 
_refine.overall_SU_B                             ? 
_refine.ls_redundancy_reflns_obs                 ? 
_refine.B_iso_min                                ? 
_refine.B_iso_max                                ? 
_refine.correlation_coeff_Fo_to_Fc               ? 
_refine.correlation_coeff_Fo_to_Fc_free          ? 
_refine.overall_SU_R_Cruickshank_DPI             ? 
_refine.overall_SU_R_free                        ? 
_refine.overall_SU_ML                            ? 
_refine.pdbx_overall_ESU_R                       ? 
_refine.pdbx_data_cutoff_high_rms_absF           ? 
_refine.pdbx_refine_id                           'X-RAY DIFFRACTION' 
_refine.pdbx_diffrn_id                           1 
_refine.pdbx_TLS_residual_ADP_flag               ? 
_refine.pdbx_solvent_vdw_probe_radii             ? 
_refine.pdbx_solvent_ion_probe_radii             ? 
_refine.pdbx_solvent_shrinkage_radii             ? 
_refine.pdbx_overall_phase_error                 ? 
_refine.pdbx_overall_SU_R_free_Cruickshank_DPI   ? 
_refine.pdbx_overall_SU_R_Blow_DPI               ? 
_refine.pdbx_overall_SU_R_free_Blow_DPI          ? 
# 
_refine_analyze.entry_id                        1KD9 
_refine_analyze.Luzzati_coordinate_error_obs    0.30 
_refine_analyze.Luzzati_sigma_a_obs             0.24 
_refine_analyze.Luzzati_d_res_low_obs           5.0 
_refine_analyze.Luzzati_coordinate_error_free   0.40 
_refine_analyze.Luzzati_sigma_a_free            0.32 
_refine_analyze.Luzzati_d_res_low_free          ? 
_refine_analyze.number_disordered_residues      ? 
_refine_analyze.occupancy_sum_hydrogen          ? 
_refine_analyze.occupancy_sum_non_hydrogen      ? 
_refine_analyze.pdbx_Luzzati_d_res_high_obs     ? 
_refine_analyze.pdbx_refine_id                  'X-RAY DIFFRACTION' 
# 
_refine_hist.pdbx_refine_id                   'X-RAY DIFFRACTION' 
_refine_hist.cycle_id                         LAST 
_refine_hist.pdbx_number_atoms_protein        1648 
_refine_hist.pdbx_number_atoms_nucleic_acid   0 
_refine_hist.pdbx_number_atoms_ligand         0 
_refine_hist.number_atoms_solvent             174 
_refine_hist.number_atoms_total               1822 
_refine_hist.d_res_high                       2.1 
_refine_hist.d_res_low                        10. 
# 
loop_
_refine_ls_restr.type 
_refine_ls_restr.dev_ideal 
_refine_ls_restr.dev_ideal_target 
_refine_ls_restr.weight 
_refine_ls_restr.number 
_refine_ls_restr.pdbx_refine_id 
_refine_ls_restr.pdbx_restraint_function 
c_bond_d           0.013009 ? ? ? 'X-RAY DIFFRACTION' ? 
c_angle_deg        1.40254  ? ? ? 'X-RAY DIFFRACTION' ? 
c_dihedral_angle_d 14.8     ? ? ? 'X-RAY DIFFRACTION' ? 
c_improper_angle_d 0.98     ? ? ? 'X-RAY DIFFRACTION' ? 
# 
_refine_ls_shell.pdbx_total_number_of_bins_used   6 
_refine_ls_shell.d_res_high                       2.1 
_refine_ls_shell.d_res_low                        2.23 
_refine_ls_shell.number_reflns_R_work             2624 
_refine_ls_shell.R_factor_R_work                  0.309 
_refine_ls_shell.percent_reflns_obs               99.4 
_refine_ls_shell.R_factor_R_free                  0.374 
_refine_ls_shell.R_factor_R_free_error            0.022 
_refine_ls_shell.percent_reflns_R_free            10.3 
_refine_ls_shell.number_reflns_R_free             302 
_refine_ls_shell.number_reflns_obs                ? 
_refine_ls_shell.redundancy_reflns_obs            ? 
_refine_ls_shell.number_reflns_all                ? 
_refine_ls_shell.pdbx_refine_id                   'X-RAY DIFFRACTION' 
_refine_ls_shell.R_factor_all                     ? 
# 
_struct.entry_id                  1KD9 
_struct.title                     'X-RAY STRUCTURE OF THE COILED COIL GCN4 ACID BASE HETERODIMER ACID-d12La16L BASE-d12La16L' 
_struct.pdbx_model_details        ? 
_struct.pdbx_CASP_flag            ? 
_struct.pdbx_model_type_details   ? 
# 
_struct_keywords.entry_id        1KD9 
_struct_keywords.pdbx_keywords   'DE NOVO PROTEIN' 
_struct_keywords.text            'coiled coil heterodimer, DE NOVO PROTEIN' 
# 
loop_
_struct_asym.id 
_struct_asym.pdbx_blank_PDB_chainid_flag 
_struct_asym.pdbx_modified 
_struct_asym.entity_id 
_struct_asym.details 
A N N 1 ? 
B N N 2 ? 
C N N 1 ? 
D N N 2 ? 
E N N 2 ? 
F N N 1 ? 
G N N 3 ? 
H N N 3 ? 
I N N 3 ? 
J N N 3 ? 
K N N 3 ? 
L N N 3 ? 
# 
loop_
_struct_ref.id 
_struct_ref.entity_id 
_struct_ref.db_name 
_struct_ref.db_code 
_struct_ref.pdbx_db_accession 
_struct_ref.pdbx_db_isoform 
_struct_ref.pdbx_seq_one_letter_code 
_struct_ref.pdbx_align_begin 
1 1 PDB 1KD9 1KD9 ? ? ? 
2 2 PDB 1KD9 1KD9 ? ? ? 
# 
loop_
_struct_ref_seq.align_id 
_struct_ref_seq.ref_id 
_struct_ref_seq.pdbx_PDB_id_code 
_struct_ref_seq.pdbx_strand_id 
_struct_ref_seq.seq_align_beg 
_struct_ref_seq.pdbx_seq_align_beg_ins_code 
_struct_ref_seq.seq_align_end 
_struct_ref_seq.pdbx_seq_align_end_ins_code 
_struct_ref_seq.pdbx_db_accession 
_struct_ref_seq.db_align_beg 
_struct_ref_seq.pdbx_db_align_beg_ins_code 
_struct_ref_seq.db_align_end 
_struct_ref_seq.pdbx_db_align_end_ins_code 
_struct_ref_seq.pdbx_auth_seq_align_beg 
_struct_ref_seq.pdbx_auth_seq_align_end 
1 1 1KD9 A 1 ? 36 ? 1KD9 0 ? 35 ? 0 35 
2 2 1KD9 B 1 ? 36 ? 1KD9 0 ? 35 ? 0 35 
3 1 1KD9 C 1 ? 36 ? 1KD9 0 ? 35 ? 0 35 
4 2 1KD9 D 1 ? 36 ? 1KD9 0 ? 35 ? 0 35 
5 2 1KD9 E 1 ? 36 ? 1KD9 0 ? 35 ? 0 35 
6 1 1KD9 F 1 ? 36 ? 1KD9 0 ? 35 ? 0 35 
# 
loop_
_pdbx_struct_assembly.id 
_pdbx_struct_assembly.details 
_pdbx_struct_assembly.method_details 
_pdbx_struct_assembly.oligomeric_details 
_pdbx_struct_assembly.oligomeric_count 
1 author_and_software_defined_assembly PISA dimeric 2 
2 author_and_software_defined_assembly PISA dimeric 2 
3 author_and_software_defined_assembly PISA dimeric 2 
# 
loop_
_pdbx_struct_assembly_prop.biol_id 
_pdbx_struct_assembly_prop.type 
_pdbx_struct_assembly_prop.value 
_pdbx_struct_assembly_prop.details 
1 'ABSA (A^2)' 2070 ? 
1 MORE         -21  ? 
1 'SSA (A^2)'  5030 ? 
2 'ABSA (A^2)' 2190 ? 
2 MORE         -25  ? 
2 'SSA (A^2)'  5180 ? 
3 'ABSA (A^2)' 2220 ? 
3 MORE         -25  ? 
3 'SSA (A^2)'  5120 ? 
# 
loop_
_pdbx_struct_assembly_gen.assembly_id 
_pdbx_struct_assembly_gen.oper_expression 
_pdbx_struct_assembly_gen.asym_id_list 
1 1 A,B,G,H 
2 1 C,D,I,J 
3 1 E,F,K,L 
# 
_pdbx_struct_oper_list.id                   1 
_pdbx_struct_oper_list.type                 'identity operation' 
_pdbx_struct_oper_list.name                 1_555 
_pdbx_struct_oper_list.symmetry_operation   x,y,z 
_pdbx_struct_oper_list.matrix[1][1]         1.0000000000 
_pdbx_struct_oper_list.matrix[1][2]         0.0000000000 
_pdbx_struct_oper_list.matrix[1][3]         0.0000000000 
_pdbx_struct_oper_list.vector[1]            0.0000000000 
_pdbx_struct_oper_list.matrix[2][1]         0.0000000000 
_pdbx_struct_oper_list.matrix[2][2]         1.0000000000 
_pdbx_struct_oper_list.matrix[2][3]         0.0000000000 
_pdbx_struct_oper_list.vector[2]            0.0000000000 
_pdbx_struct_oper_list.matrix[3][1]         0.0000000000 
_pdbx_struct_oper_list.matrix[3][2]         0.0000000000 
_pdbx_struct_oper_list.matrix[3][3]         1.0000000000 
_pdbx_struct_oper_list.vector[3]            0.0000000000 
# 
loop_
_struct_biol.id 
_struct_biol.details 
_struct_biol.pdbx_parent_biol_id 
1 
;The assembly is a dimer.  There are three  
copies of the dimer intact in the  
asymmetric unit.
;
? 
2 ?                                                                                                  ? 
3 ?                                                                                                  ? 
# 
loop_
_struct_conf.conf_type_id 
_struct_conf.id 
_struct_conf.pdbx_PDB_helix_id 
_struct_conf.beg_label_comp_id 
_struct_conf.beg_label_asym_id 
_struct_conf.beg_label_seq_id 
_struct_conf.pdbx_beg_PDB_ins_code 
_struct_conf.end_label_comp_id 
_struct_conf.end_label_asym_id 
_struct_conf.end_label_seq_id 
_struct_conf.pdbx_end_PDB_ins_code 
_struct_conf.beg_auth_comp_id 
_struct_conf.beg_auth_asym_id 
_struct_conf.beg_auth_seq_id 
_struct_conf.end_auth_comp_id 
_struct_conf.end_auth_asym_id 
_struct_conf.end_auth_seq_id 
_struct_conf.pdbx_PDB_helix_class 
_struct_conf.details 
_struct_conf.pdbx_PDB_helix_length 
HELX_P HELX_P1 1 GLU A 2 ? ALA A 36 ? GLU A 1 ALA A 35 1 ? 35 
HELX_P HELX_P2 2 LYS B 2 ? ALA B 36 ? LYS B 1 ALA B 35 1 ? 35 
HELX_P HELX_P3 3 GLU C 2 ? ALA C 36 ? GLU C 1 ALA C 35 1 ? 35 
HELX_P HELX_P4 4 LYS D 2 ? LYS D 35 ? LYS D 1 LYS D 34 1 ? 34 
HELX_P HELX_P5 5 LYS E 2 ? LYS E 35 ? LYS E 1 LYS E 34 1 ? 34 
HELX_P HELX_P6 6 GLU F 2 ? ALA F 36 ? GLU F 1 ALA F 35 1 ? 35 
# 
_struct_conf_type.id          HELX_P 
_struct_conf_type.criteria    ? 
_struct_conf_type.reference   ? 
# 
loop_
_struct_conn.id 
_struct_conn.conn_type_id 
_struct_conn.pdbx_leaving_atom_flag 
_struct_conn.pdbx_PDB_id 
_struct_conn.ptnr1_label_asym_id 
_struct_conn.ptnr1_label_comp_id 
_struct_conn.ptnr1_label_seq_id 
_struct_conn.ptnr1_label_atom_id 
_struct_conn.pdbx_ptnr1_label_alt_id 
_struct_conn.pdbx_ptnr1_PDB_ins_code 
_struct_conn.pdbx_ptnr1_standard_comp_id 
_struct_conn.ptnr1_symmetry 
_struct_conn.ptnr2_label_asym_id 
_struct_conn.ptnr2_label_comp_id 
_struct_conn.ptnr2_label_seq_id 
_struct_conn.ptnr2_label_atom_id 
_struct_conn.pdbx_ptnr2_label_alt_id 
_struct_conn.pdbx_ptnr2_PDB_ins_code 
_struct_conn.ptnr1_auth_asym_id 
_struct_conn.ptnr1_auth_comp_id 
_struct_conn.ptnr1_auth_seq_id 
_struct_conn.ptnr2_auth_asym_id 
_struct_conn.ptnr2_auth_comp_id 
_struct_conn.ptnr2_auth_seq_id 
_struct_conn.ptnr2_symmetry 
_struct_conn.pdbx_ptnr3_label_atom_id 
_struct_conn.pdbx_ptnr3_label_seq_id 
_struct_conn.pdbx_ptnr3_label_comp_id 
_struct_conn.pdbx_ptnr3_label_asym_id 
_struct_conn.pdbx_ptnr3_label_alt_id 
_struct_conn.pdbx_ptnr3_PDB_ins_code 
_struct_conn.details 
_struct_conn.pdbx_dist_value 
_struct_conn.pdbx_value_order 
_struct_conn.pdbx_role 
disulf1 disulf ?    ? A CYS 34 SG ? ? ? 1_555 B CYS 34 SG ? ? A CYS 33 B CYS 33 1_555 ? ? ? ? ? ? ? 2.049 ? ? 
disulf2 disulf ?    ? C CYS 34 SG ? ? ? 1_555 D CYS 34 SG ? ? C CYS 33 D CYS 33 1_555 ? ? ? ? ? ? ? 2.034 ? ? 
disulf3 disulf ?    ? E CYS 34 SG ? ? ? 1_555 F CYS 34 SG ? ? E CYS 33 F CYS 33 1_555 ? ? ? ? ? ? ? 2.039 ? ? 
covale1 covale both ? A ACE 1  C  ? ? ? 1_555 A GLU 2  N  ? ? A ACE 0  A GLU 1  1_555 ? ? ? ? ? ? ? 1.332 ? ? 
covale2 covale both ? C ACE 1  C  ? ? ? 1_555 C GLU 2  N  ? ? C ACE 0  C GLU 1  1_555 ? ? ? ? ? ? ? 1.328 ? ? 
covale3 covale both ? D ACE 1  C  ? ? ? 1_555 D LYS 2  N  ? ? D ACE 0  D LYS 1  1_555 ? ? ? ? ? ? ? 1.332 ? ? 
covale4 covale both ? E ACE 1  C  ? ? ? 1_555 E LYS 2  N  ? ? E ACE 0  E LYS 1  1_555 ? ? ? ? ? ? ? 1.326 ? ? 
covale5 covale both ? F ACE 1  C  ? ? ? 1_555 F GLU 2  N  ? ? F ACE 0  F GLU 1  1_555 ? ? ? ? ? ? ? 1.324 ? ? 
# 
loop_
_struct_conn_type.id 
_struct_conn_type.criteria 
_struct_conn_type.reference 
disulf ? ? 
covale ? ? 
# 
loop_
_pdbx_modification_feature.ordinal 
_pdbx_modification_feature.label_comp_id 
_pdbx_modification_feature.label_asym_id 
_pdbx_modification_feature.label_seq_id 
_pdbx_modification_feature.label_alt_id 
_pdbx_modification_feature.modified_residue_label_comp_id 
_pdbx_modification_feature.modified_residue_label_asym_id 
_pdbx_modification_feature.modified_residue_label_seq_id 
_pdbx_modification_feature.modified_residue_label_alt_id 
_pdbx_modification_feature.auth_comp_id 
_pdbx_modification_feature.auth_asym_id 
_pdbx_modification_feature.auth_seq_id 
_pdbx_modification_feature.PDB_ins_code 
_pdbx_modification_feature.symmetry 
_pdbx_modification_feature.modified_residue_auth_comp_id 
_pdbx_modification_feature.modified_residue_auth_asym_id 
_pdbx_modification_feature.modified_residue_auth_seq_id 
_pdbx_modification_feature.modified_residue_PDB_ins_code 
_pdbx_modification_feature.modified_residue_symmetry 
_pdbx_modification_feature.comp_id_linking_atom 
_pdbx_modification_feature.modified_residue_id_linking_atom 
_pdbx_modification_feature.modified_residue_id 
_pdbx_modification_feature.ref_pcm_id 
_pdbx_modification_feature.ref_comp_id 
_pdbx_modification_feature.type 
_pdbx_modification_feature.category 
1 ACE A 1  ? GLU A 2  ? ACE A 0  ? 1_555 GLU A 1  ? 1_555 .  .  GLU 10 ACE None 'Terminal acetylation' 
2 ACE C 1  ? GLU C 2  ? ACE C 0  ? 1_555 GLU C 1  ? 1_555 .  .  GLU 10 ACE None 'Terminal acetylation' 
3 ACE D 1  ? LYS D 2  ? ACE D 0  ? 1_555 LYS D 1  ? 1_555 .  .  LYS 20 ACE None 'Terminal acetylation' 
4 ACE E 1  ? LYS E 2  ? ACE E 0  ? 1_555 LYS E 1  ? 1_555 .  .  LYS 20 ACE None 'Terminal acetylation' 
5 ACE F 1  ? GLU F 2  ? ACE F 0  ? 1_555 GLU F 1  ? 1_555 .  .  GLU 10 ACE None 'Terminal acetylation' 
6 CYS A 34 ? CYS B 34 ? CYS A 33 ? 1_555 CYS B 33 ? 1_555 SG SG .   .  .   None 'Disulfide bridge'     
7 CYS C 34 ? CYS D 34 ? CYS C 33 ? 1_555 CYS D 33 ? 1_555 SG SG .   .  .   None 'Disulfide bridge'     
8 CYS E 34 ? CYS F 34 ? CYS E 33 ? 1_555 CYS F 33 ? 1_555 SG SG .   .  .   None 'Disulfide bridge'     
# 
_pdbx_entry_details.entry_id                   1KD9 
_pdbx_entry_details.compound_details           ? 
_pdbx_entry_details.source_details             ? 
_pdbx_entry_details.nonpolymer_details         ? 
_pdbx_entry_details.sequence_details           ? 
_pdbx_entry_details.has_ligand_of_interest     ? 
_pdbx_entry_details.has_protein_modification   Y 
# 
_pdbx_validate_close_contact.id               1 
_pdbx_validate_close_contact.PDB_model_num    1 
_pdbx_validate_close_contact.auth_atom_id_1   NE 
_pdbx_validate_close_contact.auth_asym_id_1   B 
_pdbx_validate_close_contact.auth_comp_id_1   ARG 
_pdbx_validate_close_contact.auth_seq_id_1    25 
_pdbx_validate_close_contact.PDB_ins_code_1   ? 
_pdbx_validate_close_contact.label_alt_id_1   ? 
_pdbx_validate_close_contact.auth_atom_id_2   O 
_pdbx_validate_close_contact.auth_asym_id_2   B 
_pdbx_validate_close_contact.auth_comp_id_2   HOH 
_pdbx_validate_close_contact.auth_seq_id_2    40 
_pdbx_validate_close_contact.PDB_ins_code_2   ? 
_pdbx_validate_close_contact.label_alt_id_2   ? 
_pdbx_validate_close_contact.dist             2.11 
# 
_pdbx_validate_torsion.id              1 
_pdbx_validate_torsion.PDB_model_num   1 
_pdbx_validate_torsion.auth_comp_id    VAL 
_pdbx_validate_torsion.auth_asym_id    B 
_pdbx_validate_torsion.auth_seq_id     2 
_pdbx_validate_torsion.PDB_ins_code    ? 
_pdbx_validate_torsion.label_alt_id    ? 
_pdbx_validate_torsion.phi             -38.86 
_pdbx_validate_torsion.psi             -36.14 
# 
loop_
_pdbx_unobs_or_zero_occ_residues.id 
_pdbx_unobs_or_zero_occ_residues.PDB_model_num 
_pdbx_unobs_or_zero_occ_residues.polymer_flag 
_pdbx_unobs_or_zero_occ_residues.occupancy_flag 
_pdbx_unobs_or_zero_occ_residues.auth_asym_id 
_pdbx_unobs_or_zero_occ_residues.auth_comp_id 
_pdbx_unobs_or_zero_occ_residues.auth_seq_id 
_pdbx_unobs_or_zero_occ_residues.PDB_ins_code 
_pdbx_unobs_or_zero_occ_residues.label_asym_id 
_pdbx_unobs_or_zero_occ_residues.label_comp_id 
_pdbx_unobs_or_zero_occ_residues.label_seq_id 
1 1 Y 1 B ACE 0  ? B ACE 1  
2 1 Y 1 D ALA 35 ? D ALA 36 
3 1 Y 1 E ALA 35 ? E ALA 36 
# 
loop_
_chem_comp_atom.comp_id 
_chem_comp_atom.atom_id 
_chem_comp_atom.type_symbol 
_chem_comp_atom.pdbx_aromatic_flag 
_chem_comp_atom.pdbx_stereo_config 
_chem_comp_atom.pdbx_ordinal 
ACE C    C N N 1   
ACE O    O N N 2   
ACE CH3  C N N 3   
ACE H    H N N 4   
ACE H1   H N N 5   
ACE H2   H N N 6   
ACE H3   H N N 7   
ALA N    N N N 8   
ALA CA   C N S 9   
ALA C    C N N 10  
ALA O    O N N 11  
ALA CB   C N N 12  
ALA OXT  O N N 13  
ALA H    H N N 14  
ALA H2   H N N 15  
ALA HA   H N N 16  
ALA HB1  H N N 17  
ALA HB2  H N N 18  
ALA HB3  H N N 19  
ALA HXT  H N N 20  
ARG N    N N N 21  
ARG CA   C N S 22  
ARG C    C N N 23  
ARG O    O N N 24  
ARG CB   C N N 25  
ARG CG   C N N 26  
ARG CD   C N N 27  
ARG NE   N N N 28  
ARG CZ   C N N 29  
ARG NH1  N N N 30  
ARG NH2  N N N 31  
ARG OXT  O N N 32  
ARG H    H N N 33  
ARG H2   H N N 34  
ARG HA   H N N 35  
ARG HB2  H N N 36  
ARG HB3  H N N 37  
ARG HG2  H N N 38  
ARG HG3  H N N 39  
ARG HD2  H N N 40  
ARG HD3  H N N 41  
ARG HE   H N N 42  
ARG HH11 H N N 43  
ARG HH12 H N N 44  
ARG HH21 H N N 45  
ARG HH22 H N N 46  
ARG HXT  H N N 47  
ASN N    N N N 48  
ASN CA   C N S 49  
ASN C    C N N 50  
ASN O    O N N 51  
ASN CB   C N N 52  
ASN CG   C N N 53  
ASN OD1  O N N 54  
ASN ND2  N N N 55  
ASN OXT  O N N 56  
ASN H    H N N 57  
ASN H2   H N N 58  
ASN HA   H N N 59  
ASN HB2  H N N 60  
ASN HB3  H N N 61  
ASN HD21 H N N 62  
ASN HD22 H N N 63  
ASN HXT  H N N 64  
CYS N    N N N 65  
CYS CA   C N R 66  
CYS C    C N N 67  
CYS O    O N N 68  
CYS CB   C N N 69  
CYS SG   S N N 70  
CYS OXT  O N N 71  
CYS H    H N N 72  
CYS H2   H N N 73  
CYS HA   H N N 74  
CYS HB2  H N N 75  
CYS HB3  H N N 76  
CYS HG   H N N 77  
CYS HXT  H N N 78  
GLN N    N N N 79  
GLN CA   C N S 80  
GLN C    C N N 81  
GLN O    O N N 82  
GLN CB   C N N 83  
GLN CG   C N N 84  
GLN CD   C N N 85  
GLN OE1  O N N 86  
GLN NE2  N N N 87  
GLN OXT  O N N 88  
GLN H    H N N 89  
GLN H2   H N N 90  
GLN HA   H N N 91  
GLN HB2  H N N 92  
GLN HB3  H N N 93  
GLN HG2  H N N 94  
GLN HG3  H N N 95  
GLN HE21 H N N 96  
GLN HE22 H N N 97  
GLN HXT  H N N 98  
GLU N    N N N 99  
GLU CA   C N S 100 
GLU C    C N N 101 
GLU O    O N N 102 
GLU CB   C N N 103 
GLU CG   C N N 104 
GLU CD   C N N 105 
GLU OE1  O N N 106 
GLU OE2  O N N 107 
GLU OXT  O N N 108 
GLU H    H N N 109 
GLU H2   H N N 110 
GLU HA   H N N 111 
GLU HB2  H N N 112 
GLU HB3  H N N 113 
GLU HG2  H N N 114 
GLU HG3  H N N 115 
GLU HE2  H N N 116 
GLU HXT  H N N 117 
HIS N    N N N 118 
HIS CA   C N S 119 
HIS C    C N N 120 
HIS O    O N N 121 
HIS CB   C N N 122 
HIS CG   C Y N 123 
HIS ND1  N Y N 124 
HIS CD2  C Y N 125 
HIS CE1  C Y N 126 
HIS NE2  N Y N 127 
HIS OXT  O N N 128 
HIS H    H N N 129 
HIS H2   H N N 130 
HIS HA   H N N 131 
HIS HB2  H N N 132 
HIS HB3  H N N 133 
HIS HD1  H N N 134 
HIS HD2  H N N 135 
HIS HE1  H N N 136 
HIS HE2  H N N 137 
HIS HXT  H N N 138 
HOH O    O N N 139 
HOH H1   H N N 140 
HOH H2   H N N 141 
LEU N    N N N 142 
LEU CA   C N S 143 
LEU C    C N N 144 
LEU O    O N N 145 
LEU CB   C N N 146 
LEU CG   C N N 147 
LEU CD1  C N N 148 
LEU CD2  C N N 149 
LEU OXT  O N N 150 
LEU H    H N N 151 
LEU H2   H N N 152 
LEU HA   H N N 153 
LEU HB2  H N N 154 
LEU HB3  H N N 155 
LEU HG   H N N 156 
LEU HD11 H N N 157 
LEU HD12 H N N 158 
LEU HD13 H N N 159 
LEU HD21 H N N 160 
LEU HD22 H N N 161 
LEU HD23 H N N 162 
LEU HXT  H N N 163 
LYS N    N N N 164 
LYS CA   C N S 165 
LYS C    C N N 166 
LYS O    O N N 167 
LYS CB   C N N 168 
LYS CG   C N N 169 
LYS CD   C N N 170 
LYS CE   C N N 171 
LYS NZ   N N N 172 
LYS OXT  O N N 173 
LYS H    H N N 174 
LYS H2   H N N 175 
LYS HA   H N N 176 
LYS HB2  H N N 177 
LYS HB3  H N N 178 
LYS HG2  H N N 179 
LYS HG3  H N N 180 
LYS HD2  H N N 181 
LYS HD3  H N N 182 
LYS HE2  H N N 183 
LYS HE3  H N N 184 
LYS HZ1  H N N 185 
LYS HZ2  H N N 186 
LYS HZ3  H N N 187 
LYS HXT  H N N 188 
SER N    N N N 189 
SER CA   C N S 190 
SER C    C N N 191 
SER O    O N N 192 
SER CB   C N N 193 
SER OG   O N N 194 
SER OXT  O N N 195 
SER H    H N N 196 
SER H2   H N N 197 
SER HA   H N N 198 
SER HB2  H N N 199 
SER HB3  H N N 200 
SER HG   H N N 201 
SER HXT  H N N 202 
TRP N    N N N 203 
TRP CA   C N S 204 
TRP C    C N N 205 
TRP O    O N N 206 
TRP CB   C N N 207 
TRP CG   C Y N 208 
TRP CD1  C Y N 209 
TRP CD2  C Y N 210 
TRP NE1  N Y N 211 
TRP CE2  C Y N 212 
TRP CE3  C Y N 213 
TRP CZ2  C Y N 214 
TRP CZ3  C Y N 215 
TRP CH2  C Y N 216 
TRP OXT  O N N 217 
TRP H    H N N 218 
TRP H2   H N N 219 
TRP HA   H N N 220 
TRP HB2  H N N 221 
TRP HB3  H N N 222 
TRP HD1  H N N 223 
TRP HE1  H N N 224 
TRP HE3  H N N 225 
TRP HZ2  H N N 226 
TRP HZ3  H N N 227 
TRP HH2  H N N 228 
TRP HXT  H N N 229 
VAL N    N N N 230 
VAL CA   C N S 231 
VAL C    C N N 232 
VAL O    O N N 233 
VAL CB   C N N 234 
VAL CG1  C N N 235 
VAL CG2  C N N 236 
VAL OXT  O N N 237 
VAL H    H N N 238 
VAL H2   H N N 239 
VAL HA   H N N 240 
VAL HB   H N N 241 
VAL HG11 H N N 242 
VAL HG12 H N N 243 
VAL HG13 H N N 244 
VAL HG21 H N N 245 
VAL HG22 H N N 246 
VAL HG23 H N N 247 
VAL HXT  H N N 248 
# 
loop_
_chem_comp_bond.comp_id 
_chem_comp_bond.atom_id_1 
_chem_comp_bond.atom_id_2 
_chem_comp_bond.value_order 
_chem_comp_bond.pdbx_aromatic_flag 
_chem_comp_bond.pdbx_stereo_config 
_chem_comp_bond.pdbx_ordinal 
ACE C   O    doub N N 1   
ACE C   CH3  sing N N 2   
ACE C   H    sing N N 3   
ACE CH3 H1   sing N N 4   
ACE CH3 H2   sing N N 5   
ACE CH3 H3   sing N N 6   
ALA N   CA   sing N N 7   
ALA N   H    sing N N 8   
ALA N   H2   sing N N 9   
ALA CA  C    sing N N 10  
ALA CA  CB   sing N N 11  
ALA CA  HA   sing N N 12  
ALA C   O    doub N N 13  
ALA C   OXT  sing N N 14  
ALA CB  HB1  sing N N 15  
ALA CB  HB2  sing N N 16  
ALA CB  HB3  sing N N 17  
ALA OXT HXT  sing N N 18  
ARG N   CA   sing N N 19  
ARG N   H    sing N N 20  
ARG N   H2   sing N N 21  
ARG CA  C    sing N N 22  
ARG CA  CB   sing N N 23  
ARG CA  HA   sing N N 24  
ARG C   O    doub N N 25  
ARG C   OXT  sing N N 26  
ARG CB  CG   sing N N 27  
ARG CB  HB2  sing N N 28  
ARG CB  HB3  sing N N 29  
ARG CG  CD   sing N N 30  
ARG CG  HG2  sing N N 31  
ARG CG  HG3  sing N N 32  
ARG CD  NE   sing N N 33  
ARG CD  HD2  sing N N 34  
ARG CD  HD3  sing N N 35  
ARG NE  CZ   sing N N 36  
ARG NE  HE   sing N N 37  
ARG CZ  NH1  sing N N 38  
ARG CZ  NH2  doub N N 39  
ARG NH1 HH11 sing N N 40  
ARG NH1 HH12 sing N N 41  
ARG NH2 HH21 sing N N 42  
ARG NH2 HH22 sing N N 43  
ARG OXT HXT  sing N N 44  
ASN N   CA   sing N N 45  
ASN N   H    sing N N 46  
ASN N   H2   sing N N 47  
ASN CA  C    sing N N 48  
ASN CA  CB   sing N N 49  
ASN CA  HA   sing N N 50  
ASN C   O    doub N N 51  
ASN C   OXT  sing N N 52  
ASN CB  CG   sing N N 53  
ASN CB  HB2  sing N N 54  
ASN CB  HB3  sing N N 55  
ASN CG  OD1  doub N N 56  
ASN CG  ND2  sing N N 57  
ASN ND2 HD21 sing N N 58  
ASN ND2 HD22 sing N N 59  
ASN OXT HXT  sing N N 60  
CYS N   CA   sing N N 61  
CYS N   H    sing N N 62  
CYS N   H2   sing N N 63  
CYS CA  C    sing N N 64  
CYS CA  CB   sing N N 65  
CYS CA  HA   sing N N 66  
CYS C   O    doub N N 67  
CYS C   OXT  sing N N 68  
CYS CB  SG   sing N N 69  
CYS CB  HB2  sing N N 70  
CYS CB  HB3  sing N N 71  
CYS SG  HG   sing N N 72  
CYS OXT HXT  sing N N 73  
GLN N   CA   sing N N 74  
GLN N   H    sing N N 75  
GLN N   H2   sing N N 76  
GLN CA  C    sing N N 77  
GLN CA  CB   sing N N 78  
GLN CA  HA   sing N N 79  
GLN C   O    doub N N 80  
GLN C   OXT  sing N N 81  
GLN CB  CG   sing N N 82  
GLN CB  HB2  sing N N 83  
GLN CB  HB3  sing N N 84  
GLN CG  CD   sing N N 85  
GLN CG  HG2  sing N N 86  
GLN CG  HG3  sing N N 87  
GLN CD  OE1  doub N N 88  
GLN CD  NE2  sing N N 89  
GLN NE2 HE21 sing N N 90  
GLN NE2 HE22 sing N N 91  
GLN OXT HXT  sing N N 92  
GLU N   CA   sing N N 93  
GLU N   H    sing N N 94  
GLU N   H2   sing N N 95  
GLU CA  C    sing N N 96  
GLU CA  CB   sing N N 97  
GLU CA  HA   sing N N 98  
GLU C   O    doub N N 99  
GLU C   OXT  sing N N 100 
GLU CB  CG   sing N N 101 
GLU CB  HB2  sing N N 102 
GLU CB  HB3  sing N N 103 
GLU CG  CD   sing N N 104 
GLU CG  HG2  sing N N 105 
GLU CG  HG3  sing N N 106 
GLU CD  OE1  doub N N 107 
GLU CD  OE2  sing N N 108 
GLU OE2 HE2  sing N N 109 
GLU OXT HXT  sing N N 110 
HIS N   CA   sing N N 111 
HIS N   H    sing N N 112 
HIS N   H2   sing N N 113 
HIS CA  C    sing N N 114 
HIS CA  CB   sing N N 115 
HIS CA  HA   sing N N 116 
HIS C   O    doub N N 117 
HIS C   OXT  sing N N 118 
HIS CB  CG   sing N N 119 
HIS CB  HB2  sing N N 120 
HIS CB  HB3  sing N N 121 
HIS CG  ND1  sing Y N 122 
HIS CG  CD2  doub Y N 123 
HIS ND1 CE1  doub Y N 124 
HIS ND1 HD1  sing N N 125 
HIS CD2 NE2  sing Y N 126 
HIS CD2 HD2  sing N N 127 
HIS CE1 NE2  sing Y N 128 
HIS CE1 HE1  sing N N 129 
HIS NE2 HE2  sing N N 130 
HIS OXT HXT  sing N N 131 
HOH O   H1   sing N N 132 
HOH O   H2   sing N N 133 
LEU N   CA   sing N N 134 
LEU N   H    sing N N 135 
LEU N   H2   sing N N 136 
LEU CA  C    sing N N 137 
LEU CA  CB   sing N N 138 
LEU CA  HA   sing N N 139 
LEU C   O    doub N N 140 
LEU C   OXT  sing N N 141 
LEU CB  CG   sing N N 142 
LEU CB  HB2  sing N N 143 
LEU CB  HB3  sing N N 144 
LEU CG  CD1  sing N N 145 
LEU CG  CD2  sing N N 146 
LEU CG  HG   sing N N 147 
LEU CD1 HD11 sing N N 148 
LEU CD1 HD12 sing N N 149 
LEU CD1 HD13 sing N N 150 
LEU CD2 HD21 sing N N 151 
LEU CD2 HD22 sing N N 152 
LEU CD2 HD23 sing N N 153 
LEU OXT HXT  sing N N 154 
LYS N   CA   sing N N 155 
LYS N   H    sing N N 156 
LYS N   H2   sing N N 157 
LYS CA  C    sing N N 158 
LYS CA  CB   sing N N 159 
LYS CA  HA   sing N N 160 
LYS C   O    doub N N 161 
LYS C   OXT  sing N N 162 
LYS CB  CG   sing N N 163 
LYS CB  HB2  sing N N 164 
LYS CB  HB3  sing N N 165 
LYS CG  CD   sing N N 166 
LYS CG  HG2  sing N N 167 
LYS CG  HG3  sing N N 168 
LYS CD  CE   sing N N 169 
LYS CD  HD2  sing N N 170 
LYS CD  HD3  sing N N 171 
LYS CE  NZ   sing N N 172 
LYS CE  HE2  sing N N 173 
LYS CE  HE3  sing N N 174 
LYS NZ  HZ1  sing N N 175 
LYS NZ  HZ2  sing N N 176 
LYS NZ  HZ3  sing N N 177 
LYS OXT HXT  sing N N 178 
SER N   CA   sing N N 179 
SER N   H    sing N N 180 
SER N   H2   sing N N 181 
SER CA  C    sing N N 182 
SER CA  CB   sing N N 183 
SER CA  HA   sing N N 184 
SER C   O    doub N N 185 
SER C   OXT  sing N N 186 
SER CB  OG   sing N N 187 
SER CB  HB2  sing N N 188 
SER CB  HB3  sing N N 189 
SER OG  HG   sing N N 190 
SER OXT HXT  sing N N 191 
TRP N   CA   sing N N 192 
TRP N   H    sing N N 193 
TRP N   H2   sing N N 194 
TRP CA  C    sing N N 195 
TRP CA  CB   sing N N 196 
TRP CA  HA   sing N N 197 
TRP C   O    doub N N 198 
TRP C   OXT  sing N N 199 
TRP CB  CG   sing N N 200 
TRP CB  HB2  sing N N 201 
TRP CB  HB3  sing N N 202 
TRP CG  CD1  doub Y N 203 
TRP CG  CD2  sing Y N 204 
TRP CD1 NE1  sing Y N 205 
TRP CD1 HD1  sing N N 206 
TRP CD2 CE2  doub Y N 207 
TRP CD2 CE3  sing Y N 208 
TRP NE1 CE2  sing Y N 209 
TRP NE1 HE1  sing N N 210 
TRP CE2 CZ2  sing Y N 211 
TRP CE3 CZ3  doub Y N 212 
TRP CE3 HE3  sing N N 213 
TRP CZ2 CH2  doub Y N 214 
TRP CZ2 HZ2  sing N N 215 
TRP CZ3 CH2  sing Y N 216 
TRP CZ3 HZ3  sing N N 217 
TRP CH2 HH2  sing N N 218 
TRP OXT HXT  sing N N 219 
VAL N   CA   sing N N 220 
VAL N   H    sing N N 221 
VAL N   H2   sing N N 222 
VAL CA  C    sing N N 223 
VAL CA  CB   sing N N 224 
VAL CA  HA   sing N N 225 
VAL C   O    doub N N 226 
VAL C   OXT  sing N N 227 
VAL CB  CG1  sing N N 228 
VAL CB  CG2  sing N N 229 
VAL CB  HB   sing N N 230 
VAL CG1 HG11 sing N N 231 
VAL CG1 HG12 sing N N 232 
VAL CG1 HG13 sing N N 233 
VAL CG2 HG21 sing N N 234 
VAL CG2 HG22 sing N N 235 
VAL CG2 HG23 sing N N 236 
VAL OXT HXT  sing N N 237 
# 
_pdbx_initial_refinement_model.accession_code   ? 
_pdbx_initial_refinement_model.id               1 
_pdbx_initial_refinement_model.entity_id_list   ? 
_pdbx_initial_refinement_model.type             'in silico model' 
_pdbx_initial_refinement_model.source_name      Other 
_pdbx_initial_refinement_model.details          'calculated structure' 
# 
_atom_sites.entry_id                    1KD9 
_atom_sites.fract_transf_matrix[1][1]   0.00404005 
_atom_sites.fract_transf_matrix[1][2]   -0.00598615 
_atom_sites.fract_transf_matrix[1][3]   0.00898676 
_atom_sites.fract_transf_matrix[2][1]   0.00062726 
_atom_sites.fract_transf_matrix[2][2]   -0.00944887 
_atom_sites.fract_transf_matrix[2][3]   -0.00657596 
_atom_sites.fract_transf_matrix[3][1]   0.01180917 
_atom_sites.fract_transf_matrix[3][2]   0.00306008 
_atom_sites.fract_transf_matrix[3][3]   -0.00327054 
_atom_sites.fract_transf_vector[1]      0.716007 
_atom_sites.fract_transf_vector[2]      0.045912 
_atom_sites.fract_transf_vector[3]      0.817866 
# 
loop_
_atom_type.symbol 
C 
N 
O 
S 
# 
loop_
_atom_site.group_PDB 
_atom_site.id 
_atom_site.type_symbol 
_atom_site.label_atom_id 
_atom_site.label_alt_id 
_atom_site.label_comp_id 
_atom_site.label_asym_id 
_atom_site.label_entity_id 
_atom_site.label_seq_id 
_atom_site.pdbx_PDB_ins_code 
_atom_site.Cartn_x 
_atom_site.Cartn_y 
_atom_site.Cartn_z 
_atom_site.occupancy 
_atom_site.B_iso_or_equiv 
_atom_site.pdbx_formal_charge 
_atom_site.auth_seq_id 
_atom_site.auth_comp_id 
_atom_site.auth_asym_id 
_atom_site.auth_atom_id 
_atom_site.pdbx_PDB_model_num 
HETATM 1    C C   . ACE A 1 1  ? 9.453   -4.402  -0.870  1.00 93.45  ? 0  ACE A C   1 
HETATM 2    O O   . ACE A 1 1  ? 9.805   -3.325  -1.351  1.00 94.62  ? 0  ACE A O   1 
HETATM 3    C CH3 . ACE A 1 1  ? 8.710   -5.395  -1.717  1.00 93.01  ? 0  ACE A CH3 1 
ATOM   4    N N   . GLU A 1 2  ? 9.714   -4.756  0.387   1.00 89.80  ? 1  GLU A N   1 
ATOM   5    C CA  . GLU A 1 2  ? 10.405  -3.866  1.309   1.00 90.33  ? 1  GLU A CA  1 
ATOM   6    C C   . GLU A 1 2  ? 11.688  -3.273  0.720   1.00 91.88  ? 1  GLU A C   1 
ATOM   7    O O   . GLU A 1 2  ? 11.730  -2.087  0.377   1.00 93.66  ? 1  GLU A O   1 
ATOM   8    C CB  . GLU A 1 2  ? 10.722  -4.599  2.622   1.00 90.66  ? 1  GLU A CB  1 
ATOM   9    C CG  . GLU A 1 2  ? 9.769   -4.283  3.790   1.00 84.79  ? 1  GLU A CG  1 
ATOM   10   N N   . VAL A 1 3  ? 12.729  -4.093  0.599   1.00 89.43  ? 2  VAL A N   1 
ATOM   11   C CA  . VAL A 1 3  ? 14.010  -3.634  0.077   1.00 85.02  ? 2  VAL A CA  1 
ATOM   12   C C   . VAL A 1 3  ? 13.906  -2.686  -1.107  1.00 82.76  ? 2  VAL A C   1 
ATOM   13   O O   . VAL A 1 3  ? 14.503  -1.615  -1.086  1.00 80.63  ? 2  VAL A O   1 
ATOM   14   C CB  . VAL A 1 3  ? 14.918  -4.818  -0.314  1.00 87.20  ? 2  VAL A CB  1 
ATOM   15   C CG1 . VAL A 1 3  ? 16.084  -4.324  -1.167  1.00 83.29  ? 2  VAL A CG1 1 
ATOM   16   C CG2 . VAL A 1 3  ? 15.439  -5.503  0.944   1.00 82.58  ? 2  VAL A CG2 1 
ATOM   17   N N   . LYS A 1 4  ? 13.164  -3.069  -2.140  1.00 80.04  ? 3  LYS A N   1 
ATOM   18   C CA  . LYS A 1 4  ? 13.032  -2.186  -3.295  1.00 80.67  ? 3  LYS A CA  1 
ATOM   19   C C   . LYS A 1 4  ? 12.419  -0.866  -2.870  1.00 78.17  ? 3  LYS A C   1 
ATOM   20   O O   . LYS A 1 4  ? 12.883  0.191   -3.276  1.00 75.90  ? 3  LYS A O   1 
ATOM   21   C CB  . LYS A 1 4  ? 12.152  -2.804  -4.382  1.00 82.29  ? 3  LYS A CB  1 
ATOM   22   C CG  . LYS A 1 4  ? 11.609  -1.768  -5.402  1.00 79.07  ? 3  LYS A CG  1 
ATOM   23   N N   . GLN A 1 5  ? 11.373  -0.949  -2.046  1.00 78.41  ? 4  GLN A N   1 
ATOM   24   C CA  . GLN A 1 5  ? 10.651  0.225   -1.548  1.00 76.78  ? 4  GLN A CA  1 
ATOM   25   C C   . GLN A 1 5  ? 11.546  1.175   -0.778  1.00 72.97  ? 4  GLN A C   1 
ATOM   26   O O   . GLN A 1 5  ? 11.415  2.377   -0.915  1.00 72.00  ? 4  GLN A O   1 
ATOM   27   C CB  . GLN A 1 5  ? 9.484   -0.205  -0.657  1.00 76.36  ? 4  GLN A CB  1 
ATOM   28   N N   . LEU A 1 6  ? 12.439  0.630   0.039   1.00 72.27  ? 5  LEU A N   1 
ATOM   29   C CA  . LEU A 1 6  ? 13.345  1.448   0.823   1.00 76.03  ? 5  LEU A CA  1 
ATOM   30   C C   . LEU A 1 6  ? 14.484  2.074   0.022   1.00 75.52  ? 5  LEU A C   1 
ATOM   31   O O   . LEU A 1 6  ? 14.975  3.154   0.367   1.00 77.80  ? 5  LEU A O   1 
ATOM   32   C CB  . LEU A 1 6  ? 13.924  0.635   1.980   1.00 79.56  ? 5  LEU A CB  1 
ATOM   33   C CG  . LEU A 1 6  ? 12.877  0.103   2.953   1.00 82.42  ? 5  LEU A CG  1 
ATOM   34   C CD1 . LEU A 1 6  ? 13.515  -0.115  4.328   1.00 79.93  ? 5  LEU A CD1 1 
ATOM   35   C CD2 . LEU A 1 6  ? 11.730  1.096   3.039   1.00 79.41  ? 5  LEU A CD2 1 
ATOM   36   N N   . GLU A 1 7  ? 14.900  1.406   -1.044  1.00 72.15  ? 6  GLU A N   1 
ATOM   37   C CA  . GLU A 1 7  ? 15.982  1.925   -1.876  1.00 71.32  ? 6  GLU A CA  1 
ATOM   38   C C   . GLU A 1 7  ? 15.427  3.101   -2.652  1.00 67.35  ? 6  GLU A C   1 
ATOM   39   O O   . GLU A 1 7  ? 16.104  4.104   -2.867  1.00 65.35  ? 6  GLU A O   1 
ATOM   40   C CB  . GLU A 1 7  ? 16.497  0.840   -2.848  1.00 73.52  ? 6  GLU A CB  1 
ATOM   41   N N   . ALA A 1 8  ? 14.184  2.965   -3.087  1.00 64.67  ? 7  ALA A N   1 
ATOM   42   C CA  . ALA A 1 8  ? 13.546  4.042   -3.812  1.00 62.16  ? 7  ALA A CA  1 
ATOM   43   C C   . ALA A 1 8  ? 13.430  5.203   -2.825  1.00 62.84  ? 7  ALA A C   1 
ATOM   44   O O   . ALA A 1 8  ? 13.796  6.328   -3.140  1.00 62.22  ? 7  ALA A O   1 
ATOM   45   C CB  . ALA A 1 8  ? 12.171  3.607   -4.293  1.00 68.60  ? 7  ALA A CB  1 
ATOM   46   N N   . GLU A 1 9  ? 12.927  4.924   -1.624  1.00 62.66  ? 8  GLU A N   1 
ATOM   47   C CA  . GLU A 1 9  ? 12.781  5.968   -0.613  1.00 63.03  ? 8  GLU A CA  1 
ATOM   48   C C   . GLU A 1 9  ? 14.133  6.684   -0.391  1.00 63.71  ? 8  GLU A C   1 
ATOM   49   O O   . GLU A 1 9  ? 14.210  7.916   -0.440  1.00 57.75  ? 8  GLU A O   1 
ATOM   50   C CB  . GLU A 1 9  ? 12.264  5.360   0.701   1.00 58.70  ? 8  GLU A CB  1 
ATOM   51   C CG  . GLU A 1 9  ? 12.159  6.356   1.848   1.00 70.04  ? 8  GLU A CG  1 
ATOM   52   C CD  . GLU A 1 9  ? 11.113  5.992   2.894   1.00 74.69  ? 8  GLU A CD  1 
ATOM   53   O OE1 . GLU A 1 9  ? 10.965  4.792   3.218   1.00 73.42  ? 8  GLU A OE1 1 
ATOM   54   O OE2 . GLU A 1 9  ? 10.450  6.922   3.409   1.00 75.58  ? 8  GLU A OE2 1 
ATOM   55   N N   . VAL A 1 10 ? 15.192  5.905   -0.168  1.00 62.40  ? 9  VAL A N   1 
ATOM   56   C CA  . VAL A 1 10 ? 16.510  6.475   0.040   1.00 60.00  ? 9  VAL A CA  1 
ATOM   57   C C   . VAL A 1 10 ? 16.895  7.326   -1.153  1.00 60.99  ? 9  VAL A C   1 
ATOM   58   O O   . VAL A 1 10 ? 17.418  8.441   -0.992  1.00 62.04  ? 9  VAL A O   1 
ATOM   59   C CB  . VAL A 1 10 ? 17.577  5.387   0.259   1.00 61.79  ? 9  VAL A CB  1 
ATOM   60   C CG1 . VAL A 1 10 ? 18.959  6.002   0.285   1.00 57.44  ? 9  VAL A CG1 1 
ATOM   61   C CG2 . VAL A 1 10 ? 17.323  4.678   1.569   1.00 59.95  ? 9  VAL A CG2 1 
ATOM   62   N N   . GLU A 1 11 ? 16.629  6.820   -2.353  1.00 54.30  ? 10 GLU A N   1 
ATOM   63   C CA  . GLU A 1 11 ? 16.962  7.582   -3.539  1.00 55.92  ? 10 GLU A CA  1 
ATOM   64   C C   . GLU A 1 11 ? 16.225  8.893   -3.573  1.00 52.83  ? 10 GLU A C   1 
ATOM   65   O O   . GLU A 1 11 ? 16.826  9.926   -3.882  1.00 49.35  ? 10 GLU A O   1 
ATOM   66   C CB  . GLU A 1 11 ? 16.641  6.818   -4.827  1.00 62.49  ? 10 GLU A CB  1 
ATOM   67   C CG  . GLU A 1 11 ? 17.897  6.272   -5.522  1.00 71.14  ? 10 GLU A CG  1 
ATOM   68   C CD  . GLU A 1 11 ? 17.601  5.615   -6.874  1.00 73.95  ? 10 GLU A CD  1 
ATOM   69   O OE1 . GLU A 1 11 ? 17.349  6.327   -7.883  1.00 76.98  ? 10 GLU A OE1 1 
ATOM   70   O OE2 . GLU A 1 11 ? 17.613  4.376   -6.912  1.00 66.23  ? 10 GLU A OE2 1 
ATOM   71   N N   . GLU A 1 12 ? 14.932  8.855   -3.268  1.00 48.85  ? 11 GLU A N   1 
ATOM   72   C CA  . GLU A 1 12 ? 14.119  10.062  -3.287  1.00 55.30  ? 11 GLU A CA  1 
ATOM   73   C C   . GLU A 1 12 ? 14.477  11.073  -2.186  1.00 54.37  ? 11 GLU A C   1 
ATOM   74   O O   . GLU A 1 12 ? 14.322  12.275  -2.390  1.00 57.46  ? 11 GLU A O   1 
ATOM   75   C CB  . GLU A 1 12 ? 12.614  9.686   -3.213  1.00 63.41  ? 11 GLU A CB  1 
ATOM   76   N N   . LEU A 1 13 ? 14.923  10.600  -1.022  1.00 47.14  ? 12 LEU A N   1 
ATOM   77   C CA  . LEU A 1 13 ? 15.306  11.517  0.051   1.00 52.02  ? 12 LEU A CA  1 
ATOM   78   C C   . LEU A 1 13 ? 16.635  12.156  -0.327  1.00 48.48  ? 12 LEU A C   1 
ATOM   79   O O   . LEU A 1 13 ? 16.814  13.365  -0.158  1.00 47.96  ? 12 LEU A O   1 
ATOM   80   C CB  . LEU A 1 13 ? 15.472  10.786  1.381   1.00 46.85  ? 12 LEU A CB  1 
ATOM   81   C CG  . LEU A 1 13 ? 14.207  10.131  1.914   1.00 56.74  ? 12 LEU A CG  1 
ATOM   82   C CD1 . LEU A 1 13 ? 14.563  9.260   3.124   1.00 51.81  ? 12 LEU A CD1 1 
ATOM   83   C CD2 . LEU A 1 13 ? 13.161  11.209  2.228   1.00 51.86  ? 12 LEU A CD2 1 
ATOM   84   N N   . GLU A 1 14 ? 17.551  11.345  -0.860  1.00 48.03  ? 13 GLU A N   1 
ATOM   85   C CA  . GLU A 1 14 ? 18.846  11.861  -1.255  1.00 42.56  ? 13 GLU A CA  1 
ATOM   86   C C   . GLU A 1 14 ? 18.743  12.960  -2.307  1.00 50.24  ? 13 GLU A C   1 
ATOM   87   O O   . GLU A 1 14 ? 19.502  13.926  -2.244  1.00 48.06  ? 13 GLU A O   1 
ATOM   88   C CB  . GLU A 1 14 ? 19.768  10.749  -1.739  1.00 47.88  ? 13 GLU A CB  1 
ATOM   89   C CG  . GLU A 1 14 ? 20.356  9.887   -0.620  1.00 48.39  ? 13 GLU A CG  1 
ATOM   90   C CD  . GLU A 1 14 ? 21.410  8.903   -1.142  1.00 56.07  ? 13 GLU A CD  1 
ATOM   91   O OE1 . GLU A 1 14 ? 21.230  8.391   -2.269  1.00 55.60  ? 13 GLU A OE1 1 
ATOM   92   O OE2 . GLU A 1 14 ? 22.405  8.629   -0.432  1.00 55.02  ? 13 GLU A OE2 1 
ATOM   93   N N   . SER A 1 15 ? 17.800  12.840  -3.250  1.00 43.24  ? 14 SER A N   1 
ATOM   94   C CA  . SER A 1 15 ? 17.642  13.866  -4.269  1.00 47.15  ? 14 SER A CA  1 
ATOM   95   C C   . SER A 1 15 ? 17.159  15.145  -3.626  1.00 41.67  ? 14 SER A C   1 
ATOM   96   O O   . SER A 1 15 ? 17.664  16.240  -3.894  1.00 43.82  ? 14 SER A O   1 
ATOM   97   C CB  . SER A 1 15 ? 16.611  13.428  -5.389  1.00 48.09  ? 14 SER A CB  1 
ATOM   98   N N   . GLU A 1 16 ? 16.146  15.017  -2.784  1.00 45.25  ? 15 GLU A N   1 
ATOM   99   C CA  . GLU A 1 16 ? 15.615  16.204  -2.168  1.00 46.95  ? 15 GLU A CA  1 
ATOM   100  C C   . GLU A 1 16 ? 16.679  16.920  -1.336  1.00 41.06  ? 15 GLU A C   1 
ATOM   101  O O   . GLU A 1 16 ? 16.637  18.152  -1.223  1.00 43.16  ? 15 GLU A O   1 
ATOM   102  C CB  . GLU A 1 16 ? 14.404  15.875  -1.288  1.00 46.58  ? 15 GLU A CB  1 
ATOM   103  C CG  . GLU A 1 16 ? 13.558  17.110  -1.020  1.00 64.57  ? 15 GLU A CG  1 
ATOM   104  C CD  . GLU A 1 16 ? 12.440  16.841  -0.048  1.00 73.58  ? 15 GLU A CD  1 
ATOM   105  O OE1 . GLU A 1 16 ? 11.835  15.736  -0.145  1.00 78.62  ? 15 GLU A OE1 1 
ATOM   106  O OE2 . GLU A 1 16 ? 12.165  17.736  0.796   1.00 68.97  ? 15 GLU A OE2 1 
ATOM   107  N N   . LEU A 1 17 ? 17.602  16.158  -0.745  1.00 40.93  ? 16 LEU A N   1 
ATOM   108  C CA  . LEU A 1 17 ? 18.656  16.744  0.085   1.00 40.04  ? 16 LEU A CA  1 
ATOM   109  C C   . LEU A 1 17 ? 19.588  17.514  -0.783  1.00 37.20  ? 16 LEU A C   1 
ATOM   110  O O   . LEU A 1 17 ? 20.057  18.602  -0.422  1.00 42.20  ? 16 LEU A O   1 
ATOM   111  C CB  . LEU A 1 17 ? 19.466  15.669  0.844   1.00 42.94  ? 16 LEU A CB  1 
ATOM   112  C CG  . LEU A 1 17 ? 18.788  15.044  2.073   1.00 62.87  ? 16 LEU A CG  1 
ATOM   113  C CD1 . LEU A 1 17 ? 19.464  13.704  2.435   1.00 58.42  ? 16 LEU A CD1 1 
ATOM   114  C CD2 . LEU A 1 17 ? 18.838  16.042  3.262   1.00 59.82  ? 16 LEU A CD2 1 
ATOM   115  N N   . TRP A 1 18 ? 19.892  16.947  -1.941  1.00 39.32  ? 17 TRP A N   1 
ATOM   116  C CA  . TRP A 1 18 ? 20.824  17.602  -2.861  1.00 41.79  ? 17 TRP A CA  1 
ATOM   117  C C   . TRP A 1 18 ? 20.320  18.993  -3.214  1.00 42.45  ? 17 TRP A C   1 
ATOM   118  O O   . TRP A 1 18 ? 21.071  19.949  -3.210  1.00 44.46  ? 17 TRP A O   1 
ATOM   119  C CB  . TRP A 1 18 ? 21.013  16.735  -4.139  1.00 41.60  ? 17 TRP A CB  1 
ATOM   120  C CG  . TRP A 1 18 ? 21.703  15.384  -3.856  1.00 49.22  ? 17 TRP A CG  1 
ATOM   121  C CD1 . TRP A 1 18 ? 22.459  15.052  -2.747  1.00 43.52  ? 17 TRP A CD1 1 
ATOM   122  C CD2 . TRP A 1 18 ? 21.731  14.223  -4.709  1.00 43.45  ? 17 TRP A CD2 1 
ATOM   123  N NE1 . TRP A 1 18 ? 22.946  13.780  -2.866  1.00 49.36  ? 17 TRP A NE1 1 
ATOM   124  C CE2 . TRP A 1 18 ? 22.520  13.243  -4.053  1.00 44.83  ? 17 TRP A CE2 1 
ATOM   125  C CE3 . TRP A 1 18 ? 21.162  13.923  -5.962  1.00 48.94  ? 17 TRP A CE3 1 
ATOM   126  C CZ2 . TRP A 1 18 ? 22.763  11.971  -4.604  1.00 50.18  ? 17 TRP A CZ2 1 
ATOM   127  C CZ3 . TRP A 1 18 ? 21.395  12.669  -6.517  1.00 54.36  ? 17 TRP A CZ3 1 
ATOM   128  C CH2 . TRP A 1 18 ? 22.203  11.696  -5.826  1.00 52.79  ? 17 TRP A CH2 1 
ATOM   129  N N   . HIS A 1 19 ? 19.027  19.101  -3.498  1.00 44.80  ? 18 HIS A N   1 
ATOM   130  C CA  . HIS A 1 19 ? 18.459  20.379  -3.872  1.00 47.86  ? 18 HIS A CA  1 
ATOM   131  C C   . HIS A 1 19 ? 18.535  21.374  -2.712  1.00 47.74  ? 18 HIS A C   1 
ATOM   132  O O   . HIS A 1 19 ? 18.873  22.537  -2.915  1.00 50.04  ? 18 HIS A O   1 
ATOM   133  C CB  . HIS A 1 19 ? 17.028  20.165  -4.377  1.00 52.79  ? 18 HIS A CB  1 
ATOM   134  C CG  . HIS A 1 19 ? 16.978  19.488  -5.721  1.00 63.24  ? 18 HIS A CG  1 
ATOM   135  N ND1 . HIS A 1 19 ? 16.023  18.549  -6.051  1.00 67.50  ? 18 HIS A ND1 1 
ATOM   136  C CD2 . HIS A 1 19 ? 17.826  19.546  -6.778  1.00 63.30  ? 18 HIS A CD2 1 
ATOM   137  C CE1 . HIS A 1 19 ? 16.292  18.049  -7.244  1.00 63.21  ? 18 HIS A CE1 1 
ATOM   138  N NE2 . HIS A 1 19 ? 17.380  18.635  -7.708  1.00 65.01  ? 18 HIS A NE2 1 
ATOM   139  N N   . LEU A 1 20 ? 18.259  20.896  -1.500  1.00 46.52  ? 19 LEU A N   1 
ATOM   140  C CA  . LEU A 1 20 ? 18.316  21.746  -0.312  1.00 44.21  ? 19 LEU A CA  1 
ATOM   141  C C   . LEU A 1 20 ? 19.755  22.187  -0.026  1.00 40.71  ? 19 LEU A C   1 
ATOM   142  O O   . LEU A 1 20 ? 19.999  23.335  0.353   1.00 46.23  ? 19 LEU A O   1 
ATOM   143  C CB  . LEU A 1 20 ? 17.730  21.006  0.893   1.00 43.21  ? 19 LEU A CB  1 
ATOM   144  C CG  . LEU A 1 20 ? 16.230  20.834  0.775   1.00 55.18  ? 19 LEU A CG  1 
ATOM   145  C CD1 . LEU A 1 20 ? 15.733  19.694  1.629   1.00 53.04  ? 19 LEU A CD1 1 
ATOM   146  C CD2 . LEU A 1 20 ? 15.600  22.140  1.151   1.00 50.65  ? 19 LEU A CD2 1 
ATOM   147  N N   . GLU A 1 21 ? 20.709  21.280  -0.185  1.00 41.73  ? 20 GLU A N   1 
ATOM   148  C CA  . GLU A 1 21 ? 22.093  21.648  0.028   1.00 47.03  ? 20 GLU A CA  1 
ATOM   149  C C   . GLU A 1 21 ? 22.491  22.712  -0.982  1.00 44.60  ? 20 GLU A C   1 
ATOM   150  O O   . GLU A 1 21 ? 23.235  23.626  -0.652  1.00 43.63  ? 20 GLU A O   1 
ATOM   151  C CB  . GLU A 1 21 ? 23.017  20.438  -0.110  1.00 50.52  ? 20 GLU A CB  1 
ATOM   152  C CG  . GLU A 1 21 ? 22.758  19.328  0.908   1.00 54.37  ? 20 GLU A CG  1 
ATOM   153  C CD  . GLU A 1 21 ? 23.801  18.242  0.809   1.00 58.08  ? 20 GLU A CD  1 
ATOM   154  O OE1 . GLU A 1 21 ? 24.246  17.953  -0.339  1.00 62.46  ? 20 GLU A OE1 1 
ATOM   155  O OE2 . GLU A 1 21 ? 24.182  17.702  1.869   1.00 63.21  ? 20 GLU A OE2 1 
ATOM   156  N N   . ASN A 1 22 ? 21.987  22.624  -2.214  1.00 44.37  ? 21 ASN A N   1 
ATOM   157  C CA  . ASN A 1 22 ? 22.362  23.661  -3.178  1.00 45.41  ? 21 ASN A CA  1 
ATOM   158  C C   . ASN A 1 22 ? 21.693  24.974  -2.731  1.00 42.08  ? 21 ASN A C   1 
ATOM   159  O O   . ASN A 1 22 ? 22.301  26.027  -2.771  1.00 38.85  ? 21 ASN A O   1 
ATOM   160  C CB  . ASN A 1 22 ? 21.889  23.367  -4.615  1.00 45.89  ? 21 ASN A CB  1 
ATOM   161  C CG  . ASN A 1 22 ? 22.547  22.131  -5.251  1.00 49.98  ? 21 ASN A CG  1 
ATOM   162  O OD1 . ASN A 1 22 ? 23.686  21.729  -4.921  1.00 49.46  ? 21 ASN A OD1 1 
ATOM   163  N ND2 . ASN A 1 22 ? 21.825  21.535  -6.211  1.00 51.68  ? 21 ASN A ND2 1 
ATOM   164  N N   . GLU A 1 23 ? 20.436  24.894  -2.311  1.00 43.43  ? 22 GLU A N   1 
ATOM   165  C CA  . GLU A 1 23 ? 19.727  26.093  -1.899  1.00 47.48  ? 22 GLU A CA  1 
ATOM   166  C C   . GLU A 1 23 ? 20.370  26.744  -0.682  1.00 47.80  ? 22 GLU A C   1 
ATOM   167  O O   . GLU A 1 23 ? 20.541  27.971  -0.627  1.00 46.91  ? 22 GLU A O   1 
ATOM   168  C CB  . GLU A 1 23 ? 18.262  25.784  -1.623  1.00 47.46  ? 22 GLU A CB  1 
ATOM   169  C CG  . GLU A 1 23 ? 17.468  27.045  -1.423  1.00 54.72  ? 22 GLU A CG  1 
ATOM   170  C CD  . GLU A 1 23 ? 16.016  26.784  -1.511  1.00 60.69  ? 22 GLU A CD  1 
ATOM   171  O OE1 . GLU A 1 23 ? 15.576  25.802  -0.885  1.00 55.12  ? 22 GLU A OE1 1 
ATOM   172  O OE2 . GLU A 1 23 ? 15.312  27.552  -2.191  1.00 63.30  ? 22 GLU A OE2 1 
ATOM   173  N N   . VAL A 1 24 ? 20.751  25.928  0.289   1.00 47.59  ? 23 VAL A N   1 
ATOM   174  C CA  . VAL A 1 24 ? 21.402  26.472  1.460   1.00 44.02  ? 23 VAL A CA  1 
ATOM   175  C C   . VAL A 1 24 ? 22.634  27.228  0.995   1.00 48.02  ? 23 VAL A C   1 
ATOM   176  O O   . VAL A 1 24 ? 22.792  28.398  1.345   1.00 42.60  ? 23 VAL A O   1 
ATOM   177  C CB  . VAL A 1 24 ? 21.851  25.377  2.430   1.00 45.24  ? 23 VAL A CB  1 
ATOM   178  C CG1 . VAL A 1 24 ? 22.910  25.930  3.386   1.00 49.41  ? 23 VAL A CG1 1 
ATOM   179  C CG2 . VAL A 1 24 ? 20.657  24.837  3.193   1.00 42.36  ? 23 VAL A CG2 1 
ATOM   180  N N   . ALA A 1 25 ? 23.501  26.580  0.199   1.00 47.19  ? 24 ALA A N   1 
ATOM   181  C CA  . ALA A 1 25 ? 24.739  27.242  -0.250  1.00 51.18  ? 24 ALA A CA  1 
ATOM   182  C C   . ALA A 1 25 ? 24.491  28.594  -0.942  1.00 55.01  ? 24 ALA A C   1 
ATOM   183  O O   . ALA A 1 25 ? 25.211  29.566  -0.698  1.00 55.34  ? 24 ALA A O   1 
ATOM   184  C CB  . ALA A 1 25 ? 25.575  26.303  -1.153  1.00 46.52  ? 24 ALA A CB  1 
ATOM   185  N N   . ARG A 1 26 ? 23.465  28.651  -1.786  1.00 49.51  ? 25 ARG A N   1 
ATOM   186  C CA  . ARG A 1 26 ? 23.106  29.882  -2.467  1.00 50.76  ? 25 ARG A CA  1 
ATOM   187  C C   . ARG A 1 26 ? 22.626  30.930  -1.447  1.00 56.38  ? 25 ARG A C   1 
ATOM   188  O O   . ARG A 1 26 ? 23.121  32.066  -1.448  1.00 49.84  ? 25 ARG A O   1 
ATOM   189  C CB  . ARG A 1 26 ? 21.994  29.610  -3.462  1.00 47.37  ? 25 ARG A CB  1 
ATOM   190  N N   . LEU A 1 27 ? 21.658  30.549  -0.589  1.00 47.16  ? 26 LEU A N   1 
ATOM   191  C CA  . LEU A 1 27 ? 21.113  31.481  0.383   1.00 45.12  ? 26 LEU A CA  1 
ATOM   192  C C   . LEU A 1 27 ? 22.180  32.078  1.292   1.00 51.75  ? 26 LEU A C   1 
ATOM   193  O O   . LEU A 1 27 ? 22.172  33.300  1.565   1.00 45.90  ? 26 LEU A O   1 
ATOM   194  C CB  . LEU A 1 27 ? 20.010  30.817  1.194   1.00 40.33  ? 26 LEU A CB  1 
ATOM   195  C CG  . LEU A 1 27 ? 18.702  30.573  0.401   1.00 54.36  ? 26 LEU A CG  1 
ATOM   196  C CD1 . LEU A 1 27 ? 17.782  29.587  1.175   1.00 46.33  ? 26 LEU A CD1 1 
ATOM   197  C CD2 . LEU A 1 27 ? 17.978  31.912  0.128   1.00 46.79  ? 26 LEU A CD2 1 
ATOM   198  N N   . GLU A 1 28 ? 23.112  31.243  1.741   1.00 48.56  ? 27 GLU A N   1 
ATOM   199  C CA  . GLU A 1 28 ? 24.157  31.738  2.610   1.00 56.54  ? 27 GLU A CA  1 
ATOM   200  C C   . GLU A 1 28 ? 24.964  32.798  1.874   1.00 65.82  ? 27 GLU A C   1 
ATOM   201  O O   . GLU A 1 28 ? 25.349  33.817  2.455   1.00 64.99  ? 27 GLU A O   1 
ATOM   202  C CB  . GLU A 1 28 ? 25.042  30.584  3.097   1.00 59.97  ? 27 GLU A CB  1 
ATOM   203  C CG  . GLU A 1 28 ? 24.338  29.643  4.140   1.00 52.50  ? 27 GLU A CG  1 
ATOM   204  C CD  . GLU A 1 28 ? 25.262  28.544  4.694   1.00 63.82  ? 27 GLU A CD  1 
ATOM   205  O OE1 . GLU A 1 28 ? 26.076  27.975  3.940   1.00 68.55  ? 27 GLU A OE1 1 
ATOM   206  O OE2 . GLU A 1 28 ? 25.171  28.227  5.887   1.00 70.92  ? 27 GLU A OE2 1 
ATOM   207  N N   . LYS A 1 29 ? 25.217  32.589  0.588   1.00 67.37  ? 28 LYS A N   1 
ATOM   208  C CA  . LYS A 1 29 ? 25.961  33.603  -0.133  1.00 70.64  ? 28 LYS A CA  1 
ATOM   209  C C   . LYS A 1 29 ? 25.091  34.817  -0.388  1.00 67.06  ? 28 LYS A C   1 
ATOM   210  O O   . LYS A 1 29 ? 25.576  35.933  -0.363  1.00 67.35  ? 28 LYS A O   1 
ATOM   211  C CB  . LYS A 1 29 ? 26.535  33.042  -1.435  1.00 71.53  ? 28 LYS A CB  1 
ATOM   212  C CG  . LYS A 1 29 ? 27.638  32.043  -1.153  1.00 83.10  ? 28 LYS A CG  1 
ATOM   213  C CD  . LYS A 1 29 ? 28.257  31.460  -2.406  1.00 90.13  ? 28 LYS A CD  1 
ATOM   214  C CE  . LYS A 1 29 ? 28.985  30.167  -2.067  1.00 93.17  ? 28 LYS A CE  1 
ATOM   215  N NZ  . LYS A 1 29 ? 29.477  29.488  -3.287  1.00 93.51  ? 28 LYS A NZ  1 
ATOM   216  N N   . GLU A 1 30 ? 23.799  34.629  -0.631  1.00 68.86  ? 29 GLU A N   1 
ATOM   217  C CA  . GLU A 1 30 ? 22.977  35.809  -0.832  1.00 69.37  ? 29 GLU A CA  1 
ATOM   218  C C   . GLU A 1 30 ? 23.053  36.604  0.471   1.00 72.18  ? 29 GLU A C   1 
ATOM   219  O O   . GLU A 1 30 ? 23.187  37.827  0.446   1.00 73.98  ? 29 GLU A O   1 
ATOM   220  C CB  . GLU A 1 30 ? 21.524  35.462  -1.141  1.00 71.51  ? 29 GLU A CB  1 
ATOM   221  C CG  . GLU A 1 30 ? 20.664  36.700  -1.334  1.00 78.15  ? 29 GLU A CG  1 
ATOM   222  C CD  . GLU A 1 30 ? 19.239  36.396  -1.775  1.00 87.77  ? 29 GLU A CD  1 
ATOM   223  O OE1 . GLU A 1 30 ? 18.454  35.824  -0.966  1.00 82.72  ? 29 GLU A OE1 1 
ATOM   224  O OE2 . GLU A 1 30 ? 18.910  36.744  -2.941  1.00 89.19  ? 29 GLU A OE2 1 
ATOM   225  N N   . ASN A 1 31 ? 23.005  35.905  1.603   1.00 66.03  ? 30 ASN A N   1 
ATOM   226  C CA  . ASN A 1 31 ? 23.072  36.574  2.893   1.00 62.79  ? 30 ASN A CA  1 
ATOM   227  C C   . ASN A 1 31 ? 24.415  37.274  3.108   1.00 62.59  ? 30 ASN A C   1 
ATOM   228  O O   . ASN A 1 31 ? 24.441  38.445  3.488   1.00 58.68  ? 30 ASN A O   1 
ATOM   229  C CB  . ASN A 1 31 ? 22.783  35.594  4.042   1.00 50.25  ? 30 ASN A CB  1 
ATOM   230  C CG  . ASN A 1 31 ? 22.595  36.309  5.387   1.00 69.48  ? 30 ASN A CG  1 
ATOM   231  O OD1 . ASN A 1 31 ? 23.560  36.493  6.152   1.00 61.86  ? 30 ASN A OD1 1 
ATOM   232  N ND2 . ASN A 1 31 ? 21.353  36.735  5.672   1.00 56.96  ? 30 ASN A ND2 1 
ATOM   233  N N   . ALA A 1 32 ? 25.530  36.598  2.855   1.00 63.58  ? 31 ALA A N   1 
ATOM   234  C CA  . ALA A 1 32 ? 26.820  37.270  3.055   1.00 69.37  ? 31 ALA A CA  1 
ATOM   235  C C   . ALA A 1 32 ? 26.942  38.581  2.261   1.00 74.54  ? 31 ALA A C   1 
ATOM   236  O O   . ALA A 1 32 ? 27.504  39.567  2.755   1.00 77.96  ? 31 ALA A O   1 
ATOM   237  C CB  . ALA A 1 32 ? 27.971  36.347  2.701   1.00 66.14  ? 31 ALA A CB  1 
ATOM   238  N N   . GLU A 1 33 ? 26.424  38.609  1.037   1.00 75.06  ? 32 GLU A N   1 
ATOM   239  C CA  . GLU A 1 33 ? 26.500  39.833  0.245   1.00 78.27  ? 32 GLU A CA  1 
ATOM   240  C C   . GLU A 1 33 ? 25.639  40.935  0.835   1.00 76.99  ? 32 GLU A C   1 
ATOM   241  O O   . GLU A 1 33 ? 26.123  42.045  1.042   1.00 77.03  ? 32 GLU A O   1 
ATOM   242  C CB  . GLU A 1 33 ? 26.043  39.611  -1.194  1.00 76.92  ? 32 GLU A CB  1 
ATOM   243  C CG  . GLU A 1 33 ? 26.745  38.508  -1.920  1.00 80.08  ? 32 GLU A CG  1 
ATOM   244  C CD  . GLU A 1 33 ? 26.245  38.374  -3.339  1.00 82.16  ? 32 GLU A CD  1 
ATOM   245  O OE1 . GLU A 1 33 ? 25.011  38.487  -3.552  1.00 74.46  ? 32 GLU A OE1 1 
ATOM   246  O OE2 . GLU A 1 33 ? 27.086  38.150  -4.239  1.00 87.94  ? 32 GLU A OE2 1 
ATOM   247  N N   . CYS A 1 34 ? 24.368  40.631  1.098   1.00 75.17  ? 33 CYS A N   1 
ATOM   248  C CA  . CYS A 1 34 ? 23.460  41.635  1.631   1.00 78.25  ? 33 CYS A CA  1 
ATOM   249  C C   . CYS A 1 34 ? 23.964  42.240  2.927   1.00 81.63  ? 33 CYS A C   1 
ATOM   250  O O   . CYS A 1 34 ? 23.696  43.402  3.218   1.00 84.13  ? 33 CYS A O   1 
ATOM   251  C CB  . CYS A 1 34 ? 22.059  41.064  1.859   1.00 78.46  ? 33 CYS A CB  1 
ATOM   252  S SG  . CYS A 1 34 ? 20.852  42.376  2.240   1.00 80.74  ? 33 CYS A SG  1 
ATOM   253  N N   . GLU A 1 35 ? 24.712  41.467  3.702   1.00 83.20  ? 34 GLU A N   1 
ATOM   254  C CA  . GLU A 1 35 ? 25.222  41.977  4.964   1.00 83.81  ? 34 GLU A CA  1 
ATOM   255  C C   . GLU A 1 35 ? 26.628  42.567  4.920   1.00 85.71  ? 34 GLU A C   1 
ATOM   256  O O   . GLU A 1 35 ? 26.970  43.403  5.747   1.00 87.13  ? 34 GLU A O   1 
ATOM   257  C CB  . GLU A 1 35 ? 25.154  40.884  6.024   1.00 81.45  ? 34 GLU A CB  1 
ATOM   258  C CG  . GLU A 1 35 ? 23.885  40.941  6.840   1.00 86.38  ? 34 GLU A CG  1 
ATOM   259  C CD  . GLU A 1 35 ? 23.666  39.686  7.642   1.00 91.82  ? 34 GLU A CD  1 
ATOM   260  O OE1 . GLU A 1 35 ? 24.616  39.227  8.322   1.00 90.46  ? 34 GLU A OE1 1 
ATOM   261  O OE2 . GLU A 1 35 ? 22.533  39.164  7.591   1.00 95.69  ? 34 GLU A OE2 1 
ATOM   262  N N   . ALA A 1 36 ? 27.445  42.137  3.964   1.00 86.00  ? 35 ALA A N   1 
ATOM   263  C CA  . ALA A 1 36 ? 28.804  42.646  3.860   1.00 84.83  ? 35 ALA A CA  1 
ATOM   264  C C   . ALA A 1 36 ? 28.805  44.080  3.343   1.00 88.33  ? 35 ALA A C   1 
ATOM   265  O O   . ALA A 1 36 ? 29.780  44.806  3.652   1.00 90.62  ? 35 ALA A O   1 
ATOM   266  C CB  . ALA A 1 36 ? 29.628  41.759  2.946   1.00 85.08  ? 35 ALA A CB  1 
ATOM   267  O OXT . ALA A 1 36 ? 27.844  44.453  2.626   1.00 85.13  ? 35 ALA A OXT 1 
ATOM   268  N N   . LYS B 2 2  ? 19.589  -6.423  6.073   1.00 87.92  ? 1  LYS B N   1 
ATOM   269  C CA  . LYS B 2 2  ? 19.524  -5.375  5.014   1.00 91.18  ? 1  LYS B CA  1 
ATOM   270  C C   . LYS B 2 2  ? 18.429  -4.371  5.337   1.00 90.57  ? 1  LYS B C   1 
ATOM   271  O O   . LYS B 2 2  ? 18.722  -3.233  5.692   1.00 93.48  ? 1  LYS B O   1 
ATOM   272  C CB  . LYS B 2 2  ? 19.244  -6.006  3.649   1.00 92.23  ? 1  LYS B CB  1 
ATOM   273  C CG  . LYS B 2 2  ? 19.510  -5.082  2.470   1.00 94.08  ? 1  LYS B CG  1 
ATOM   274  C CD  . LYS B 2 2  ? 20.985  -4.698  2.409   1.00 94.38  ? 1  LYS B CD  1 
ATOM   275  C CE  . LYS B 2 2  ? 21.292  -3.834  1.196   1.00 98.54  ? 1  LYS B CE  1 
ATOM   276  N NZ  . LYS B 2 2  ? 22.756  -3.530  1.087   1.00 100.64 ? 1  LYS B NZ  1 
ATOM   277  N N   . VAL B 2 3  ? 17.171  -4.783  5.206   1.00 87.42  ? 2  VAL B N   1 
ATOM   278  C CA  . VAL B 2 3  ? 16.059  -3.894  5.510   1.00 88.44  ? 2  VAL B CA  1 
ATOM   279  C C   . VAL B 2 3  ? 16.331  -3.018  6.738   1.00 87.95  ? 2  VAL B C   1 
ATOM   280  O O   . VAL B 2 3  ? 15.928  -1.858  6.770   1.00 89.51  ? 2  VAL B O   1 
ATOM   281  C CB  . VAL B 2 3  ? 14.756  -4.679  5.715   1.00 89.49  ? 2  VAL B CB  1 
ATOM   282  C CG1 . VAL B 2 3  ? 13.706  -3.807  6.394   1.00 88.77  ? 2  VAL B CG1 1 
ATOM   283  C CG2 . VAL B 2 3  ? 14.236  -5.146  4.369   1.00 91.48  ? 2  VAL B CG2 1 
ATOM   284  N N   . LYS B 2 4  ? 17.016  -3.551  7.744   1.00 87.19  ? 3  LYS B N   1 
ATOM   285  C CA  . LYS B 2 4  ? 17.325  -2.736  8.919   1.00 86.02  ? 3  LYS B CA  1 
ATOM   286  C C   . LYS B 2 4  ? 18.268  -1.591  8.508   1.00 87.22  ? 3  LYS B C   1 
ATOM   287  O O   . LYS B 2 4  ? 17.921  -0.412  8.648   1.00 86.28  ? 3  LYS B O   1 
ATOM   288  C CB  . LYS B 2 4  ? 17.970  -3.582  9.999   1.00 83.01  ? 3  LYS B CB  1 
ATOM   289  N N   . GLN B 2 5  ? 19.446  -1.944  7.985   1.00 85.20  ? 4  GLN B N   1 
ATOM   290  C CA  . GLN B 2 5  ? 20.438  -0.960  7.547   1.00 81.96  ? 4  GLN B CA  1 
ATOM   291  C C   . GLN B 2 5  ? 19.801  0.158   6.722   1.00 82.25  ? 4  GLN B C   1 
ATOM   292  O O   . GLN B 2 5  ? 20.131  1.327   6.904   1.00 82.20  ? 4  GLN B O   1 
ATOM   293  C CB  . GLN B 2 5  ? 21.536  -1.639  6.743   1.00 81.94  ? 4  GLN B CB  1 
ATOM   294  N N   . LEU B 2 6  ? 18.893  -0.200  5.816   1.00 80.91  ? 5  LEU B N   1 
ATOM   295  C CA  . LEU B 2 6  ? 18.210  0.786   4.988   1.00 79.67  ? 5  LEU B CA  1 
ATOM   296  C C   . LEU B 2 6  ? 17.309  1.660   5.843   1.00 80.32  ? 5  LEU B C   1 
ATOM   297  O O   . LEU B 2 6  ? 17.417  2.884   5.823   1.00 81.12  ? 5  LEU B O   1 
ATOM   298  C CB  . LEU B 2 6  ? 17.367  0.116   3.908   1.00 76.40  ? 5  LEU B CB  1 
ATOM   299  C CG  . LEU B 2 6  ? 18.120  -0.464  2.710   1.00 81.39  ? 5  LEU B CG  1 
ATOM   300  C CD1 . LEU B 2 6  ? 17.098  -0.958  1.695   1.00 82.53  ? 5  LEU B CD1 1 
ATOM   301  C CD2 . LEU B 2 6  ? 19.052  0.586   2.082   1.00 75.09  ? 5  LEU B CD2 1 
ATOM   302  N N   . LYS B 2 7  ? 16.407  1.031   6.584   1.00 78.48  ? 6  LYS B N   1 
ATOM   303  C CA  . LYS B 2 7  ? 15.512  1.778   7.446   1.00 75.49  ? 6  LYS B CA  1 
ATOM   304  C C   . LYS B 2 7  ? 16.365  2.818   8.168   1.00 73.20  ? 6  LYS B C   1 
ATOM   305  O O   . LYS B 2 7  ? 15.996  3.990   8.280   1.00 68.91  ? 6  LYS B O   1 
ATOM   306  C CB  . LYS B 2 7  ? 14.845  0.841   8.457   1.00 76.94  ? 6  LYS B CB  1 
ATOM   307  C CG  . LYS B 2 7  ? 13.444  0.420   8.076   1.00 73.35  ? 6  LYS B CG  1 
ATOM   308  N N   . ALA B 2 8  ? 17.531  2.384   8.627   1.00 67.30  ? 7  ALA B N   1 
ATOM   309  C CA  . ALA B 2 8  ? 18.428  3.284   9.329   1.00 64.63  ? 7  ALA B CA  1 
ATOM   310  C C   . ALA B 2 8  ? 18.816  4.489   8.453   1.00 65.98  ? 7  ALA B C   1 
ATOM   311  O O   . ALA B 2 8  ? 18.764  5.628   8.908   1.00 67.77  ? 7  ALA B O   1 
ATOM   312  C CB  . ALA B 2 8  ? 19.657  2.543   9.749   1.00 62.83  ? 7  ALA B CB  1 
ATOM   313  N N   . LYS B 2 9  ? 19.226  4.246   7.210   1.00 62.55  ? 8  LYS B N   1 
ATOM   314  C CA  . LYS B 2 9  ? 19.618  5.353   6.341   1.00 64.66  ? 8  LYS B CA  1 
ATOM   315  C C   . LYS B 2 9  ? 18.408  6.254   6.127   1.00 62.86  ? 8  LYS B C   1 
ATOM   316  O O   . LYS B 2 9  ? 18.507  7.478   6.240   1.00 62.98  ? 8  LYS B O   1 
ATOM   317  C CB  . LYS B 2 9  ? 20.151  4.844   4.987   1.00 59.88  ? 8  LYS B CB  1 
ATOM   318  C CG  . LYS B 2 9  ? 20.849  5.898   4.096   1.00 64.99  ? 8  LYS B CG  1 
ATOM   319  C CD  . LYS B 2 9  ? 21.914  6.694   4.844   1.00 70.52  ? 8  LYS B CD  1 
ATOM   320  C CE  . LYS B 2 9  ? 23.208  6.902   4.036   1.00 74.67  ? 8  LYS B CE  1 
ATOM   321  N NZ  . LYS B 2 9  ? 23.095  7.745   2.795   1.00 74.62  ? 8  LYS B NZ  1 
ATOM   322  N N   . VAL B 2 10 ? 17.266  5.641   5.836   1.00 62.22  ? 9  VAL B N   1 
ATOM   323  C CA  . VAL B 2 10 ? 16.046  6.388   5.596   1.00 64.93  ? 9  VAL B CA  1 
ATOM   324  C C   . VAL B 2 10 ? 15.787  7.370   6.721   1.00 66.44  ? 9  VAL B C   1 
ATOM   325  O O   . VAL B 2 10 ? 15.458  8.538   6.485   1.00 62.24  ? 9  VAL B O   1 
ATOM   326  C CB  . VAL B 2 10 ? 14.826  5.465   5.476   1.00 67.45  ? 9  VAL B CB  1 
ATOM   327  C CG1 . VAL B 2 10 ? 13.548  6.300   5.406   1.00 64.67  ? 9  VAL B CG1 1 
ATOM   328  C CG2 . VAL B 2 10 ? 14.958  4.613   4.236   1.00 66.05  ? 9  VAL B CG2 1 
ATOM   329  N N   . GLU B 2 11 ? 15.945  6.890   7.947   1.00 60.13  ? 10 GLU B N   1 
ATOM   330  C CA  . GLU B 2 11 ? 15.721  7.734   9.093   1.00 64.58  ? 10 GLU B CA  1 
ATOM   331  C C   . GLU B 2 11 ? 16.761  8.852   9.211   1.00 63.48  ? 10 GLU B C   1 
ATOM   332  O O   . GLU B 2 11 ? 16.425  9.989   9.461   1.00 62.56  ? 10 GLU B O   1 
ATOM   333  C CB  . GLU B 2 11 ? 15.671  6.868   10.346  1.00 65.91  ? 10 GLU B CB  1 
ATOM   334  C CG  . GLU B 2 11 ? 14.343  6.150   10.455  1.00 71.71  ? 10 GLU B CG  1 
ATOM   335  C CD  . GLU B 2 11 ? 13.183  7.112   10.279  1.00 74.79  ? 10 GLU B CD  1 
ATOM   336  O OE1 . GLU B 2 11 ? 13.190  8.150   10.983  1.00 81.07  ? 10 GLU B OE1 1 
ATOM   337  O OE2 . GLU B 2 11 ? 12.274  6.842   9.448   1.00 70.75  ? 10 GLU B OE2 1 
ATOM   338  N N   . GLU B 2 12 ? 18.024  8.527   9.007   1.00 62.79  ? 11 GLU B N   1 
ATOM   339  C CA  . GLU B 2 12 ? 19.052  9.533   9.085   1.00 63.03  ? 11 GLU B CA  1 
ATOM   340  C C   . GLU B 2 12 ? 18.835  10.616  8.022   1.00 63.55  ? 11 GLU B C   1 
ATOM   341  O O   . GLU B 2 12 ? 19.144  11.802  8.244   1.00 55.08  ? 11 GLU B O   1 
ATOM   342  C CB  . GLU B 2 12 ? 20.411  8.883   8.895   1.00 64.36  ? 11 GLU B CB  1 
ATOM   343  C CG  . GLU B 2 12 ? 21.547  9.844   8.591   1.00 70.92  ? 11 GLU B CG  1 
ATOM   344  C CD  . GLU B 2 12 ? 22.896  9.137   8.562   1.00 78.47  ? 11 GLU B CD  1 
ATOM   345  O OE1 . GLU B 2 12 ? 23.775  9.558   7.778   1.00 75.83  ? 11 GLU B OE1 1 
ATOM   346  O OE2 . GLU B 2 12 ? 23.075  8.164   9.337   1.00 77.73  ? 11 GLU B OE2 1 
ATOM   347  N N   . LEU B 2 13 ? 18.304  10.201  6.873   1.00 60.45  ? 12 LEU B N   1 
ATOM   348  C CA  . LEU B 2 13 ? 18.079  11.129  5.786   1.00 55.11  ? 12 LEU B CA  1 
ATOM   349  C C   . LEU B 2 13 ? 16.930  12.043  6.126   1.00 53.09  ? 12 LEU B C   1 
ATOM   350  O O   . LEU B 2 13 ? 17.032  13.231  5.879   1.00 48.99  ? 12 LEU B O   1 
ATOM   351  C CB  . LEU B 2 13 ? 17.804  10.397  4.472   1.00 52.18  ? 12 LEU B CB  1 
ATOM   352  C CG  . LEU B 2 13 ? 18.977  9.603   3.888   1.00 55.58  ? 12 LEU B CG  1 
ATOM   353  C CD1 . LEU B 2 13 ? 18.500  8.737   2.717   1.00 56.75  ? 12 LEU B CD1 1 
ATOM   354  C CD2 . LEU B 2 13 ? 20.082  10.521  3.442   1.00 55.05  ? 12 LEU B CD2 1 
ATOM   355  N N   . LYS B 2 14 ? 15.842  11.493  6.672   1.00 53.70  ? 13 LYS B N   1 
ATOM   356  C CA  . LYS B 2 14 ? 14.669  12.293  7.054   1.00 56.15  ? 13 LYS B CA  1 
ATOM   357  C C   . LYS B 2 14 ? 14.982  13.415  8.038   1.00 48.79  ? 13 LYS B C   1 
ATOM   358  O O   . LYS B 2 14 ? 14.485  14.510  7.888   1.00 45.99  ? 13 LYS B O   1 
ATOM   359  C CB  . LYS B 2 14 ? 13.582  11.424  7.680   1.00 54.98  ? 13 LYS B CB  1 
ATOM   360  C CG  . LYS B 2 14 ? 12.692  10.678  6.680   1.00 58.42  ? 13 LYS B CG  1 
ATOM   361  C CD  . LYS B 2 14 ? 11.740  9.764   7.455   1.00 63.70  ? 13 LYS B CD  1 
ATOM   362  C CE  . LYS B 2 14 ? 10.850  8.881   6.562   1.00 73.10  ? 13 LYS B CE  1 
ATOM   363  N NZ  . LYS B 2 14 ? 9.767   9.617   5.831   1.00 72.93  ? 13 LYS B NZ  1 
ATOM   364  N N   . SER B 2 15 ? 15.812  13.117  9.031   1.00 51.96  ? 14 SER B N   1 
ATOM   365  C CA  . SER B 2 15 ? 16.199  14.082  10.036  1.00 52.36  ? 14 SER B CA  1 
ATOM   366  C C   . SER B 2 15 ? 17.073  15.141  9.425   1.00 54.18  ? 14 SER B C   1 
ATOM   367  O O   . SER B 2 15 ? 16.916  16.316  9.746   1.00 54.56  ? 14 SER B O   1 
ATOM   368  C CB  . SER B 2 15 ? 16.941  13.402  11.194  1.00 48.36  ? 14 SER B CB  1 
ATOM   369  N N   . LYS B 2 16 ? 18.001  14.755  8.548   1.00 47.91  ? 15 LYS B N   1 
ATOM   370  C CA  . LYS B 2 16 ? 18.842  15.778  7.962   1.00 50.07  ? 15 LYS B CA  1 
ATOM   371  C C   . LYS B 2 16 ? 18.039  16.685  7.066   1.00 46.27  ? 15 LYS B C   1 
ATOM   372  O O   . LYS B 2 16 ? 18.341  17.858  6.947   1.00 49.99  ? 15 LYS B O   1 
ATOM   373  C CB  . LYS B 2 16 ? 20.000  15.216  7.170   1.00 47.77  ? 15 LYS B CB  1 
ATOM   374  C CG  . LYS B 2 16 ? 20.985  16.329  6.862   1.00 59.94  ? 15 LYS B CG  1 
ATOM   375  C CD  . LYS B 2 16 ? 22.159  15.870  6.042   1.00 74.88  ? 15 LYS B CD  1 
ATOM   376  C CE  . LYS B 2 16 ? 22.978  17.057  5.536   1.00 81.87  ? 15 LYS B CE  1 
ATOM   377  N NZ  . LYS B 2 16 ? 23.870  16.648  4.392   1.00 84.64  ? 15 LYS B NZ  1 
ATOM   378  N N   . LEU B 2 17 ? 17.007  16.134  6.448   1.00 47.99  ? 16 LEU B N   1 
ATOM   379  C CA  . LEU B 2 17 ? 16.142  16.898  5.555   1.00 50.49  ? 16 LEU B CA  1 
ATOM   380  C C   . LEU B 2 17 ? 15.378  17.954  6.364   1.00 48.53  ? 16 LEU B C   1 
ATOM   381  O O   . LEU B 2 17 ? 15.267  19.110  5.950   1.00 40.27  ? 16 LEU B O   1 
ATOM   382  C CB  . LEU B 2 17 ? 15.141  15.962  4.881   1.00 44.85  ? 16 LEU B CB  1 
ATOM   383  C CG  . LEU B 2 17 ? 14.130  16.523  3.866   1.00 64.35  ? 16 LEU B CG  1 
ATOM   384  C CD1 . LEU B 2 17 ? 14.749  16.474  2.474   1.00 64.71  ? 16 LEU B CD1 1 
ATOM   385  C CD2 . LEU B 2 17 ? 12.828  15.701  3.885   1.00 68.71  ? 16 LEU B CD2 1 
ATOM   386  N N   . TRP B 2 18 ? 14.867  17.545  7.523   1.00 45.74  ? 17 TRP B N   1 
ATOM   387  C CA  . TRP B 2 18 ? 14.107  18.457  8.366   1.00 47.58  ? 17 TRP B CA  1 
ATOM   388  C C   . TRP B 2 18 ? 14.983  19.604  8.894   1.00 39.53  ? 17 TRP B C   1 
ATOM   389  O O   . TRP B 2 18 ? 14.567  20.758  8.908   1.00 45.25  ? 17 TRP B O   1 
ATOM   390  C CB  . TRP B 2 18 ? 13.415  17.689  9.510   1.00 49.50  ? 17 TRP B CB  1 
ATOM   391  C CG  . TRP B 2 18 ? 12.405  18.568  10.150  1.00 65.35  ? 17 TRP B CG  1 
ATOM   392  C CD1 . TRP B 2 18 ? 11.390  19.231  9.518   1.00 70.16  ? 17 TRP B CD1 1 
ATOM   393  C CD2 . TRP B 2 18 ? 12.351  18.978  11.521  1.00 65.74  ? 17 TRP B CD2 1 
ATOM   394  N NE1 . TRP B 2 18 ? 10.718  20.031  10.403  1.00 69.31  ? 17 TRP B NE1 1 
ATOM   395  C CE2 . TRP B 2 18 ? 11.287  19.895  11.641  1.00 66.62  ? 17 TRP B CE2 1 
ATOM   396  C CE3 . TRP B 2 18 ? 13.102  18.656  12.657  1.00 71.25  ? 17 TRP B CE3 1 
ATOM   397  C CZ2 . TRP B 2 18 ? 10.947  20.501  12.851  1.00 74.16  ? 17 TRP B CZ2 1 
ATOM   398  C CZ3 . TRP B 2 18 ? 12.761  19.263  13.872  1.00 76.86  ? 17 TRP B CZ3 1 
ATOM   399  C CH2 . TRP B 2 18 ? 11.696  20.174  13.957  1.00 77.69  ? 17 TRP B CH2 1 
ATOM   400  N N   . HIS B 2 19 ? 16.205  19.285  9.288   1.00 40.49  ? 18 HIS B N   1 
ATOM   401  C CA  . HIS B 2 19 ? 17.154  20.285  9.742   1.00 42.90  ? 18 HIS B CA  1 
ATOM   402  C C   . HIS B 2 19 ? 17.454  21.279  8.600   1.00 47.87  ? 18 HIS B C   1 
ATOM   403  O O   . HIS B 2 19 ? 17.581  22.488  8.835   1.00 43.32  ? 18 HIS B O   1 
ATOM   404  C CB  . HIS B 2 19 ? 18.480  19.627  10.133  1.00 45.03  ? 18 HIS B CB  1 
ATOM   405  C CG  . HIS B 2 19 ? 18.516  19.099  11.537  1.00 52.55  ? 18 HIS B CG  1 
ATOM   406  N ND1 . HIS B 2 19 ? 17.714  18.066  11.972  1.00 61.93  ? 18 HIS B ND1 1 
ATOM   407  C CD2 . HIS B 2 19 ? 19.275  19.457  12.602  1.00 59.61  ? 18 HIS B CD2 1 
ATOM   408  C CE1 . HIS B 2 19 ? 17.980  17.804  13.243  1.00 60.49  ? 18 HIS B CE1 1 
ATOM   409  N NE2 . HIS B 2 19 ? 18.925  18.635  13.649  1.00 62.51  ? 18 HIS B NE2 1 
ATOM   410  N N   . LEU B 2 20 ? 17.603  20.770  7.375   1.00 45.59  ? 19 LEU B N   1 
ATOM   411  C CA  . LEU B 2 20 ? 17.918  21.636  6.246   1.00 48.83  ? 19 LEU B CA  1 
ATOM   412  C C   . LEU B 2 20 ? 16.751  22.510  5.855   1.00 42.99  ? 19 LEU B C   1 
ATOM   413  O O   . LEU B 2 20 ? 16.961  23.653  5.488   1.00 42.85  ? 19 LEU B O   1 
ATOM   414  C CB  . LEU B 2 20 ? 18.403  20.828  5.032   1.00 52.67  ? 19 LEU B CB  1 
ATOM   415  C CG  . LEU B 2 20 ? 19.852  20.343  5.142   1.00 54.68  ? 19 LEU B CG  1 
ATOM   416  C CD1 . LEU B 2 20 ? 20.187  19.410  3.998   1.00 52.71  ? 19 LEU B CD1 1 
ATOM   417  C CD2 . LEU B 2 20 ? 20.786  21.527  5.108   1.00 54.25  ? 19 LEU B CD2 1 
ATOM   418  N N   . LYS B 2 21 ? 15.525  22.001  5.926   1.00 44.07  ? 20 LYS B N   1 
ATOM   419  C CA  . LYS B 2 21 ? 14.403  22.871  5.572   1.00 46.09  ? 20 LYS B CA  1 
ATOM   420  C C   . LYS B 2 21 ? 14.282  23.947  6.628   1.00 50.03  ? 20 LYS B C   1 
ATOM   421  O O   . LYS B 2 21 ? 13.911  25.079  6.317   1.00 49.27  ? 20 LYS B O   1 
ATOM   422  C CB  . LYS B 2 21 ? 13.081  22.118  5.492   1.00 49.42  ? 20 LYS B CB  1 
ATOM   423  C CG  . LYS B 2 21 ? 13.012  21.071  4.382   1.00 52.45  ? 20 LYS B CG  1 
ATOM   424  C CD  . LYS B 2 21 ? 11.703  20.337  4.460   1.00 58.64  ? 20 LYS B CD  1 
ATOM   425  C CE  . LYS B 2 21 ? 11.673  19.195  3.489   1.00 63.88  ? 20 LYS B CE  1 
ATOM   426  N NZ  . LYS B 2 21 ? 10.268  18.772  3.336   1.00 63.04  ? 20 LYS B NZ  1 
ATOM   427  N N   . ASN B 2 22 ? 14.599  23.610  7.881   1.00 46.70  ? 21 ASN B N   1 
ATOM   428  C CA  . ASN B 2 22 ? 14.508  24.611  8.917   1.00 42.98  ? 21 ASN B CA  1 
ATOM   429  C C   . ASN B 2 22 ? 15.574  25.674  8.710   1.00 38.13  ? 21 ASN B C   1 
ATOM   430  O O   . ASN B 2 22 ? 15.320  26.855  8.870   1.00 38.39  ? 21 ASN B O   1 
ATOM   431  C CB  . ASN B 2 22 ? 14.628  23.973  10.300  1.00 58.36  ? 21 ASN B CB  1 
ATOM   432  C CG  . ASN B 2 22 ? 13.301  23.390  10.791  1.00 64.08  ? 21 ASN B CG  1 
ATOM   433  O OD1 . ASN B 2 22 ? 12.275  24.073  10.798  1.00 63.19  ? 21 ASN B OD1 1 
ATOM   434  N ND2 . ASN B 2 22 ? 13.320  22.120  11.196  1.00 67.84  ? 21 ASN B ND2 1 
ATOM   435  N N   . LYS B 2 23 ? 16.763  25.266  8.306   1.00 34.35  ? 22 LYS B N   1 
ATOM   436  C CA  . LYS B 2 23 ? 17.839  26.207  8.045   1.00 38.87  ? 22 LYS B CA  1 
ATOM   437  C C   . LYS B 2 23 ? 17.507  27.117  6.819   1.00 44.15  ? 22 LYS B C   1 
ATOM   438  O O   . LYS B 2 23 ? 17.841  28.298  6.787   1.00 43.93  ? 22 LYS B O   1 
ATOM   439  C CB  . LYS B 2 23 ? 19.120  25.414  7.746   1.00 41.15  ? 22 LYS B CB  1 
ATOM   440  C CG  . LYS B 2 23 ? 20.258  26.257  7.334   1.00 35.71  ? 22 LYS B CG  1 
ATOM   441  C CD  . LYS B 2 23 ? 21.553  25.499  7.474   1.00 40.09  ? 22 LYS B CD  1 
ATOM   442  C CE  . LYS B 2 23 ? 22.725  26.392  7.174   1.00 41.09  ? 22 LYS B CE  1 
ATOM   443  N NZ  . LYS B 2 23 ? 23.992  25.643  7.272   1.00 37.13  ? 22 LYS B NZ  1 
ATOM   444  N N   . VAL B 2 24 ? 16.887  26.535  5.799   1.00 40.89  ? 23 VAL B N   1 
ATOM   445  C CA  . VAL B 2 24 ? 16.511  27.270  4.592   1.00 40.78  ? 23 VAL B CA  1 
ATOM   446  C C   . VAL B 2 24 ? 15.428  28.295  4.928   1.00 41.57  ? 23 VAL B C   1 
ATOM   447  O O   . VAL B 2 24 ? 15.492  29.448  4.488   1.00 40.00  ? 23 VAL B O   1 
ATOM   448  C CB  . VAL B 2 24 ? 15.969  26.287  3.474   1.00 47.38  ? 23 VAL B CB  1 
ATOM   449  C CG1 . VAL B 2 24 ? 15.104  27.042  2.462   1.00 45.84  ? 23 VAL B CG1 1 
ATOM   450  C CG2 . VAL B 2 24 ? 17.139  25.624  2.751   1.00 36.56  ? 23 VAL B CG2 1 
ATOM   451  N N   . ALA B 2 25 ? 14.430  27.879  5.704   1.00 41.24  ? 24 ALA B N   1 
ATOM   452  C CA  . ALA B 2 25 ? 13.377  28.818  6.072   1.00 46.77  ? 24 ALA B CA  1 
ATOM   453  C C   . ALA B 2 25 ? 14.003  30.008  6.829   1.00 45.54  ? 24 ALA B C   1 
ATOM   454  O O   . ALA B 2 25 ? 13.572  31.149  6.642   1.00 46.75  ? 24 ALA B O   1 
ATOM   455  C CB  . ALA B 2 25 ? 12.310  28.125  6.926   1.00 44.66  ? 24 ALA B CB  1 
ATOM   456  N N   . ARG B 2 26 ? 15.045  29.757  7.637   1.00 40.61  ? 25 ARG B N   1 
ATOM   457  C CA  . ARG B 2 26 ? 15.700  30.826  8.399   1.00 41.56  ? 25 ARG B CA  1 
ATOM   458  C C   . ARG B 2 26 ? 16.533  31.762  7.512   1.00 45.03  ? 25 ARG B C   1 
ATOM   459  O O   . ARG B 2 26 ? 16.527  32.981  7.694   1.00 43.13  ? 25 ARG B O   1 
ATOM   460  C CB  . ARG B 2 26 ? 16.600  30.258  9.519   1.00 46.35  ? 25 ARG B CB  1 
ATOM   461  C CG  . ARG B 2 26 ? 17.455  31.353  10.188  1.00 50.13  ? 25 ARG B CG  1 
ATOM   462  C CD  . ARG B 2 26 ? 18.290  30.877  11.378  1.00 54.00  ? 25 ARG B CD  1 
ATOM   463  N NE  . ARG B 2 26 ? 18.994  29.643  11.078  1.00 57.56  ? 25 ARG B NE  1 
ATOM   464  C CZ  . ARG B 2 26 ? 20.284  29.550  10.802  1.00 59.40  ? 25 ARG B CZ  1 
ATOM   465  N NH1 . ARG B 2 26 ? 21.042  30.653  10.791  1.00 63.54  ? 25 ARG B NH1 1 
ATOM   466  N NH2 . ARG B 2 26 ? 20.808  28.343  10.551  1.00 51.23  ? 25 ARG B NH2 1 
ATOM   467  N N   . LEU B 2 27 ? 17.254  31.209  6.553   1.00 42.65  ? 26 LEU B N   1 
ATOM   468  C CA  . LEU B 2 27 ? 18.060  32.057  5.675   1.00 46.37  ? 26 LEU B CA  1 
ATOM   469  C C   . LEU B 2 27 ? 17.186  32.936  4.748   1.00 42.35  ? 26 LEU B C   1 
ATOM   470  O O   . LEU B 2 27 ? 17.501  34.081  4.482   1.00 55.13  ? 26 LEU B O   1 
ATOM   471  C CB  . LEU B 2 27 ? 19.026  31.184  4.867   1.00 46.86  ? 26 LEU B CB  1 
ATOM   472  C CG  . LEU B 2 27 ? 20.054  30.482  5.751   1.00 52.25  ? 26 LEU B CG  1 
ATOM   473  C CD1 . LEU B 2 27 ? 20.808  29.420  4.961   1.00 51.60  ? 26 LEU B CD1 1 
ATOM   474  C CD2 . LEU B 2 27 ? 21.003  31.523  6.314   1.00 49.59  ? 26 LEU B CD2 1 
ATOM   475  N N   . LYS B 2 28 ? 16.076  32.400  4.272   1.00 39.53  ? 27 LYS B N   1 
ATOM   476  C CA  . LYS B 2 28 ? 15.195  33.151  3.441   1.00 46.51  ? 27 LYS B CA  1 
ATOM   477  C C   . LYS B 2 28 ? 14.650  34.315  4.263   1.00 53.76  ? 27 LYS B C   1 
ATOM   478  O O   . LYS B 2 28 ? 14.603  35.448  3.772   1.00 51.94  ? 27 LYS B O   1 
ATOM   479  C CB  . LYS B 2 28 ? 14.045  32.267  2.958   1.00 48.18  ? 27 LYS B CB  1 
ATOM   480  C CG  . LYS B 2 28 ? 14.356  31.417  1.720   1.00 46.01  ? 27 LYS B CG  1 
ATOM   481  C CD  . LYS B 2 28 ? 13.152  30.471  1.421   1.00 49.27  ? 27 LYS B CD  1 
ATOM   482  C CE  . LYS B 2 28 ? 13.344  29.686  0.133   1.00 51.06  ? 27 LYS B CE  1 
ATOM   483  N NZ  . LYS B 2 28 ? 12.430  28.482  0.080   1.00 59.10  ? 27 LYS B NZ  1 
ATOM   484  N N   . LYS B 2 29 ? 14.250  34.046  5.510   1.00 52.50  ? 28 LYS B N   1 
ATOM   485  C CA  . LYS B 2 29 ? 13.685  35.091  6.374   1.00 54.72  ? 28 LYS B CA  1 
ATOM   486  C C   . LYS B 2 29 ? 14.760  36.124  6.718   1.00 52.78  ? 28 LYS B C   1 
ATOM   487  O O   . LYS B 2 29 ? 14.493  37.321  6.658   1.00 55.68  ? 28 LYS B O   1 
ATOM   488  C CB  . LYS B 2 29 ? 13.057  34.471  7.637   1.00 53.41  ? 28 LYS B CB  1 
ATOM   489  C CG  . LYS B 2 29 ? 12.537  35.482  8.652   1.00 64.45  ? 28 LYS B CG  1 
ATOM   490  C CD  . LYS B 2 29 ? 11.438  36.356  8.076   1.00 65.14  ? 28 LYS B CD  1 
ATOM   491  C CE  . LYS B 2 29 ? 10.994  37.404  9.085   1.00 63.06  ? 28 LYS B CE  1 
ATOM   492  N NZ  . LYS B 2 29 ? 9.881   38.254  8.544   1.00 68.36  ? 28 LYS B NZ  1 
ATOM   493  N N   . LYS B 2 30 ? 15.979  35.673  7.035   1.00 52.39  ? 29 LYS B N   1 
ATOM   494  C CA  . LYS B 2 30 ? 17.083  36.598  7.311   1.00 51.08  ? 29 LYS B CA  1 
ATOM   495  C C   . LYS B 2 30 ? 17.467  37.389  6.055   1.00 62.31  ? 29 LYS B C   1 
ATOM   496  O O   . LYS B 2 30 ? 17.802  38.572  6.146   1.00 65.28  ? 29 LYS B O   1 
ATOM   497  C CB  . LYS B 2 30 ? 18.343  35.869  7.774   1.00 60.42  ? 29 LYS B CB  1 
ATOM   498  C CG  . LYS B 2 30 ? 18.340  35.292  9.171   1.00 51.89  ? 29 LYS B CG  1 
ATOM   499  C CD  . LYS B 2 30 ? 19.791  35.058  9.560   1.00 56.42  ? 29 LYS B CD  1 
ATOM   500  C CE  . LYS B 2 30 ? 19.925  34.682  11.015  1.00 56.74  ? 29 LYS B CE  1 
ATOM   501  N NZ  . LYS B 2 30 ? 21.223  35.140  11.540  1.00 60.48  ? 29 LYS B NZ  1 
ATOM   502  N N   . ASN B 2 31 ? 17.472  36.735  4.889   1.00 59.86  ? 30 ASN B N   1 
ATOM   503  C CA  . ASN B 2 31 ? 17.807  37.433  3.655   1.00 60.32  ? 30 ASN B CA  1 
ATOM   504  C C   . ASN B 2 31 ? 16.713  38.418  3.282   1.00 60.38  ? 30 ASN B C   1 
ATOM   505  O O   . ASN B 2 31 ? 16.997  39.470  2.731   1.00 56.81  ? 30 ASN B O   1 
ATOM   506  C CB  . ASN B 2 31 ? 18.051  36.444  2.526   1.00 62.10  ? 30 ASN B CB  1 
ATOM   507  C CG  . ASN B 2 31 ? 19.397  35.761  2.663   1.00 72.18  ? 30 ASN B CG  1 
ATOM   508  O OD1 . ASN B 2 31 ? 20.031  35.825  3.719   1.00 73.19  ? 30 ASN B OD1 1 
ATOM   509  N ND2 . ASN B 2 31 ? 19.845  35.101  1.597   1.00 82.72  ? 30 ASN B ND2 1 
ATOM   510  N N   . ALA B 2 32 ? 15.463  38.096  3.596   1.00 60.26  ? 31 ALA B N   1 
ATOM   511  C CA  . ALA B 2 32 ? 14.383  39.028  3.297   1.00 63.62  ? 31 ALA B CA  1 
ATOM   512  C C   . ALA B 2 32 ? 14.654  40.248  4.155   1.00 66.33  ? 31 ALA B C   1 
ATOM   513  O O   . ALA B 2 32 ? 14.734  41.365  3.660   1.00 70.15  ? 31 ALA B O   1 
ATOM   514  C CB  . ALA B 2 32 ? 13.015  38.423  3.648   1.00 57.53  ? 31 ALA B CB  1 
ATOM   515  N N   . GLU B 2 33 ? 14.848  40.011  5.447   1.00 70.95  ? 32 GLU B N   1 
ATOM   516  C CA  . GLU B 2 33 ? 15.098  41.084  6.392   1.00 73.32  ? 32 GLU B CA  1 
ATOM   517  C C   . GLU B 2 33 ? 16.195  42.045  5.964   1.00 73.89  ? 32 GLU B C   1 
ATOM   518  O O   . GLU B 2 33 ? 15.989  43.257  5.967   1.00 76.92  ? 32 GLU B O   1 
ATOM   519  C CB  . GLU B 2 33 ? 15.410  40.510  7.779   1.00 72.28  ? 32 GLU B CB  1 
ATOM   520  C CG  . GLU B 2 33 ? 14.347  39.534  8.276   1.00 81.40  ? 32 GLU B CG  1 
ATOM   521  C CD  . GLU B 2 33 ? 14.498  39.165  9.746   1.00 87.00  ? 32 GLU B CD  1 
ATOM   522  O OE1 . GLU B 2 33 ? 15.648  39.123  10.246  1.00 88.15  ? 32 GLU B OE1 1 
ATOM   523  O OE2 . GLU B 2 33 ? 13.462  38.900  10.396  1.00 83.88  ? 32 GLU B OE2 1 
ATOM   524  N N   . CYS B 2 34 ? 17.362  41.531  5.604   1.00 73.01  ? 33 CYS B N   1 
ATOM   525  C CA  . CYS B 2 34 ? 18.434  42.414  5.197   1.00 76.02  ? 33 CYS B CA  1 
ATOM   526  C C   . CYS B 2 34 ? 18.101  43.154  3.901   1.00 82.49  ? 33 CYS B C   1 
ATOM   527  O O   . CYS B 2 34 ? 18.274  44.373  3.823   1.00 84.04  ? 33 CYS B O   1 
ATOM   528  C CB  . CYS B 2 34 ? 19.738  41.643  5.022   1.00 76.85  ? 33 CYS B CB  1 
ATOM   529  S SG  . CYS B 2 34 ? 21.041  42.660  4.260   1.00 80.77  ? 33 CYS B SG  1 
ATOM   530  N N   . LYS B 2 35 ? 17.624  42.428  2.888   1.00 85.73  ? 34 LYS B N   1 
ATOM   531  C CA  . LYS B 2 35 ? 17.289  43.040  1.596   1.00 89.22  ? 34 LYS B CA  1 
ATOM   532  C C   . LYS B 2 35 ? 16.518  44.322  1.825   1.00 93.50  ? 34 LYS B C   1 
ATOM   533  O O   . LYS B 2 35 ? 16.979  45.406  1.470   1.00 95.93  ? 34 LYS B O   1 
ATOM   534  C CB  . LYS B 2 35 ? 16.463  42.088  0.737   1.00 85.19  ? 34 LYS B CB  1 
ATOM   535  N N   . ALA B 2 36 ? 15.338  44.195  2.422   1.00 96.69  ? 35 ALA B N   1 
ATOM   536  C CA  . ALA B 2 36 ? 14.514  45.359  2.714   1.00 96.91  ? 35 ALA B CA  1 
ATOM   537  C C   . ALA B 2 36 ? 14.785  45.764  4.151   1.00 96.38  ? 35 ALA B C   1 
ATOM   538  O O   . ALA B 2 36 ? 13.816  45.892  4.920   1.00 96.86  ? 35 ALA B O   1 
ATOM   539  C CB  . ALA B 2 36 ? 13.045  45.026  2.530   1.00 99.13  ? 35 ALA B CB  1 
ATOM   540  O OXT . ALA B 2 36 ? 15.970  45.943  4.486   1.00 95.74  ? 35 ALA B OXT 1 
HETATM 541  C C   . ACE C 1 1  ? -31.517 -27.981 -14.544 1.00 82.15  ? 0  ACE C C   1 
HETATM 542  O O   . ACE C 1 1  ? -32.138 -28.363 -13.551 1.00 82.96  ? 0  ACE C O   1 
HETATM 543  C CH3 . ACE C 1 1  ? -32.131 -26.979 -15.485 1.00 80.18  ? 0  ACE C CH3 1 
ATOM   544  N N   . GLU C 1 2  ? -30.309 -28.447 -14.840 1.00 80.15  ? 1  GLU C N   1 
ATOM   545  C CA  . GLU C 1 2  ? -29.654 -29.398 -13.944 1.00 76.78  ? 1  GLU C CA  1 
ATOM   546  C C   . GLU C 1 2  ? -29.154 -28.615 -12.720 1.00 75.04  ? 1  GLU C C   1 
ATOM   547  O O   . GLU C 1 2  ? -29.267 -29.093 -11.585 1.00 75.35  ? 1  GLU C O   1 
ATOM   548  C CB  . GLU C 1 2  ? -28.487 -30.110 -14.648 1.00 77.57  ? 1  GLU C CB  1 
ATOM   549  C CG  . GLU C 1 2  ? -27.176 -30.132 -13.861 1.00 72.87  ? 1  GLU C CG  1 
ATOM   550  N N   . VAL C 1 3  ? -28.622 -27.418 -12.944 1.00 63.89  ? 2  VAL C N   1 
ATOM   551  C CA  . VAL C 1 3  ? -28.139 -26.612 -11.841 1.00 64.02  ? 2  VAL C CA  1 
ATOM   552  C C   . VAL C 1 3  ? -29.265 -26.242 -10.873 1.00 69.32  ? 2  VAL C C   1 
ATOM   553  O O   . VAL C 1 3  ? -29.059 -26.197 -9.652  1.00 69.30  ? 2  VAL C O   1 
ATOM   554  C CB  . VAL C 1 3  ? -27.444 -25.333 -12.353 1.00 64.26  ? 2  VAL C CB  1 
ATOM   555  C CG1 . VAL C 1 3  ? -27.587 -24.217 -11.375 1.00 56.39  ? 2  VAL C CG1 1 
ATOM   556  C CG2 . VAL C 1 3  ? -25.963 -25.597 -12.534 1.00 70.32  ? 2  VAL C CG2 1 
ATOM   557  N N   . LYS C 1 4  ? -30.457 -25.982 -11.399 1.00 66.27  ? 3  LYS C N   1 
ATOM   558  C CA  . LYS C 1 4  ? -31.562 -25.610 -10.521 1.00 66.41  ? 3  LYS C CA  1 
ATOM   559  C C   . LYS C 1 4  ? -32.045 -26.809 -9.730  1.00 61.68  ? 3  LYS C C   1 
ATOM   560  O O   . LYS C 1 4  ? -32.507 -26.651 -8.614  1.00 56.37  ? 3  LYS C O   1 
ATOM   561  C CB  . LYS C 1 4  ? -32.727 -25.017 -11.314 1.00 64.22  ? 3  LYS C CB  1 
ATOM   562  C CG  . LYS C 1 4  ? -32.638 -23.517 -11.555 1.00 67.83  ? 3  LYS C CG  1 
ATOM   563  C CD  . LYS C 1 4  ? -33.781 -23.037 -12.462 1.00 77.33  ? 3  LYS C CD  1 
ATOM   564  C CE  . LYS C 1 4  ? -33.737 -23.700 -13.849 1.00 71.36  ? 3  LYS C CE  1 
ATOM   565  N NZ  . LYS C 1 4  ? -34.785 -23.181 -14.764 1.00 81.19  ? 3  LYS C NZ  1 
ATOM   566  N N   . GLN C 1 5  ? -31.933 -27.997 -10.324 1.00 58.11  ? 4  GLN C N   1 
ATOM   567  C CA  . GLN C 1 5  ? -32.345 -29.239 -9.692  1.00 61.67  ? 4  GLN C CA  1 
ATOM   568  C C   . GLN C 1 5  ? -31.336 -29.586 -8.601  1.00 58.74  ? 4  GLN C C   1 
ATOM   569  O O   . GLN C 1 5  ? -31.703 -30.047 -7.523  1.00 58.07  ? 4  GLN C O   1 
ATOM   570  C CB  . GLN C 1 5  ? -32.404 -30.361 -10.723 1.00 65.08  ? 4  GLN C CB  1 
ATOM   571  C CG  . GLN C 1 5  ? -33.056 -31.621 -10.211 1.00 76.56  ? 4  GLN C CG  1 
ATOM   572  C CD  . GLN C 1 5  ? -34.271 -32.013 -11.026 1.00 85.05  ? 4  GLN C CD  1 
ATOM   573  O OE1 . GLN C 1 5  ? -35.081 -31.160 -11.397 1.00 91.77  ? 4  GLN C OE1 1 
ATOM   574  N NE2 . GLN C 1 5  ? -34.418 -33.310 -11.294 1.00 88.50  ? 4  GLN C NE2 1 
ATOM   575  N N   . LEU C 1 6  ? -30.064 -29.353 -8.882  1.00 51.69  ? 5  LEU C N   1 
ATOM   576  C CA  . LEU C 1 6  ? -29.036 -29.607 -7.903  1.00 51.25  ? 5  LEU C CA  1 
ATOM   577  C C   . LEU C 1 6  ? -29.140 -28.566 -6.789  1.00 52.54  ? 5  LEU C C   1 
ATOM   578  O O   . LEU C 1 6  ? -28.725 -28.836 -5.653  1.00 46.08  ? 5  LEU C O   1 
ATOM   579  C CB  . LEU C 1 6  ? -27.633 -29.575 -8.538  1.00 51.55  ? 5  LEU C CB  1 
ATOM   580  C CG  . LEU C 1 6  ? -27.251 -30.812 -9.375  1.00 59.70  ? 5  LEU C CG  1 
ATOM   581  C CD1 . LEU C 1 6  ? -25.897 -30.541 -10.032 1.00 47.39  ? 5  LEU C CD1 1 
ATOM   582  C CD2 . LEU C 1 6  ? -27.186 -32.131 -8.494  1.00 54.47  ? 5  LEU C CD2 1 
ATOM   583  N N   . GLU C 1 7  ? -29.677 -27.378 -7.073  1.00 45.93  ? 6  GLU C N   1 
ATOM   584  C CA  . GLU C 1 7  ? -29.779 -26.393 -5.979  1.00 43.29  ? 6  GLU C CA  1 
ATOM   585  C C   . GLU C 1 7  ? -30.952 -26.732 -5.052  1.00 49.70  ? 6  GLU C C   1 
ATOM   586  O O   . GLU C 1 7  ? -30.939 -26.396 -3.852  1.00 44.06  ? 6  GLU C O   1 
ATOM   587  C CB  . GLU C 1 7  ? -29.960 -24.980 -6.504  1.00 53.54  ? 6  GLU C CB  1 
ATOM   588  C CG  . GLU C 1 7  ? -28.689 -24.297 -6.900  1.00 63.96  ? 6  GLU C CG  1 
ATOM   589  C CD  . GLU C 1 7  ? -28.997 -22.961 -7.525  1.00 74.50  ? 6  GLU C CD  1 
ATOM   590  O OE1 . GLU C 1 7  ? -29.847 -22.975 -8.444  1.00 79.01  ? 6  GLU C OE1 1 
ATOM   591  O OE2 . GLU C 1 7  ? -28.416 -21.925 -7.103  1.00 70.54  ? 6  GLU C OE2 1 
ATOM   592  N N   . ALA C 1 8  ? -31.956 -27.399 -5.615  1.00 45.31  ? 7  ALA C N   1 
ATOM   593  C CA  . ALA C 1 8  ? -33.125 -27.807 -4.846  1.00 52.17  ? 7  ALA C CA  1 
ATOM   594  C C   . ALA C 1 8  ? -32.708 -29.006 -3.974  1.00 48.26  ? 7  ALA C C   1 
ATOM   595  O O   . ALA C 1 8  ? -33.183 -29.162 -2.868  1.00 46.58  ? 7  ALA C O   1 
ATOM   596  C CB  . ALA C 1 8  ? -34.262 -28.229 -5.788  1.00 46.59  ? 7  ALA C CB  1 
ATOM   597  N N   . GLU C 1 9  ? -31.830 -29.850 -4.504  1.00 49.84  ? 8  GLU C N   1 
ATOM   598  C CA  . GLU C 1 9  ? -31.373 -31.026 -3.776  1.00 51.37  ? 8  GLU C CA  1 
ATOM   599  C C   . GLU C 1 9  ? -30.550 -30.594 -2.589  1.00 45.72  ? 8  GLU C C   1 
ATOM   600  O O   . GLU C 1 9  ? -30.679 -31.155 -1.532  1.00 43.23  ? 8  GLU C O   1 
ATOM   601  C CB  . GLU C 1 9  ? -30.531 -31.966 -4.651  1.00 50.95  ? 8  GLU C CB  1 
ATOM   602  C CG  . GLU C 1 9  ? -30.135 -33.273 -3.893  1.00 55.56  ? 8  GLU C CG  1 
ATOM   603  C CD  . GLU C 1 9  ? -29.528 -34.366 -4.786  1.00 63.67  ? 8  GLU C CD  1 
ATOM   604  O OE1 . GLU C 1 9  ? -29.165 -34.068 -5.951  1.00 59.98  ? 8  GLU C OE1 1 
ATOM   605  O OE2 . GLU C 1 9  ? -29.397 -35.522 -4.311  1.00 60.10  ? 8  GLU C OE2 1 
ATOM   606  N N   . VAL C 1 10 ? -29.691 -29.608 -2.783  1.00 44.08  ? 9  VAL C N   1 
ATOM   607  C CA  . VAL C 1 10 ? -28.873 -29.097 -1.717  1.00 40.00  ? 9  VAL C CA  1 
ATOM   608  C C   . VAL C 1 10 ? -29.767 -28.546 -0.603  1.00 45.16  ? 9  VAL C C   1 
ATOM   609  O O   . VAL C 1 10 ? -29.524 -28.789 0.586   1.00 40.48  ? 9  VAL C O   1 
ATOM   610  C CB  . VAL C 1 10 ? -27.960 -27.954 -2.201  1.00 41.89  ? 9  VAL C CB  1 
ATOM   611  C CG1 . VAL C 1 10 ? -27.524 -27.079 -1.014  1.00 42.08  ? 9  VAL C CG1 1 
ATOM   612  C CG2 . VAL C 1 10 ? -26.752 -28.505 -2.872  1.00 45.81  ? 9  VAL C CG2 1 
ATOM   613  N N   . GLU C 1 11 ? -30.829 -27.832 -0.972  1.00 38.49  ? 10 GLU C N   1 
ATOM   614  C CA  . GLU C 1 11 ? -31.655 -27.240 0.051   1.00 40.46  ? 10 GLU C CA  1 
ATOM   615  C C   . GLU C 1 11 ? -32.388 -28.282 0.843   1.00 40.88  ? 10 GLU C C   1 
ATOM   616  O O   . GLU C 1 11 ? -32.539 -28.164 2.076   1.00 41.70  ? 10 GLU C O   1 
ATOM   617  C CB  . GLU C 1 11 ? -32.625 -26.239 -0.570  1.00 43.02  ? 10 GLU C CB  1 
ATOM   618  C CG  . GLU C 1 11 ? -33.656 -25.700 0.385   1.00 39.32  ? 10 GLU C CG  1 
ATOM   619  C CD  . GLU C 1 11 ? -33.104 -25.024 1.622   1.00 45.39  ? 10 GLU C CD  1 
ATOM   620  O OE1 . GLU C 1 11 ? -31.918 -24.633 1.651   1.00 42.64  ? 10 GLU C OE1 1 
ATOM   621  O OE2 . GLU C 1 11 ? -33.890 -24.863 2.580   1.00 49.34  ? 10 GLU C OE2 1 
ATOM   622  N N   . GLU C 1 12 ? -32.832 -29.315 0.147   1.00 41.86  ? 11 GLU C N   1 
ATOM   623  C CA  . GLU C 1 12 ? -33.563 -30.401 0.810   1.00 47.68  ? 11 GLU C CA  1 
ATOM   624  C C   . GLU C 1 12 ? -32.656 -31.151 1.752   1.00 41.59  ? 11 GLU C C   1 
ATOM   625  O O   . GLU C 1 12 ? -33.066 -31.468 2.845   1.00 41.84  ? 11 GLU C O   1 
ATOM   626  C CB  . GLU C 1 12 ? -34.171 -31.301 -0.237  1.00 46.04  ? 11 GLU C CB  1 
ATOM   627  C CG  . GLU C 1 12 ? -35.142 -30.443 -1.067  1.00 56.55  ? 11 GLU C CG  1 
ATOM   628  C CD  . GLU C 1 12 ? -36.037 -31.234 -1.975  1.00 63.86  ? 11 GLU C CD  1 
ATOM   629  O OE1 . GLU C 1 12 ? -35.626 -32.350 -2.369  1.00 61.36  ? 11 GLU C OE1 1 
ATOM   630  O OE2 . GLU C 1 12 ? -37.138 -30.721 -2.301  1.00 58.86  ? 11 GLU C OE2 1 
ATOM   631  N N   . LEU C 1 13 ? -31.419 -31.393 1.339   1.00 38.89  ? 12 LEU C N   1 
ATOM   632  C CA  . LEU C 1 13 ? -30.488 -32.038 2.235   1.00 40.76  ? 12 LEU C CA  1 
ATOM   633  C C   . LEU C 1 13 ? -30.133 -31.107 3.409   1.00 45.55  ? 12 LEU C C   1 
ATOM   634  O O   . LEU C 1 13 ? -30.053 -31.559 4.559   1.00 39.53  ? 12 LEU C O   1 
ATOM   635  C CB  . LEU C 1 13 ? -29.219 -32.437 1.498   1.00 39.61  ? 12 LEU C CB  1 
ATOM   636  C CG  . LEU C 1 13 ? -29.401 -33.587 0.506   1.00 39.96  ? 12 LEU C CG  1 
ATOM   637  C CD1 . LEU C 1 13 ? -28.251 -33.543 -0.501  1.00 37.53  ? 12 LEU C CD1 1 
ATOM   638  C CD2 . LEU C 1 13 ? -29.425 -34.905 1.251   1.00 41.28  ? 12 LEU C CD2 1 
ATOM   639  N N   . GLU C 1 14 ? -29.913 -29.808 3.159   1.00 42.44  ? 13 GLU C N   1 
ATOM   640  C CA  . GLU C 1 14 ? -29.576 -28.933 4.297   1.00 46.71  ? 13 GLU C CA  1 
ATOM   641  C C   . GLU C 1 14 ? -30.763 -28.890 5.233   1.00 43.63  ? 13 GLU C C   1 
ATOM   642  O O   . GLU C 1 14 ? -30.616 -28.879 6.455   1.00 43.84  ? 13 GLU C O   1 
ATOM   643  C CB  . GLU C 1 14 ? -29.227 -27.482 3.864   1.00 37.33  ? 13 GLU C CB  1 
ATOM   644  C CG  . GLU C 1 14 ? -28.057 -27.468 2.945   1.00 45.41  ? 13 GLU C CG  1 
ATOM   645  C CD  . GLU C 1 14 ? -27.628 -26.070 2.571   1.00 56.90  ? 13 GLU C CD  1 
ATOM   646  O OE1 . GLU C 1 14 ? -28.512 -25.230 2.267   1.00 59.41  ? 13 GLU C OE1 1 
ATOM   647  O OE2 . GLU C 1 14 ? -26.405 -25.820 2.591   1.00 58.74  ? 13 GLU C OE2 1 
ATOM   648  N N   . SER C 1 15 ? -31.952 -28.851 4.661   1.00 39.39  ? 14 SER C N   1 
ATOM   649  C CA  . SER C 1 15 ? -33.116 -28.810 5.525   1.00 43.05  ? 14 SER C CA  1 
ATOM   650  C C   . SER C 1 15 ? -33.250 -30.101 6.349   1.00 48.03  ? 14 SER C C   1 
ATOM   651  O O   . SER C 1 15 ? -33.588 -30.055 7.529   1.00 46.71  ? 14 SER C O   1 
ATOM   652  C CB  . SER C 1 15 ? -34.382 -28.618 4.737   1.00 41.74  ? 14 SER C CB  1 
ATOM   653  O OG  . SER C 1 15 ? -35.438 -28.366 5.634   1.00 53.83  ? 14 SER C OG  1 
ATOM   654  N N   . GLU C 1 16 ? -32.971 -31.242 5.730   1.00 46.95  ? 15 GLU C N   1 
ATOM   655  C CA  . GLU C 1 16 ? -33.095 -32.514 6.440   1.00 49.73  ? 15 GLU C CA  1 
ATOM   656  C C   . GLU C 1 16 ? -32.052 -32.611 7.553   1.00 47.68  ? 15 GLU C C   1 
ATOM   657  O O   . GLU C 1 16 ? -32.359 -33.086 8.641   1.00 40.61  ? 15 GLU C O   1 
ATOM   658  C CB  . GLU C 1 16 ? -32.927 -33.680 5.478   1.00 50.01  ? 15 GLU C CB  1 
ATOM   659  C CG  . GLU C 1 16 ? -32.821 -34.986 6.222   1.00 64.10  ? 15 GLU C CG  1 
ATOM   660  C CD  . GLU C 1 16 ? -33.188 -36.167 5.368   1.00 71.26  ? 15 GLU C CD  1 
ATOM   661  O OE1 . GLU C 1 16 ? -32.535 -36.377 4.320   1.00 70.11  ? 15 GLU C OE1 1 
ATOM   662  O OE2 . GLU C 1 16 ? -34.140 -36.872 5.754   1.00 77.05  ? 15 GLU C OE2 1 
ATOM   663  N N   . LEU C 1 17 ? -30.816 -32.162 7.273   1.00 45.41  ? 16 LEU C N   1 
ATOM   664  C CA  . LEU C 1 17 ? -29.742 -32.161 8.278   1.00 40.17  ? 16 LEU C CA  1 
ATOM   665  C C   . LEU C 1 17 ? -30.141 -31.284 9.466   1.00 43.65  ? 16 LEU C C   1 
ATOM   666  O O   . LEU C 1 17 ? -29.954 -31.653 10.618  1.00 44.28  ? 16 LEU C O   1 
ATOM   667  C CB  . LEU C 1 17 ? -28.412 -31.624 7.679   1.00 39.64  ? 16 LEU C CB  1 
ATOM   668  C CG  . LEU C 1 17 ? -27.692 -32.576 6.712   1.00 46.35  ? 16 LEU C CG  1 
ATOM   669  C CD1 . LEU C 1 17 ? -26.641 -31.835 5.896   1.00 56.76  ? 16 LEU C CD1 1 
ATOM   670  C CD2 . LEU C 1 17 ? -27.026 -33.680 7.476   1.00 37.80  ? 16 LEU C CD2 1 
ATOM   671  N N   . TRP C 1 18 ? -30.713 -30.126 9.190   1.00 43.45  ? 17 TRP C N   1 
ATOM   672  C CA  . TRP C 1 18 ? -31.073 -29.231 10.264  1.00 45.51  ? 17 TRP C CA  1 
ATOM   673  C C   . TRP C 1 18 ? -32.112 -29.848 11.173  1.00 48.71  ? 17 TRP C C   1 
ATOM   674  O O   . TRP C 1 18 ? -32.026 -29.740 12.388  1.00 47.97  ? 17 TRP C O   1 
ATOM   675  C CB  . TRP C 1 18 ? -31.606 -27.905 9.732   1.00 51.14  ? 17 TRP C CB  1 
ATOM   676  C CG  . TRP C 1 18 ? -31.763 -26.903 10.852  1.00 43.62  ? 17 TRP C CG  1 
ATOM   677  C CD1 . TRP C 1 18 ? -30.810 -26.532 11.766  1.00 48.84  ? 17 TRP C CD1 1 
ATOM   678  C CD2 . TRP C 1 18 ? -32.913 -26.164 11.155  1.00 44.64  ? 17 TRP C CD2 1 
ATOM   679  N NE1 . TRP C 1 18 ? -31.310 -25.599 12.619  1.00 51.72  ? 17 TRP C NE1 1 
ATOM   680  C CE2 . TRP C 1 18 ? -32.610 -25.353 12.265  1.00 51.62  ? 17 TRP C CE2 1 
ATOM   681  C CE3 . TRP C 1 18 ? -34.185 -26.098 10.601  1.00 49.56  ? 17 TRP C CE3 1 
ATOM   682  C CZ2 . TRP C 1 18 ? -33.527 -24.501 12.823  1.00 52.29  ? 17 TRP C CZ2 1 
ATOM   683  C CZ3 . TRP C 1 18 ? -35.095 -25.245 11.154  1.00 55.00  ? 17 TRP C CZ3 1 
ATOM   684  C CH2 . TRP C 1 18 ? -34.768 -24.457 12.250  1.00 57.24  ? 17 TRP C CH2 1 
ATOM   685  N N   . HIS C 1 19 ? -33.098 -30.482 10.561  1.00 49.77  ? 18 HIS C N   1 
ATOM   686  C CA  . HIS C 1 19 ? -34.152 -31.144 11.297  1.00 48.90  ? 18 HIS C CA  1 
ATOM   687  C C   . HIS C 1 19 ? -33.577 -32.302 12.140  1.00 43.22  ? 18 HIS C C   1 
ATOM   688  O O   . HIS C 1 19 ? -34.011 -32.498 13.250  1.00 45.75  ? 18 HIS C O   1 
ATOM   689  C CB  . HIS C 1 19 ? -35.225 -31.653 10.346  1.00 42.26  ? 18 HIS C CB  1 
ATOM   690  C CG  . HIS C 1 19 ? -36.046 -30.557 9.732   1.00 53.70  ? 18 HIS C CG  1 
ATOM   691  N ND1 . HIS C 1 19 ? -36.347 -29.391 10.405  1.00 50.51  ? 18 HIS C ND1 1 
ATOM   692  C CD2 . HIS C 1 19 ? -36.635 -30.457 8.515   1.00 51.03  ? 18 HIS C CD2 1 
ATOM   693  C CE1 . HIS C 1 19 ? -37.084 -28.616 9.627   1.00 44.84  ? 18 HIS C CE1 1 
ATOM   694  N NE2 . HIS C 1 19 ? -37.270 -29.241 8.474   1.00 52.14  ? 18 HIS C NE2 1 
ATOM   695  N N   . LEU C 1 20 ? -32.637 -33.063 11.589  1.00 43.69  ? 19 LEU C N   1 
ATOM   696  C CA  . LEU C 1 20 ? -31.983 -34.155 12.332  1.00 44.88  ? 19 LEU C CA  1 
ATOM   697  C C   . LEU C 1 20 ? -31.241 -33.558 13.525  1.00 44.57  ? 19 LEU C C   1 
ATOM   698  O O   . LEU C 1 20 ? -31.418 -33.994 14.670  1.00 48.36  ? 19 LEU C O   1 
ATOM   699  C CB  . LEU C 1 20 ? -31.020 -34.940 11.424  1.00 41.81  ? 19 LEU C CB  1 
ATOM   700  C CG  . LEU C 1 20 ? -31.677 -36.045 10.585  1.00 42.42  ? 19 LEU C CG  1 
ATOM   701  C CD1 . LEU C 1 20 ? -30.745 -36.565 9.481   1.00 45.49  ? 19 LEU C CD1 1 
ATOM   702  C CD2 . LEU C 1 20 ? -32.044 -37.206 11.534  1.00 51.40  ? 19 LEU C CD2 1 
ATOM   703  N N   . GLU C 1 21 ? -30.436 -32.536 13.281  1.00 45.05  ? 20 GLU C N   1 
ATOM   704  C CA  . GLU C 1 21 ? -29.711 -31.868 14.370  1.00 46.12  ? 20 GLU C CA  1 
ATOM   705  C C   . GLU C 1 21 ? -30.669 -31.399 15.461  1.00 47.26  ? 20 GLU C C   1 
ATOM   706  O O   . GLU C 1 21 ? -30.359 -31.543 16.634  1.00 44.63  ? 20 GLU C O   1 
ATOM   707  C CB  . GLU C 1 21 ? -28.935 -30.653 13.859  1.00 45.55  ? 20 GLU C CB  1 
ATOM   708  C CG  . GLU C 1 21 ? -27.763 -31.013 12.979  1.00 37.37  ? 20 GLU C CG  1 
ATOM   709  C CD  . GLU C 1 21 ? -27.244 -29.780 12.185  1.00 53.62  ? 20 GLU C CD  1 
ATOM   710  O OE1 . GLU C 1 21 ? -27.956 -28.761 12.117  1.00 48.12  ? 20 GLU C OE1 1 
ATOM   711  O OE2 . GLU C 1 21 ? -26.130 -29.843 11.620  1.00 55.68  ? 20 GLU C OE2 1 
ATOM   712  N N   . ASN C 1 22 ? -31.830 -30.850 15.101  1.00 47.92  ? 21 ASN C N   1 
ATOM   713  C CA  . ASN C 1 22 ? -32.777 -30.393 16.166  1.00 53.37  ? 21 ASN C CA  1 
ATOM   714  C C   . ASN C 1 22 ? -33.396 -31.593 16.919  1.00 53.70  ? 21 ASN C C   1 
ATOM   715  O O   . ASN C 1 22 ? -33.734 -31.498 18.090  1.00 55.78  ? 21 ASN C O   1 
ATOM   716  C CB  . ASN C 1 22 ? -33.915 -29.547 15.594  1.00 52.02  ? 21 ASN C CB  1 
ATOM   717  C CG  . ASN C 1 22 ? -33.422 -28.272 14.921  1.00 62.29  ? 21 ASN C CG  1 
ATOM   718  O OD1 . ASN C 1 22 ? -33.958 -27.850 13.906  1.00 71.89  ? 21 ASN C OD1 1 
ATOM   719  N ND2 . ASN C 1 22 ? -32.408 -27.641 15.506  1.00 64.54  ? 21 ASN C ND2 1 
ATOM   720  N N   . GLU C 1 23 ? -33.562 -32.707 16.215  1.00 48.13  ? 22 GLU C N   1 
ATOM   721  C CA  . GLU C 1 23 ? -34.105 -33.927 16.802  1.00 47.49  ? 22 GLU C CA  1 
ATOM   722  C C   . GLU C 1 23 ? -33.026 -34.404 17.810  1.00 45.24  ? 22 GLU C C   1 
ATOM   723  O O   . GLU C 1 23 ? -33.330 -34.858 18.922  1.00 43.23  ? 22 GLU C O   1 
ATOM   724  C CB  . GLU C 1 23 ? -34.305 -34.948 15.692  1.00 41.08  ? 22 GLU C CB  1 
ATOM   725  C CG  . GLU C 1 23 ? -34.829 -36.288 16.088  1.00 57.45  ? 22 GLU C CG  1 
ATOM   726  C CD  . GLU C 1 23 ? -36.349 -36.355 16.158  1.00 63.95  ? 22 GLU C CD  1 
ATOM   727  O OE1 . GLU C 1 23 ? -36.910 -37.342 15.628  1.00 68.58  ? 22 GLU C OE1 1 
ATOM   728  O OE2 . GLU C 1 23 ? -36.976 -35.443 16.744  1.00 67.34  ? 22 GLU C OE2 1 
ATOM   729  N N   . VAL C 1 24 ? -31.764 -34.278 17.421  1.00 45.68  ? 23 VAL C N   1 
ATOM   730  C CA  . VAL C 1 24 ? -30.667 -34.688 18.293  1.00 48.15  ? 23 VAL C CA  1 
ATOM   731  C C   . VAL C 1 24 ? -30.734 -33.887 19.586  1.00 50.97  ? 23 VAL C C   1 
ATOM   732  O O   . VAL C 1 24 ? -30.755 -34.448 20.678  1.00 47.89  ? 23 VAL C O   1 
ATOM   733  C CB  . VAL C 1 24 ? -29.256 -34.492 17.613  1.00 44.63  ? 23 VAL C CB  1 
ATOM   734  C CG1 . VAL C 1 24 ? -28.128 -34.454 18.671  1.00 47.21  ? 23 VAL C CG1 1 
ATOM   735  C CG2 . VAL C 1 24 ? -28.994 -35.668 16.659  1.00 40.73  ? 23 VAL C CG2 1 
ATOM   736  N N   . ALA C 1 25 ? -30.776 -32.578 19.462  1.00 48.83  ? 24 ALA C N   1 
ATOM   737  C CA  . ALA C 1 25 ? -30.832 -31.729 20.642  1.00 53.52  ? 24 ALA C CA  1 
ATOM   738  C C   . ALA C 1 25 ? -32.036 -32.101 21.523  1.00 56.47  ? 24 ALA C C   1 
ATOM   739  O O   . ALA C 1 25 ? -31.924 -32.221 22.733  1.00 58.80  ? 24 ALA C O   1 
ATOM   740  C CB  . ALA C 1 25 ? -30.923 -30.282 20.215  1.00 53.06  ? 24 ALA C CB  1 
ATOM   741  N N   . ARG C 1 26 ? -33.188 -32.285 20.903  1.00 54.50  ? 25 ARG C N   1 
ATOM   742  C CA  . ARG C 1 26 ? -34.385 -32.649 21.636  1.00 53.57  ? 25 ARG C CA  1 
ATOM   743  C C   . ARG C 1 26 ? -34.245 -33.972 22.416  1.00 48.60  ? 25 ARG C C   1 
ATOM   744  O O   . ARG C 1 26 ? -34.651 -34.047 23.546  1.00 43.14  ? 25 ARG C O   1 
ATOM   745  C CB  . ARG C 1 26 ? -35.570 -32.804 20.679  1.00 58.21  ? 25 ARG C CB  1 
ATOM   746  C CG  . ARG C 1 26 ? -36.900 -33.110 21.385  1.00 63.27  ? 25 ARG C CG  1 
ATOM   747  C CD  . ARG C 1 26 ? -37.932 -33.680 20.413  1.00 74.41  ? 25 ARG C CD  1 
ATOM   748  N NE  . ARG C 1 26 ? -37.774 -35.117 20.222  1.00 76.49  ? 25 ARG C NE  1 
ATOM   749  C CZ  . ARG C 1 26 ? -38.232 -35.784 19.166  1.00 80.58  ? 25 ARG C CZ  1 
ATOM   750  N NH1 . ARG C 1 26 ? -38.873 -35.117 18.210  1.00 80.72  ? 25 ARG C NH1 1 
ATOM   751  N NH2 . ARG C 1 26 ? -38.050 -37.106 19.059  1.00 64.59  ? 25 ARG C NH2 1 
ATOM   752  N N   . LEU C 1 27 ? -33.741 -35.017 21.776  1.00 42.24  ? 26 LEU C N   1 
ATOM   753  C CA  . LEU C 1 27 ? -33.614 -36.317 22.413  1.00 45.00  ? 26 LEU C CA  1 
ATOM   754  C C   . LEU C 1 27 ? -32.569 -36.270 23.525  1.00 51.67  ? 26 LEU C C   1 
ATOM   755  O O   . LEU C 1 27 ? -32.681 -37.004 24.521  1.00 45.75  ? 26 LEU C O   1 
ATOM   756  C CB  . LEU C 1 27 ? -33.247 -37.405 21.366  1.00 47.96  ? 26 LEU C CB  1 
ATOM   757  C CG  . LEU C 1 27 ? -34.348 -37.889 20.390  1.00 49.90  ? 26 LEU C CG  1 
ATOM   758  C CD1 . LEU C 1 27 ? -33.714 -38.673 19.225  1.00 32.98  ? 26 LEU C CD1 1 
ATOM   759  C CD2 . LEU C 1 27 ? -35.374 -38.798 21.148  1.00 47.06  ? 26 LEU C CD2 1 
ATOM   760  N N   . GLU C 1 28 ? -31.555 -35.417 23.365  1.00 47.03  ? 27 GLU C N   1 
ATOM   761  C CA  . GLU C 1 28 ? -30.519 -35.322 24.386  1.00 58.18  ? 27 GLU C CA  1 
ATOM   762  C C   . GLU C 1 28 ? -31.082 -34.658 25.629  1.00 59.70  ? 27 GLU C C   1 
ATOM   763  O O   . GLU C 1 28 ? -30.790 -35.055 26.764  1.00 61.90  ? 27 GLU C O   1 
ATOM   764  C CB  . GLU C 1 28 ? -29.296 -34.539 23.874  1.00 56.98  ? 27 GLU C CB  1 
ATOM   765  C CG  . GLU C 1 28 ? -28.483 -35.312 22.846  1.00 64.77  ? 27 GLU C CG  1 
ATOM   766  C CD  . GLU C 1 28 ? -27.202 -34.604 22.437  1.00 68.53  ? 27 GLU C CD  1 
ATOM   767  O OE1 . GLU C 1 28 ? -27.194 -33.343 22.390  1.00 67.82  ? 27 GLU C OE1 1 
ATOM   768  O OE2 . GLU C 1 28 ? -26.218 -35.325 22.139  1.00 64.24  ? 27 GLU C OE2 1 
ATOM   769  N N   . LYS C 1 29 ? -31.906 -33.649 25.411  1.00 61.11  ? 28 LYS C N   1 
ATOM   770  C CA  . LYS C 1 29 ? -32.507 -32.945 26.523  1.00 58.35  ? 28 LYS C CA  1 
ATOM   771  C C   . LYS C 1 29 ? -33.525 -33.862 27.213  1.00 61.36  ? 28 LYS C C   1 
ATOM   772  O O   . LYS C 1 29 ? -33.599 -33.893 28.430  1.00 64.81  ? 28 LYS C O   1 
ATOM   773  C CB  . LYS C 1 29 ? -33.152 -31.651 26.018  1.00 57.99  ? 28 LYS C CB  1 
ATOM   774  C CG  . LYS C 1 29 ? -33.754 -30.755 27.101  1.00 59.18  ? 28 LYS C CG  1 
ATOM   775  C CD  . LYS C 1 29 ? -34.271 -29.481 26.483  1.00 56.19  ? 28 LYS C CD  1 
ATOM   776  C CE  . LYS C 1 29 ? -34.949 -28.554 27.481  1.00 70.45  ? 28 LYS C CE  1 
ATOM   777  N NZ  . LYS C 1 29 ? -35.600 -27.398 26.749  1.00 69.13  ? 28 LYS C NZ  1 
ATOM   778  N N   . GLU C 1 30 ? -34.285 -34.642 26.454  1.00 59.79  ? 29 GLU C N   1 
ATOM   779  C CA  . GLU C 1 30 ? -35.261 -35.541 27.079  1.00 62.84  ? 29 GLU C CA  1 
ATOM   780  C C   . GLU C 1 30 ? -34.608 -36.722 27.795  1.00 61.80  ? 29 GLU C C   1 
ATOM   781  O O   . GLU C 1 30 ? -35.025 -37.102 28.886  1.00 57.06  ? 29 GLU C O   1 
ATOM   782  C CB  . GLU C 1 30 ? -36.250 -36.083 26.046  1.00 65.37  ? 29 GLU C CB  1 
ATOM   783  C CG  . GLU C 1 30 ? -35.786 -37.383 25.363  1.00 68.39  ? 29 GLU C CG  1 
ATOM   784  N N   . ASN C 1 31 ? -33.622 -37.340 27.153  1.00 60.17  ? 30 ASN C N   1 
ATOM   785  C CA  . ASN C 1 31 ? -32.936 -38.464 27.765  1.00 62.27  ? 30 ASN C CA  1 
ATOM   786  C C   . ASN C 1 31 ? -32.336 -38.013 29.100  1.00 64.81  ? 30 ASN C C   1 
ATOM   787  O O   . ASN C 1 31 ? -32.424 -38.733 30.088  1.00 67.07  ? 30 ASN C O   1 
ATOM   788  C CB  . ASN C 1 31 ? -31.850 -39.004 26.836  1.00 58.27  ? 30 ASN C CB  1 
ATOM   789  C CG  . ASN C 1 31 ? -32.416 -39.943 25.733  1.00 65.69  ? 30 ASN C CG  1 
ATOM   790  O OD1 . ASN C 1 31 ? -33.644 -40.059 25.534  1.00 55.93  ? 30 ASN C OD1 1 
ATOM   791  N ND2 . ASN C 1 31 ? -31.506 -40.605 25.007  1.00 52.22  ? 30 ASN C ND2 1 
ATOM   792  N N   . ALA C 1 32 ? -31.743 -36.824 29.132  1.00 63.79  ? 31 ALA C N   1 
ATOM   793  C CA  . ALA C 1 32 ? -31.171 -36.300 30.371  1.00 70.16  ? 31 ALA C CA  1 
ATOM   794  C C   . ALA C 1 32 ? -32.268 -36.109 31.423  1.00 73.35  ? 31 ALA C C   1 
ATOM   795  O O   . ALA C 1 32 ? -32.107 -36.477 32.587  1.00 74.88  ? 31 ALA C O   1 
ATOM   796  C CB  . ALA C 1 32 ? -30.495 -34.986 30.111  1.00 69.91  ? 31 ALA C CB  1 
ATOM   797  N N   . GLU C 1 33 ? -33.391 -35.538 31.001  1.00 75.30  ? 32 GLU C N   1 
ATOM   798  C CA  . GLU C 1 33 ? -34.515 -35.289 31.894  1.00 74.49  ? 32 GLU C CA  1 
ATOM   799  C C   . GLU C 1 33 ? -35.070 -36.585 32.477  1.00 76.09  ? 32 GLU C C   1 
ATOM   800  O O   . GLU C 1 33 ? -35.431 -36.627 33.655  1.00 75.72  ? 32 GLU C O   1 
ATOM   801  C CB  . GLU C 1 33 ? -35.622 -34.554 31.148  1.00 72.80  ? 32 GLU C CB  1 
ATOM   802  C CG  . GLU C 1 33 ? -35.344 -33.080 30.916  1.00 74.27  ? 32 GLU C CG  1 
ATOM   803  N N   . CYS C 1 34 ? -35.140 -37.626 31.647  1.00 76.61  ? 33 CYS C N   1 
ATOM   804  C CA  . CYS C 1 34 ? -35.642 -38.933 32.063  1.00 80.23  ? 33 CYS C CA  1 
ATOM   805  C C   . CYS C 1 34 ? -34.714 -39.533 33.093  1.00 81.79  ? 33 CYS C C   1 
ATOM   806  O O   . CYS C 1 34 ? -35.152 -40.208 34.014  1.00 82.87  ? 33 CYS C O   1 
ATOM   807  C CB  . CYS C 1 34 ? -35.726 -39.912 30.895  1.00 82.57  ? 33 CYS C CB  1 
ATOM   808  S SG  . CYS C 1 34 ? -36.036 -41.606 31.503  1.00 88.79  ? 33 CYS C SG  1 
ATOM   809  N N   . GLU C 1 35 ? -33.421 -39.302 32.914  1.00 83.14  ? 34 GLU C N   1 
ATOM   810  C CA  . GLU C 1 35 ? -32.428 -39.805 33.844  1.00 81.66  ? 34 GLU C CA  1 
ATOM   811  C C   . GLU C 1 35 ? -32.418 -38.944 35.104  1.00 82.97  ? 34 GLU C C   1 
ATOM   812  O O   . GLU C 1 35 ? -32.047 -39.418 36.182  1.00 80.76  ? 34 GLU C O   1 
ATOM   813  C CB  . GLU C 1 35 ? -31.043 -39.791 33.200  1.00 77.77  ? 34 GLU C CB  1 
ATOM   814  C CG  . GLU C 1 35 ? -30.742 -41.031 32.432  1.00 77.45  ? 34 GLU C CG  1 
ATOM   815  N N   . ALA C 1 36 ? -32.842 -37.690 34.975  1.00 82.11  ? 35 ALA C N   1 
ATOM   816  C CA  . ALA C 1 36 ? -32.853 -36.778 36.116  1.00 84.69  ? 35 ALA C CA  1 
ATOM   817  C C   . ALA C 1 36 ? -33.900 -37.154 37.168  1.00 84.73  ? 35 ALA C C   1 
ATOM   818  O O   . ALA C 1 36 ? -33.523 -37.811 38.162  1.00 83.39  ? 35 ALA C O   1 
ATOM   819  C CB  . ALA C 1 36 ? -33.083 -35.338 35.636  1.00 84.47  ? 35 ALA C CB  1 
ATOM   820  O OXT . ALA C 1 36 ? -35.085 -36.799 36.989  1.00 87.25  ? 35 ALA C OXT 1 
HETATM 821  C C   . ACE D 2 1  ? -19.014 -26.274 -11.790 1.00 90.91  ? 0  ACE D C   1 
HETATM 822  O O   . ACE D 2 1  ? -18.826 -26.638 -10.631 1.00 91.25  ? 0  ACE D O   1 
HETATM 823  C CH3 . ACE D 2 1  ? -17.950 -26.489 -12.823 1.00 93.23  ? 0  ACE D CH3 1 
ATOM   824  N N   . LYS D 2 2  ? -20.137 -25.674 -12.179 1.00 90.45  ? 1  LYS D N   1 
ATOM   825  C CA  . LYS D 2 2  ? -21.222 -25.446 -11.228 1.00 86.43  ? 1  LYS D CA  1 
ATOM   826  C C   . LYS D 2 2  ? -21.813 -26.813 -10.947 1.00 82.49  ? 1  LYS D C   1 
ATOM   827  O O   . LYS D 2 2  ? -21.985 -27.213 -9.802  1.00 79.74  ? 1  LYS D O   1 
ATOM   828  C CB  . LYS D 2 2  ? -22.306 -24.542 -11.824 1.00 88.75  ? 1  LYS D CB  1 
ATOM   829  C CG  . LYS D 2 2  ? -23.201 -23.915 -10.771 1.00 87.27  ? 1  LYS D CG  1 
ATOM   830  C CD  . LYS D 2 2  ? -22.336 -23.094 -9.827  1.00 92.14  ? 1  LYS D CD  1 
ATOM   831  C CE  . LYS D 2 2  ? -23.136 -22.408 -8.747  1.00 89.85  ? 1  LYS D CE  1 
ATOM   832  N NZ  . LYS D 2 2  ? -22.212 -21.598 -7.908  1.00 89.63  ? 1  LYS D NZ  1 
ATOM   833  N N   . VAL D 2 3  ? -22.113 -27.531 -12.019 1.00 78.67  ? 2  VAL D N   1 
ATOM   834  C CA  . VAL D 2 3  ? -22.672 -28.857 -11.900 1.00 79.53  ? 2  VAL D CA  1 
ATOM   835  C C   . VAL D 2 3  ? -21.700 -29.739 -11.119 1.00 82.10  ? 2  VAL D C   1 
ATOM   836  O O   . VAL D 2 3  ? -22.062 -30.352 -10.111 1.00 79.37  ? 2  VAL D O   1 
ATOM   837  C CB  . VAL D 2 3  ? -22.931 -29.459 -13.288 1.00 75.12  ? 2  VAL D CB  1 
ATOM   838  C CG1 . VAL D 2 3  ? -23.532 -30.854 -13.156 1.00 76.08  ? 2  VAL D CG1 1 
ATOM   839  C CG2 . VAL D 2 3  ? -23.871 -28.549 -14.066 1.00 78.53  ? 2  VAL D CG2 1 
ATOM   840  N N   . LYS D 2 4  ? -20.455 -29.784 -11.579 1.00 83.41  ? 3  LYS D N   1 
ATOM   841  C CA  . LYS D 2 4  ? -19.441 -30.588 -10.916 1.00 83.99  ? 3  LYS D CA  1 
ATOM   842  C C   . LYS D 2 4  ? -19.340 -30.238 -9.429  1.00 82.84  ? 3  LYS D C   1 
ATOM   843  O O   . LYS D 2 4  ? -19.162 -31.125 -8.593  1.00 86.96  ? 3  LYS D O   1 
ATOM   844  C CB  . LYS D 2 4  ? -18.088 -30.387 -11.591 1.00 86.14  ? 3  LYS D CB  1 
ATOM   845  N N   . GLN D 2 5  ? -19.456 -28.954 -9.107  1.00 74.15  ? 4  GLN D N   1 
ATOM   846  C CA  . GLN D 2 5  ? -19.363 -28.494 -7.726  1.00 72.73  ? 4  GLN D CA  1 
ATOM   847  C C   . GLN D 2 5  ? -20.569 -28.889 -6.862  1.00 75.68  ? 4  GLN D C   1 
ATOM   848  O O   . GLN D 2 5  ? -20.422 -29.559 -5.828  1.00 73.19  ? 4  GLN D O   1 
ATOM   849  C CB  . GLN D 2 5  ? -19.237 -26.982 -7.693  1.00 74.74  ? 4  GLN D CB  1 
ATOM   850  C CG  . GLN D 2 5  ? -19.061 -26.426 -6.305  1.00 76.31  ? 4  GLN D CG  1 
ATOM   851  C CD  . GLN D 2 5  ? -19.897 -25.199 -6.069  1.00 82.09  ? 4  GLN D CD  1 
ATOM   852  O OE1 . GLN D 2 5  ? -21.108 -25.293 -5.846  1.00 89.26  ? 4  GLN D OE1 1 
ATOM   853  N NE2 . GLN D 2 5  ? -19.264 -24.028 -6.124  1.00 83.17  ? 4  GLN D NE2 1 
ATOM   854  N N   . LEU D 2 6  ? -21.758 -28.452 -7.286  1.00 69.58  ? 5  LEU D N   1 
ATOM   855  C CA  . LEU D 2 6  ? -22.985 -28.742 -6.567  1.00 65.36  ? 5  LEU D CA  1 
ATOM   856  C C   . LEU D 2 6  ? -23.151 -30.248 -6.397  1.00 60.48  ? 5  LEU D C   1 
ATOM   857  O O   . LEU D 2 6  ? -23.681 -30.712 -5.401  1.00 52.28  ? 5  LEU D O   1 
ATOM   858  C CB  . LEU D 2 6  ? -24.201 -28.156 -7.303  1.00 65.48  ? 5  LEU D CB  1 
ATOM   859  C CG  . LEU D 2 6  ? -24.283 -26.629 -7.324  1.00 67.20  ? 5  LEU D CG  1 
ATOM   860  C CD1 . LEU D 2 6  ? -25.534 -26.218 -8.054  1.00 71.19  ? 5  LEU D CD1 1 
ATOM   861  C CD2 . LEU D 2 6  ? -24.305 -26.069 -5.921  1.00 66.34  ? 5  LEU D CD2 1 
ATOM   862  N N   . LYS D 2 7  ? -22.712 -31.006 -7.389  1.00 63.45  ? 6  LYS D N   1 
ATOM   863  C CA  . LYS D 2 7  ? -22.813 -32.443 -7.296  1.00 66.42  ? 6  LYS D CA  1 
ATOM   864  C C   . LYS D 2 7  ? -21.971 -32.924 -6.104  1.00 64.74  ? 6  LYS D C   1 
ATOM   865  O O   . LYS D 2 7  ? -22.415 -33.758 -5.337  1.00 63.89  ? 6  LYS D O   1 
ATOM   866  C CB  . LYS D 2 7  ? -22.367 -33.084 -8.611  1.00 66.66  ? 6  LYS D CB  1 
ATOM   867  C CG  . LYS D 2 7  ? -23.511 -33.269 -9.579  1.00 73.96  ? 6  LYS D CG  1 
ATOM   868  C CD  . LYS D 2 7  ? -23.067 -34.049 -10.804 1.00 81.65  ? 6  LYS D CD  1 
ATOM   869  C CE  . LYS D 2 7  ? -24.221 -34.319 -11.763 1.00 82.74  ? 6  LYS D CE  1 
ATOM   870  N NZ  . LYS D 2 7  ? -23.785 -35.183 -12.910 1.00 86.78  ? 6  LYS D NZ  1 
ATOM   871  N N   . ALA D 2 8  ? -20.778 -32.359 -5.935  1.00 65.71  ? 7  ALA D N   1 
ATOM   872  C CA  . ALA D 2 8  ? -19.903 -32.723 -4.828  1.00 66.60  ? 7  ALA D CA  1 
ATOM   873  C C   . ALA D 2 8  ? -20.507 -32.230 -3.516  1.00 65.49  ? 7  ALA D C   1 
ATOM   874  O O   . ALA D 2 8  ? -20.350 -32.851 -2.459  1.00 66.43  ? 7  ALA D O   1 
ATOM   875  C CB  . ALA D 2 8  ? -18.511 -32.107 -5.033  1.00 66.05  ? 7  ALA D CB  1 
ATOM   876  N N   . LYS D 2 9  ? -21.199 -31.101 -3.593  1.00 62.79  ? 8  LYS D N   1 
ATOM   877  C CA  . LYS D 2 9  ? -21.844 -30.513 -2.427  1.00 60.83  ? 8  LYS D CA  1 
ATOM   878  C C   . LYS D 2 9  ? -22.920 -31.446 -1.861  1.00 52.94  ? 8  LYS D C   1 
ATOM   879  O O   . LYS D 2 9  ? -23.034 -31.665 -0.649  1.00 54.42  ? 8  LYS D O   1 
ATOM   880  C CB  . LYS D 2 9  ? -22.479 -29.193 -2.837  1.00 64.46  ? 8  LYS D CB  1 
ATOM   881  C CG  . LYS D 2 9  ? -23.210 -28.498 -1.708  1.00 63.00  ? 8  LYS D CG  1 
ATOM   882  C CD  . LYS D 2 9  ? -22.336 -28.376 -0.507  1.00 65.31  ? 8  LYS D CD  1 
ATOM   883  C CE  . LYS D 2 9  ? -23.007 -27.514 0.548   1.00 69.72  ? 8  LYS D CE  1 
ATOM   884  N NZ  . LYS D 2 9  ? -22.133 -27.403 1.760   1.00 74.80  ? 8  LYS D NZ  1 
ATOM   885  N N   . VAL D 2 10 ? -23.725 -31.966 -2.765  1.00 47.88  ? 9  VAL D N   1 
ATOM   886  C CA  . VAL D 2 10 ? -24.808 -32.894 -2.436  1.00 47.41  ? 9  VAL D CA  1 
ATOM   887  C C   . VAL D 2 10 ? -24.184 -34.152 -1.805  1.00 51.08  ? 9  VAL D C   1 
ATOM   888  O O   . VAL D 2 10 ? -24.621 -34.609 -0.757  1.00 46.18  ? 9  VAL D O   1 
ATOM   889  C CB  . VAL D 2 10 ? -25.556 -33.284 -3.721  1.00 48.65  ? 9  VAL D CB  1 
ATOM   890  C CG1 . VAL D 2 10 ? -26.341 -34.571 -3.525  1.00 49.17  ? 9  VAL D CG1 1 
ATOM   891  C CG2 . VAL D 2 10 ? -26.490 -32.130 -4.133  1.00 50.69  ? 9  VAL D CG2 1 
ATOM   892  N N   . GLU D 2 11 ? -23.148 -34.694 -2.447  1.00 48.74  ? 10 GLU D N   1 
ATOM   893  C CA  . GLU D 2 11 ? -22.487 -35.888 -1.931  1.00 52.69  ? 10 GLU D CA  1 
ATOM   894  C C   . GLU D 2 11 ? -21.941 -35.619 -0.530  1.00 48.80  ? 10 GLU D C   1 
ATOM   895  O O   . GLU D 2 11 ? -22.149 -36.406 0.389   1.00 48.53  ? 10 GLU D O   1 
ATOM   896  C CB  . GLU D 2 11 ? -21.390 -36.338 -2.906  1.00 54.26  ? 10 GLU D CB  1 
ATOM   897  C CG  . GLU D 2 11 ? -21.968 -36.832 -4.240  1.00 60.98  ? 10 GLU D CG  1 
ATOM   898  C CD  . GLU D 2 11 ? -23.099 -37.852 -4.043  1.00 67.89  ? 10 GLU D CD  1 
ATOM   899  O OE1 . GLU D 2 11 ? -22.862 -38.874 -3.360  1.00 71.87  ? 10 GLU D OE1 1 
ATOM   900  O OE2 . GLU D 2 11 ? -24.219 -37.640 -4.565  1.00 63.62  ? 10 GLU D OE2 1 
ATOM   901  N N   . GLU D 2 12 ? -21.286 -34.478 -0.347  1.00 48.59  ? 11 GLU D N   1 
ATOM   902  C CA  . GLU D 2 12 ? -20.797 -34.159 0.974   1.00 54.94  ? 11 GLU D CA  1 
ATOM   903  C C   . GLU D 2 12 ? -21.957 -34.057 1.994   1.00 56.74  ? 11 GLU D C   1 
ATOM   904  O O   . GLU D 2 12 ? -21.854 -34.513 3.142   1.00 57.22  ? 11 GLU D O   1 
ATOM   905  C CB  . GLU D 2 12 ? -20.003 -32.868 0.953   1.00 46.99  ? 11 GLU D CB  1 
ATOM   906  C CG  . GLU D 2 12 ? -19.319 -32.635 2.263   1.00 61.04  ? 11 GLU D CG  1 
ATOM   907  C CD  . GLU D 2 12 ? -18.203 -31.648 2.144   1.00 72.10  ? 11 GLU D CD  1 
ATOM   908  O OE1 . GLU D 2 12 ? -17.273 -31.682 2.994   1.00 79.01  ? 11 GLU D OE1 1 
ATOM   909  O OE2 . GLU D 2 12 ? -18.258 -30.831 1.198   1.00 75.39  ? 11 GLU D OE2 1 
ATOM   910  N N   . LEU D 2 13 ? -23.078 -33.487 1.583   1.00 52.00  ? 12 LEU D N   1 
ATOM   911  C CA  . LEU D 2 13 ? -24.202 -33.375 2.515   1.00 49.47  ? 12 LEU D CA  1 
ATOM   912  C C   . LEU D 2 13 ? -24.805 -34.748 2.774   1.00 49.18  ? 12 LEU D C   1 
ATOM   913  O O   . LEU D 2 13 ? -25.230 -35.044 3.892   1.00 44.65  ? 12 LEU D O   1 
ATOM   914  C CB  . LEU D 2 13 ? -25.281 -32.441 1.946   1.00 51.80  ? 12 LEU D CB  1 
ATOM   915  C CG  . LEU D 2 13 ? -24.911 -30.952 1.887   1.00 50.71  ? 12 LEU D CG  1 
ATOM   916  C CD1 . LEU D 2 13 ? -25.895 -30.220 0.988   1.00 48.29  ? 12 LEU D CD1 1 
ATOM   917  C CD2 . LEU D 2 13 ? -24.920 -30.393 3.316   1.00 46.05  ? 12 LEU D CD2 1 
ATOM   918  N N   . LYS D 2 14 ? -24.902 -35.571 1.730   1.00 45.93  ? 13 LYS D N   1 
ATOM   919  C CA  . LYS D 2 14 ? -25.450 -36.904 1.923   1.00 49.26  ? 13 LYS D CA  1 
ATOM   920  C C   . LYS D 2 14 ? -24.589 -37.597 2.981   1.00 47.94  ? 13 LYS D C   1 
ATOM   921  O O   . LYS D 2 14 ? -25.119 -38.178 3.914   1.00 44.34  ? 13 LYS D O   1 
ATOM   922  C CB  . LYS D 2 14 ? -25.425 -37.690 0.615   1.00 51.21  ? 13 LYS D CB  1 
ATOM   923  C CG  . LYS D 2 14 ? -26.523 -37.311 -0.348  1.00 48.13  ? 13 LYS D CG  1 
ATOM   924  C CD  . LYS D 2 14 ? -26.080 -37.666 -1.761  1.00 56.53  ? 13 LYS D CD  1 
ATOM   925  C CE  . LYS D 2 14 ? -27.084 -38.598 -2.445  1.00 59.07  ? 13 LYS D CE  1 
ATOM   926  N NZ  . LYS D 2 14 ? -28.296 -37.905 -2.955  1.00 65.12  ? 13 LYS D NZ  1 
ATOM   927  N N   . SER D 2 15 ? -23.266 -37.494 2.871   1.00 43.58  ? 14 SER D N   1 
ATOM   928  C CA  . SER D 2 15 ? -22.426 -38.146 3.875   1.00 53.70  ? 14 SER D CA  1 
ATOM   929  C C   . SER D 2 15 ? -22.763 -37.743 5.332   1.00 56.12  ? 14 SER D C   1 
ATOM   930  O O   . SER D 2 15 ? -22.833 -38.618 6.202   1.00 64.55  ? 14 SER D O   1 
ATOM   931  C CB  . SER D 2 15 ? -20.915 -37.984 3.551   1.00 54.46  ? 14 SER D CB  1 
ATOM   932  O OG  . SER D 2 15 ? -20.401 -36.667 3.713   1.00 55.61  ? 14 SER D OG  1 
ATOM   933  N N   . LYS D 2 16 ? -23.033 -36.469 5.614   1.00 47.77  ? 15 LYS D N   1 
ATOM   934  C CA  . LYS D 2 16 ? -23.385 -36.067 6.982   1.00 46.01  ? 15 LYS D CA  1 
ATOM   935  C C   . LYS D 2 16 ? -24.678 -36.743 7.492   1.00 48.49  ? 15 LYS D C   1 
ATOM   936  O O   . LYS D 2 16 ? -25.039 -36.645 8.658   1.00 48.84  ? 15 LYS D O   1 
ATOM   937  C CB  . LYS D 2 16 ? -23.578 -34.553 7.076   1.00 46.22  ? 15 LYS D CB  1 
ATOM   938  C CG  . LYS D 2 16 ? -22.316 -33.676 6.782   1.00 54.99  ? 15 LYS D CG  1 
ATOM   939  C CD  . LYS D 2 16 ? -22.628 -32.218 7.165   1.00 59.81  ? 15 LYS D CD  1 
ATOM   940  C CE  . LYS D 2 16 ? -21.632 -31.167 6.603   1.00 67.75  ? 15 LYS D CE  1 
ATOM   941  N NZ  . LYS D 2 16 ? -22.169 -29.734 6.611   1.00 60.18  ? 15 LYS D NZ  1 
ATOM   942  N N   . LEU D 2 17 ? -25.399 -37.389 6.598   1.00 49.84  ? 16 LEU D N   1 
ATOM   943  C CA  . LEU D 2 17 ? -26.643 -38.025 6.980   1.00 49.96  ? 16 LEU D CA  1 
ATOM   944  C C   . LEU D 2 17 ? -26.462 -39.213 7.871   1.00 49.11  ? 16 LEU D C   1 
ATOM   945  O O   . LEU D 2 17 ? -27.159 -39.307 8.874   1.00 42.82  ? 16 LEU D O   1 
ATOM   946  C CB  . LEU D 2 17 ? -27.415 -38.475 5.760   1.00 49.22  ? 16 LEU D CB  1 
ATOM   947  C CG  . LEU D 2 17 ? -28.054 -37.376 4.917   1.00 50.11  ? 16 LEU D CG  1 
ATOM   948  C CD1 . LEU D 2 17 ? -28.633 -38.054 3.642   1.00 54.03  ? 16 LEU D CD1 1 
ATOM   949  C CD2 . LEU D 2 17 ? -29.157 -36.647 5.710   1.00 40.54  ? 16 LEU D CD2 1 
ATOM   950  N N   . TRP D 2 18 ? -25.528 -40.108 7.521   1.00 40.58  ? 17 TRP D N   1 
ATOM   951  C CA  . TRP D 2 18 ? -25.337 -41.304 8.299   1.00 52.98  ? 17 TRP D CA  1 
ATOM   952  C C   . TRP D 2 18 ? -25.100 -40.966 9.744   1.00 55.95  ? 17 TRP D C   1 
ATOM   953  O O   . TRP D 2 18 ? -25.792 -41.496 10.631  1.00 51.07  ? 17 TRP D O   1 
ATOM   954  C CB  . TRP D 2 18 ? -24.161 -42.151 7.798   1.00 45.33  ? 17 TRP D CB  1 
ATOM   955  C CG  . TRP D 2 18 ? -23.892 -43.317 8.688   1.00 40.98  ? 17 TRP D CG  1 
ATOM   956  C CD1 . TRP D 2 18 ? -24.576 -44.521 8.710   1.00 42.86  ? 17 TRP D CD1 1 
ATOM   957  C CD2 . TRP D 2 18 ? -22.974 -43.356 9.811   1.00 43.84  ? 17 TRP D CD2 1 
ATOM   958  N NE1 . TRP D 2 18 ? -24.151 -45.284 9.802   1.00 44.23  ? 17 TRP D NE1 1 
ATOM   959  C CE2 . TRP D 2 18 ? -23.173 -44.595 10.480  1.00 40.18  ? 17 TRP D CE2 1 
ATOM   960  C CE3 . TRP D 2 18 ? -22.013 -42.460 10.318  1.00 39.76  ? 17 TRP D CE3 1 
ATOM   961  C CZ2 . TRP D 2 18 ? -22.448 -44.947 11.633  1.00 50.40  ? 17 TRP D CZ2 1 
ATOM   962  C CZ3 . TRP D 2 18 ? -21.289 -42.821 11.472  1.00 39.75  ? 17 TRP D CZ3 1 
ATOM   963  C CH2 . TRP D 2 18 ? -21.515 -44.049 12.112  1.00 46.96  ? 17 TRP D CH2 1 
ATOM   964  N N   . HIS D 2 19 ? -24.148 -40.062 9.986   1.00 49.74  ? 18 HIS D N   1 
ATOM   965  C CA  . HIS D 2 19 ? -23.829 -39.744 11.357  1.00 53.23  ? 18 HIS D CA  1 
ATOM   966  C C   . HIS D 2 19 ? -25.030 -39.222 12.160  1.00 49.11  ? 18 HIS D C   1 
ATOM   967  O O   . HIS D 2 19 ? -25.300 -39.716 13.273  1.00 48.90  ? 18 HIS D O   1 
ATOM   968  C CB  . HIS D 2 19 ? -22.626 -38.798 11.445  1.00 45.83  ? 18 HIS D CB  1 
ATOM   969  C CG  . HIS D 2 19 ? -21.928 -38.880 12.757  1.00 54.92  ? 18 HIS D CG  1 
ATOM   970  N ND1 . HIS D 2 19 ? -22.292 -38.112 13.843  1.00 59.30  ? 18 HIS D ND1 1 
ATOM   971  C CD2 . HIS D 2 19 ? -20.935 -39.694 13.185  1.00 57.78  ? 18 HIS D CD2 1 
ATOM   972  C CE1 . HIS D 2 19 ? -21.552 -38.449 14.882  1.00 61.96  ? 18 HIS D CE1 1 
ATOM   973  N NE2 . HIS D 2 19 ? -20.722 -39.407 14.511  1.00 62.71  ? 18 HIS D NE2 1 
ATOM   974  N N   . LEU D 2 20 ? -25.763 -38.252 11.610  1.00 50.37  ? 19 LEU D N   1 
ATOM   975  C CA  . LEU D 2 20 ? -26.937 -37.722 12.319  1.00 38.64  ? 19 LEU D CA  1 
ATOM   976  C C   . LEU D 2 20 ? -28.007 -38.765 12.548  1.00 38.68  ? 19 LEU D C   1 
ATOM   977  O O   . LEU D 2 20 ? -28.524 -38.838 13.633  1.00 40.34  ? 19 LEU D O   1 
ATOM   978  C CB  . LEU D 2 20 ? -27.510 -36.515 11.592  1.00 43.30  ? 19 LEU D CB  1 
ATOM   979  C CG  . LEU D 2 20 ? -26.448 -35.420 11.794  1.00 41.04  ? 19 LEU D CG  1 
ATOM   980  C CD1 . LEU D 2 20 ? -26.732 -34.176 10.992  1.00 46.00  ? 19 LEU D CD1 1 
ATOM   981  C CD2 . LEU D 2 20 ? -26.366 -35.136 13.296  1.00 47.46  ? 19 LEU D CD2 1 
ATOM   982  N N   . LYS D 2 21 ? -28.350 -39.562 11.534  1.00 35.69  ? 20 LYS D N   1 
ATOM   983  C CA  . LYS D 2 21 ? -29.370 -40.601 11.691  1.00 46.29  ? 20 LYS D CA  1 
ATOM   984  C C   . LYS D 2 21 ? -28.944 -41.687 12.665  1.00 46.25  ? 20 LYS D C   1 
ATOM   985  O O   . LYS D 2 21 ? -29.745 -42.112 13.499  1.00 40.60  ? 20 LYS D O   1 
ATOM   986  C CB  . LYS D 2 21 ? -29.725 -41.249 10.356  1.00 48.44  ? 20 LYS D CB  1 
ATOM   987  C CG  . LYS D 2 21 ? -30.594 -40.370 9.482   1.00 46.05  ? 20 LYS D CG  1 
ATOM   988  C CD  . LYS D 2 21 ? -30.861 -41.049 8.167   1.00 47.46  ? 20 LYS D CD  1 
ATOM   989  C CE  . LYS D 2 21 ? -31.439 -40.089 7.146   1.00 48.45  ? 20 LYS D CE  1 
ATOM   990  N NZ  . LYS D 2 21 ? -31.354 -40.775 5.813   1.00 51.82  ? 20 LYS D NZ  1 
ATOM   991  N N   . ASN D 2 22 ? -27.682 -42.103 12.600  1.00 46.20  ? 21 ASN D N   1 
ATOM   992  C CA  . ASN D 2 22 ? -27.233 -43.134 13.512  1.00 41.65  ? 21 ASN D CA  1 
ATOM   993  C C   . ASN D 2 22 ? -27.235 -42.622 14.948  1.00 45.92  ? 21 ASN D C   1 
ATOM   994  O O   . ASN D 2 22 ? -27.443 -43.389 15.922  1.00 43.53  ? 21 ASN D O   1 
ATOM   995  C CB  . ASN D 2 22 ? -25.835 -43.609 13.169  1.00 49.29  ? 21 ASN D CB  1 
ATOM   996  C CG  . ASN D 2 22 ? -25.464 -44.825 13.978  1.00 59.71  ? 21 ASN D CG  1 
ATOM   997  O OD1 . ASN D 2 22 ? -26.054 -45.897 13.772  1.00 48.96  ? 21 ASN D OD1 1 
ATOM   998  N ND2 . ASN D 2 22 ? -24.521 -44.671 14.939  1.00 54.84  ? 21 ASN D ND2 1 
ATOM   999  N N   . LYS D 2 23 ? -27.016 -41.314 15.071  1.00 43.47  ? 22 LYS D N   1 
ATOM   1000 C CA  . LYS D 2 23 ? -26.936 -40.667 16.372  1.00 44.17  ? 22 LYS D CA  1 
ATOM   1001 C C   . LYS D 2 23 ? -28.340 -40.611 16.954  1.00 47.74  ? 22 LYS D C   1 
ATOM   1002 O O   . LYS D 2 23 ? -28.555 -40.877 18.149  1.00 39.43  ? 22 LYS D O   1 
ATOM   1003 C CB  . LYS D 2 23 ? -26.355 -39.249 16.232  1.00 38.52  ? 22 LYS D CB  1 
ATOM   1004 C CG  . LYS D 2 23 ? -26.186 -38.493 17.551  1.00 47.18  ? 22 LYS D CG  1 
ATOM   1005 C CD  . LYS D 2 23 ? -25.310 -37.263 17.403  1.00 44.28  ? 22 LYS D CD  1 
ATOM   1006 C CE  . LYS D 2 23 ? -25.082 -36.637 18.769  1.00 50.69  ? 22 LYS D CE  1 
ATOM   1007 N NZ  . LYS D 2 23 ? -24.245 -35.407 18.703  1.00 51.50  ? 22 LYS D NZ  1 
ATOM   1008 N N   . VAL D 2 24 ? -29.286 -40.213 16.109  1.00 38.75  ? 23 VAL D N   1 
ATOM   1009 C CA  . VAL D 2 24 ? -30.663 -40.153 16.530  1.00 39.15  ? 23 VAL D CA  1 
ATOM   1010 C C   . VAL D 2 24 ? -31.129 -41.577 16.904  1.00 43.96  ? 23 VAL D C   1 
ATOM   1011 O O   . VAL D 2 24 ? -31.829 -41.757 17.884  1.00 42.15  ? 23 VAL D O   1 
ATOM   1012 C CB  . VAL D 2 24 ? -31.543 -39.579 15.407  1.00 41.14  ? 23 VAL D CB  1 
ATOM   1013 C CG1 . VAL D 2 24 ? -33.019 -39.837 15.695  1.00 38.11  ? 23 VAL D CG1 1 
ATOM   1014 C CG2 . VAL D 2 24 ? -31.287 -38.097 15.305  1.00 37.96  ? 23 VAL D CG2 1 
ATOM   1015 N N   . ALA D 2 25 ? -30.741 -42.583 16.127  1.00 42.11  ? 24 ALA D N   1 
ATOM   1016 C CA  . ALA D 2 25 ? -31.156 -43.947 16.430  1.00 46.71  ? 24 ALA D CA  1 
ATOM   1017 C C   . ALA D 2 25 ? -30.628 -44.382 17.806  1.00 53.15  ? 24 ALA D C   1 
ATOM   1018 O O   . ALA D 2 25 ? -31.377 -44.993 18.625  1.00 52.86  ? 24 ALA D O   1 
ATOM   1019 C CB  . ALA D 2 25 ? -30.677 -44.897 15.340  1.00 44.91  ? 24 ALA D CB  1 
ATOM   1020 N N   . ARG D 2 26 ? -29.364 -44.050 18.076  1.00 45.37  ? 25 ARG D N   1 
ATOM   1021 C CA  . ARG D 2 26 ? -28.774 -44.385 19.351  1.00 44.34  ? 25 ARG D CA  1 
ATOM   1022 C C   . ARG D 2 26 ? -29.469 -43.608 20.441  1.00 49.21  ? 25 ARG D C   1 
ATOM   1023 O O   . ARG D 2 26 ? -29.759 -44.167 21.487  1.00 48.42  ? 25 ARG D O   1 
ATOM   1024 C CB  . ARG D 2 26 ? -27.266 -44.119 19.377  1.00 47.16  ? 25 ARG D CB  1 
ATOM   1025 C CG  . ARG D 2 26 ? -26.471 -45.104 18.503  1.00 44.98  ? 25 ARG D CG  1 
ATOM   1026 C CD  . ARG D 2 26 ? -24.987 -44.945 18.717  1.00 51.91  ? 25 ARG D CD  1 
ATOM   1027 N NE  . ARG D 2 26 ? -24.572 -45.288 20.088  1.00 46.66  ? 25 ARG D NE  1 
ATOM   1028 C CZ  . ARG D 2 26 ? -24.173 -46.482 20.501  1.00 42.95  ? 25 ARG D CZ  1 
ATOM   1029 N NH1 . ARG D 2 26 ? -24.117 -47.531 19.657  1.00 38.68  ? 25 ARG D NH1 1 
ATOM   1030 N NH2 . ARG D 2 26 ? -23.788 -46.622 21.774  1.00 46.87  ? 25 ARG D NH2 1 
ATOM   1031 N N   . LEU D 2 27 ? -29.780 -42.341 20.214  1.00 45.46  ? 26 LEU D N   1 
ATOM   1032 C CA  . LEU D 2 27 ? -30.478 -41.598 21.269  1.00 48.60  ? 26 LEU D CA  1 
ATOM   1033 C C   . LEU D 2 27 ? -31.895 -42.123 21.536  1.00 54.18  ? 26 LEU D C   1 
ATOM   1034 O O   . LEU D 2 27 ? -32.348 -42.074 22.667  1.00 45.41  ? 26 LEU D O   1 
ATOM   1035 C CB  . LEU D 2 27 ? -30.585 -40.136 20.926  1.00 47.45  ? 26 LEU D CB  1 
ATOM   1036 C CG  . LEU D 2 27 ? -29.251 -39.425 20.991  1.00 50.15  ? 26 LEU D CG  1 
ATOM   1037 C CD1 . LEU D 2 27 ? -29.391 -38.033 20.374  1.00 43.96  ? 26 LEU D CD1 1 
ATOM   1038 C CD2 . LEU D 2 27 ? -28.808 -39.350 22.472  1.00 48.07  ? 26 LEU D CD2 1 
ATOM   1039 N N   . LYS D 2 28 ? -32.600 -42.600 20.503  1.00 47.73  ? 27 LYS D N   1 
ATOM   1040 C CA  . LYS D 2 28 ? -33.946 -43.127 20.713  1.00 54.40  ? 27 LYS D CA  1 
ATOM   1041 C C   . LYS D 2 28 ? -33.925 -44.463 21.497  1.00 56.55  ? 27 LYS D C   1 
ATOM   1042 O O   . LYS D 2 28 ? -34.797 -44.724 22.334  1.00 56.43  ? 27 LYS D O   1 
ATOM   1043 C CB  . LYS D 2 28 ? -34.661 -43.334 19.369  1.00 52.91  ? 27 LYS D CB  1 
ATOM   1044 C CG  . LYS D 2 28 ? -35.230 -42.049 18.815  1.00 55.11  ? 27 LYS D CG  1 
ATOM   1045 C CD  . LYS D 2 28 ? -35.913 -42.239 17.508  1.00 53.73  ? 27 LYS D CD  1 
ATOM   1046 C CE  . LYS D 2 28 ? -36.548 -40.917 17.103  1.00 58.19  ? 27 LYS D CE  1 
ATOM   1047 N NZ  . LYS D 2 28 ? -36.549 -40.823 15.641  1.00 53.83  ? 27 LYS D NZ  1 
ATOM   1048 N N   . LYS D 2 29 ? -32.933 -45.298 21.215  1.00 51.48  ? 28 LYS D N   1 
ATOM   1049 C CA  . LYS D 2 29 ? -32.804 -46.578 21.904  1.00 61.17  ? 28 LYS D CA  1 
ATOM   1050 C C   . LYS D 2 29 ? -32.562 -46.304 23.397  1.00 64.08  ? 28 LYS D C   1 
ATOM   1051 O O   . LYS D 2 29 ? -33.204 -46.914 24.275  1.00 65.39  ? 28 LYS D O   1 
ATOM   1052 C CB  . LYS D 2 29 ? -31.630 -47.396 21.328  1.00 60.59  ? 28 LYS D CB  1 
ATOM   1053 C CG  . LYS D 2 29 ? -31.489 -48.803 21.934  1.00 66.73  ? 28 LYS D CG  1 
ATOM   1054 C CD  . LYS D 2 29 ? -30.179 -49.480 21.570  1.00 67.86  ? 28 LYS D CD  1 
ATOM   1055 C CE  . LYS D 2 29 ? -30.159 -49.918 20.111  1.00 77.18  ? 28 LYS D CE  1 
ATOM   1056 N NZ  . LYS D 2 29 ? -30.982 -51.138 19.886  1.00 81.21  ? 28 LYS D NZ  1 
ATOM   1057 N N   . LYS D 2 30 ? -31.624 -45.398 23.672  1.00 57.18  ? 29 LYS D N   1 
ATOM   1058 C CA  . LYS D 2 30 ? -31.312 -45.044 25.043  1.00 60.90  ? 29 LYS D CA  1 
ATOM   1059 C C   . LYS D 2 30 ? -32.541 -44.461 25.668  1.00 62.20  ? 29 LYS D C   1 
ATOM   1060 O O   . LYS D 2 30 ? -32.867 -44.792 26.794  1.00 68.09  ? 29 LYS D O   1 
ATOM   1061 C CB  . LYS D 2 30 ? -30.165 -44.038 25.126  1.00 51.26  ? 29 LYS D CB  1 
ATOM   1062 C CG  . LYS D 2 30 ? -28.844 -44.630 24.748  1.00 63.26  ? 29 LYS D CG  1 
ATOM   1063 C CD  . LYS D 2 30 ? -27.697 -43.650 24.940  1.00 67.76  ? 29 LYS D CD  1 
ATOM   1064 C CE  . LYS D 2 30 ? -26.376 -44.317 24.535  1.00 69.73  ? 29 LYS D CE  1 
ATOM   1065 N NZ  . LYS D 2 30 ? -25.171 -43.421 24.610  1.00 62.90  ? 29 LYS D NZ  1 
ATOM   1066 N N   . ASN D 2 31 ? -33.229 -43.586 24.949  1.00 63.55  ? 30 ASN D N   1 
ATOM   1067 C CA  . ASN D 2 31 ? -34.449 -42.996 25.487  1.00 68.58  ? 30 ASN D CA  1 
ATOM   1068 C C   . ASN D 2 31 ? -35.421 -44.131 25.857  1.00 71.17  ? 30 ASN D C   1 
ATOM   1069 O O   . ASN D 2 31 ? -35.974 -44.144 26.954  1.00 64.23  ? 30 ASN D O   1 
ATOM   1070 C CB  . ASN D 2 31 ? -35.115 -42.072 24.448  1.00 73.45  ? 30 ASN D CB  1 
ATOM   1071 C CG  . ASN D 2 31 ? -36.423 -41.446 24.961  1.00 79.52  ? 30 ASN D CG  1 
ATOM   1072 O OD1 . ASN D 2 31 ? -37.390 -42.153 25.258  1.00 82.40  ? 30 ASN D OD1 1 
ATOM   1073 N ND2 . ASN D 2 31 ? -36.449 -40.120 25.066  1.00 77.81  ? 30 ASN D ND2 1 
ATOM   1074 N N   . ALA D 2 32 ? -35.616 -45.071 24.926  1.00 71.77  ? 31 ALA D N   1 
ATOM   1075 C CA  . ALA D 2 32 ? -36.513 -46.201 25.118  1.00 74.36  ? 31 ALA D CA  1 
ATOM   1076 C C   . ALA D 2 32 ? -36.112 -46.953 26.363  1.00 76.15  ? 31 ALA D C   1 
ATOM   1077 O O   . ALA D 2 32 ? -36.954 -47.518 27.063  1.00 78.26  ? 31 ALA D O   1 
ATOM   1078 C CB  . ALA D 2 32 ? -36.454 -47.127 23.912  1.00 76.63  ? 31 ALA D CB  1 
ATOM   1079 N N   . GLU D 2 33 ? -34.813 -46.948 26.635  1.00 77.84  ? 32 GLU D N   1 
ATOM   1080 C CA  . GLU D 2 33 ? -34.266 -47.623 27.803  1.00 78.32  ? 32 GLU D CA  1 
ATOM   1081 C C   . GLU D 2 33 ? -34.493 -46.878 29.108  1.00 78.74  ? 32 GLU D C   1 
ATOM   1082 O O   . GLU D 2 33 ? -35.074 -47.441 30.040  1.00 79.01  ? 32 GLU D O   1 
ATOM   1083 C CB  . GLU D 2 33 ? -32.781 -47.900 27.589  1.00 78.57  ? 32 GLU D CB  1 
ATOM   1084 C CG  . GLU D 2 33 ? -32.552 -49.056 26.623  1.00 74.67  ? 32 GLU D CG  1 
ATOM   1085 C CD  . GLU D 2 33 ? -31.139 -49.085 26.093  1.00 77.98  ? 32 GLU D CD  1 
ATOM   1086 O OE1 . GLU D 2 33 ? -30.304 -48.326 26.630  1.00 78.24  ? 32 GLU D OE1 1 
ATOM   1087 O OE2 . GLU D 2 33 ? -30.862 -49.860 25.149  1.00 74.69  ? 32 GLU D OE2 1 
ATOM   1088 N N   . CYS D 2 34 ? -34.039 -45.632 29.198  1.00 77.37  ? 33 CYS D N   1 
ATOM   1089 C CA  . CYS D 2 34 ? -34.270 -44.862 30.419  1.00 79.91  ? 33 CYS D CA  1 
ATOM   1090 C C   . CYS D 2 34 ? -35.761 -44.924 30.728  1.00 82.72  ? 33 CYS D C   1 
ATOM   1091 O O   . CYS D 2 34 ? -36.165 -45.221 31.848  1.00 85.78  ? 33 CYS D O   1 
ATOM   1092 C CB  . CYS D 2 34 ? -33.872 -43.399 30.241  1.00 83.04  ? 33 CYS D CB  1 
ATOM   1093 S SG  . CYS D 2 34 ? -34.180 -42.407 31.732  1.00 78.07  ? 33 CYS D SG  1 
ATOM   1094 N N   . LYS D 2 35 ? -36.578 -44.648 29.718  1.00 83.93  ? 34 LYS D N   1 
ATOM   1095 C CA  . LYS D 2 35 ? -38.025 -44.671 29.859  1.00 85.27  ? 34 LYS D CA  1 
ATOM   1096 C C   . LYS D 2 35 ? -38.549 -46.096 30.088  1.00 88.93  ? 34 LYS D C   1 
ATOM   1097 O O   . LYS D 2 35 ? -37.731 -47.027 30.282  1.00 88.26  ? 34 LYS D O   1 
ATOM   1098 C CB  . LYS D 2 35 ? -38.673 -44.060 28.617  1.00 84.63  ? 34 LYS D CB  1 
HETATM 1099 C C   . ACE E 2 1  ? 21.968  38.453  -16.155 1.00 71.38  ? 0  ACE E C   1 
HETATM 1100 O O   . ACE E 2 1  ? 20.872  37.877  -16.208 1.00 73.17  ? 0  ACE E O   1 
HETATM 1101 C CH3 . ACE E 2 1  ? 22.050  39.937  -15.933 1.00 74.60  ? 0  ACE E CH3 1 
ATOM   1102 N N   . LYS E 2 2  ? 23.129  37.829  -16.304 1.00 64.12  ? 1  LYS E N   1 
ATOM   1103 C CA  . LYS E 2 2  ? 23.230  36.386  -16.494 1.00 58.70  ? 1  LYS E CA  1 
ATOM   1104 C C   . LYS E 2 2  ? 22.831  35.700  -15.190 1.00 53.25  ? 1  LYS E C   1 
ATOM   1105 O O   . LYS E 2 2  ? 22.137  34.692  -15.220 1.00 49.28  ? 1  LYS E O   1 
ATOM   1106 C CB  . LYS E 2 2  ? 24.672  35.985  -16.814 1.00 56.29  ? 1  LYS E CB  1 
ATOM   1107 C CG  . LYS E 2 2  ? 24.868  34.486  -17.011 1.00 55.53  ? 1  LYS E CG  1 
ATOM   1108 C CD  . LYS E 2 2  ? 23.985  33.957  -18.143 1.00 61.71  ? 1  LYS E CD  1 
ATOM   1109 C CE  . LYS E 2 2  ? 24.210  32.450  -18.371 1.00 63.14  ? 1  LYS E CE  1 
ATOM   1110 N NZ  . LYS E 2 2  ? 23.357  31.925  -19.479 1.00 66.04  ? 1  LYS E NZ  1 
ATOM   1111 N N   . VAL E 2 3  ? 23.292  36.231  -14.056 1.00 48.28  ? 2  VAL E N   1 
ATOM   1112 C CA  . VAL E 2 3  ? 22.960  35.644  -12.774 1.00 55.33  ? 2  VAL E CA  1 
ATOM   1113 C C   . VAL E 2 3  ? 21.439  35.601  -12.503 1.00 56.84  ? 2  VAL E C   1 
ATOM   1114 O O   . VAL E 2 3  ? 20.889  34.559  -12.059 1.00 46.71  ? 2  VAL E O   1 
ATOM   1115 C CB  . VAL E 2 3  ? 23.668  36.351  -11.622 1.00 58.18  ? 2  VAL E CB  1 
ATOM   1116 C CG1 . VAL E 2 3  ? 23.048  35.918  -10.278 1.00 60.18  ? 2  VAL E CG1 1 
ATOM   1117 C CG2 . VAL E 2 3  ? 25.125  35.964  -11.609 1.00 54.32  ? 2  VAL E CG2 1 
ATOM   1118 N N   . LYS E 2 4  ? 20.767  36.706  -12.809 1.00 55.94  ? 3  LYS E N   1 
ATOM   1119 C CA  . LYS E 2 4  ? 19.324  36.794  -12.611 1.00 61.01  ? 3  LYS E CA  1 
ATOM   1120 C C   . LYS E 2 4  ? 18.609  35.803  -13.533 1.00 60.59  ? 3  LYS E C   1 
ATOM   1121 O O   . LYS E 2 4  ? 17.687  35.091  -13.112 1.00 55.78  ? 3  LYS E O   1 
ATOM   1122 C CB  . LYS E 2 4  ? 18.834  38.231  -12.876 1.00 65.09  ? 3  LYS E CB  1 
ATOM   1123 N N   . GLN E 2 5  ? 19.021  35.731  -14.796 1.00 60.48  ? 4  GLN E N   1 
ATOM   1124 C CA  . GLN E 2 5  ? 18.354  34.790  -15.695 1.00 50.24  ? 4  GLN E CA  1 
ATOM   1125 C C   . GLN E 2 5  ? 18.604  33.324  -15.248 1.00 49.37  ? 4  GLN E C   1 
ATOM   1126 O O   . GLN E 2 5  ? 17.720  32.490  -15.319 1.00 45.32  ? 4  GLN E O   1 
ATOM   1127 C CB  . GLN E 2 5  ? 18.821  35.001  -17.114 1.00 51.00  ? 4  GLN E CB  1 
ATOM   1128 N N   . LEU E 2 6  ? 19.786  33.003  -14.747 1.00 47.60  ? 5  LEU E N   1 
ATOM   1129 C CA  . LEU E 2 6  ? 19.981  31.616  -14.344 1.00 49.13  ? 5  LEU E CA  1 
ATOM   1130 C C   . LEU E 2 6  ? 19.150  31.247  -13.092 1.00 48.90  ? 5  LEU E C   1 
ATOM   1131 O O   . LEU E 2 6  ? 18.644  30.127  -13.010 1.00 49.24  ? 5  LEU E O   1 
ATOM   1132 C CB  . LEU E 2 6  ? 21.469  31.314  -14.118 1.00 40.79  ? 5  LEU E CB  1 
ATOM   1133 C CG  . LEU E 2 6  ? 22.356  31.239  -15.387 1.00 45.39  ? 5  LEU E CG  1 
ATOM   1134 C CD1 . LEU E 2 6  ? 23.820  31.255  -14.913 1.00 40.38  ? 5  LEU E CD1 1 
ATOM   1135 C CD2 . LEU E 2 6  ? 22.061  29.921  -16.210 1.00 37.27  ? 5  LEU E CD2 1 
ATOM   1136 N N   . LYS E 2 7  ? 19.038  32.170  -12.128 1.00 47.87  ? 6  LYS E N   1 
ATOM   1137 C CA  . LYS E 2 7  ? 18.247  31.965  -10.902 1.00 51.82  ? 6  LYS E CA  1 
ATOM   1138 C C   . LYS E 2 7  ? 16.785  31.685  -11.304 1.00 49.73  ? 6  LYS E C   1 
ATOM   1139 O O   . LYS E 2 7  ? 16.113  30.818  -10.732 1.00 52.65  ? 6  LYS E O   1 
ATOM   1140 C CB  . LYS E 2 7  ? 18.309  33.219  -10.006 1.00 48.81  ? 6  LYS E CB  1 
ATOM   1141 C CG  . LYS E 2 7  ? 19.640  33.382  -9.299  1.00 53.96  ? 6  LYS E CG  1 
ATOM   1142 C CD  . LYS E 2 7  ? 19.783  34.710  -8.548  1.00 60.27  ? 6  LYS E CD  1 
ATOM   1143 C CE  . LYS E 2 7  ? 21.101  34.691  -7.764  1.00 68.84  ? 6  LYS E CE  1 
ATOM   1144 N NZ  . LYS E 2 7  ? 21.426  35.929  -6.994  1.00 73.56  ? 6  LYS E NZ  1 
ATOM   1145 N N   . ALA E 2 8  ? 16.320  32.431  -12.299 1.00 48.52  ? 7  ALA E N   1 
ATOM   1146 C CA  . ALA E 2 8  ? 14.970  32.290  -12.802 1.00 47.24  ? 7  ALA E CA  1 
ATOM   1147 C C   . ALA E 2 8  ? 14.832  30.902  -13.358 1.00 48.58  ? 7  ALA E C   1 
ATOM   1148 O O   . ALA E 2 8  ? 13.837  30.196  -13.109 1.00 44.95  ? 7  ALA E O   1 
ATOM   1149 C CB  . ALA E 2 8  ? 14.711  33.307  -13.915 1.00 51.52  ? 7  ALA E CB  1 
ATOM   1150 N N   . LYS E 2 9  ? 15.835  30.515  -14.146 1.00 43.55  ? 8  LYS E N   1 
ATOM   1151 C CA  . LYS E 2 9  ? 15.853  29.191  -14.756 1.00 40.09  ? 8  LYS E CA  1 
ATOM   1152 C C   . LYS E 2 9  ? 15.808  28.094  -13.692 1.00 34.56  ? 8  LYS E C   1 
ATOM   1153 O O   . LYS E 2 9  ? 15.130  27.057  -13.839 1.00 42.36  ? 8  LYS E O   1 
ATOM   1154 C CB  . LYS E 2 9  ? 17.120  28.993  -15.585 1.00 43.00  ? 8  LYS E CB  1 
ATOM   1155 C CG  . LYS E 2 9  ? 17.143  27.613  -16.235 1.00 37.00  ? 8  LYS E CG  1 
ATOM   1156 C CD  . LYS E 2 9  ? 16.065  27.607  -17.310 1.00 46.58  ? 8  LYS E CD  1 
ATOM   1157 C CE  . LYS E 2 9  ? 16.146  26.428  -18.198 1.00 60.37  ? 8  LYS E CE  1 
ATOM   1158 N NZ  . LYS E 2 9  ? 15.230  26.634  -19.360 1.00 70.95  ? 8  LYS E NZ  1 
ATOM   1159 N N   . VAL E 2 10 ? 16.553  28.308  -12.626 1.00 32.35  ? 9  VAL E N   1 
ATOM   1160 C CA  . VAL E 2 10 ? 16.571  27.323  -11.575 1.00 38.62  ? 9  VAL E CA  1 
ATOM   1161 C C   . VAL E 2 10 ? 15.161  27.128  -11.015 1.00 45.07  ? 9  VAL E C   1 
ATOM   1162 O O   . VAL E 2 10 ? 14.708  25.986  -10.748 1.00 39.32  ? 9  VAL E O   1 
ATOM   1163 C CB  . VAL E 2 10 ? 17.483  27.757  -10.458 1.00 37.62  ? 9  VAL E CB  1 
ATOM   1164 C CG1 . VAL E 2 10 ? 17.360  26.806  -9.295  1.00 33.61  ? 9  VAL E CG1 1 
ATOM   1165 C CG2 . VAL E 2 10 ? 18.906  27.735  -10.960 1.00 47.22  ? 9  VAL E CG2 1 
ATOM   1166 N N   . GLU E 2 11 ? 14.485  28.254  -10.805 1.00 45.66  ? 10 GLU E N   1 
ATOM   1167 C CA  . GLU E 2 11 ? 13.108  28.224  -10.262 1.00 49.97  ? 10 GLU E CA  1 
ATOM   1168 C C   . GLU E 2 11 ? 12.166  27.500  -11.189 1.00 41.84  ? 10 GLU E C   1 
ATOM   1169 O O   . GLU E 2 11 ? 11.390  26.639  -10.764 1.00 45.60  ? 10 GLU E O   1 
ATOM   1170 C CB  . GLU E 2 11 ? 12.599  29.657  -9.996  1.00 50.03  ? 10 GLU E CB  1 
ATOM   1171 C CG  . GLU E 2 11 ? 13.388  30.320  -8.854  1.00 55.14  ? 10 GLU E CG  1 
ATOM   1172 C CD  . GLU E 2 11 ? 13.498  29.428  -7.583  1.00 65.73  ? 10 GLU E CD  1 
ATOM   1173 O OE1 . GLU E 2 11 ? 12.491  28.773  -7.216  1.00 68.95  ? 10 GLU E OE1 1 
ATOM   1174 O OE2 . GLU E 2 11 ? 14.582  29.395  -6.935  1.00 56.06  ? 10 GLU E OE2 1 
ATOM   1175 N N   . GLU E 2 12 ? 12.231  27.825  -12.467 1.00 34.71  ? 11 GLU E N   1 
ATOM   1176 C CA  . GLU E 2 12 ? 11.369  27.161  -13.418 1.00 38.77  ? 11 GLU E CA  1 
ATOM   1177 C C   . GLU E 2 12 ? 11.616  25.635  -13.474 1.00 48.34  ? 11 GLU E C   1 
ATOM   1178 O O   . GLU E 2 12 ? 10.649  24.818  -13.583 1.00 41.56  ? 11 GLU E O   1 
ATOM   1179 C CB  . GLU E 2 12 ? 11.600  27.791  -14.782 1.00 40.55  ? 11 GLU E CB  1 
ATOM   1180 C CG  . GLU E 2 12 ? 10.923  27.132  -15.900 1.00 50.03  ? 11 GLU E CG  1 
ATOM   1181 C CD  . GLU E 2 12 ? 11.632  27.426  -17.209 1.00 65.33  ? 11 GLU E CD  1 
ATOM   1182 O OE1 . GLU E 2 12 ? 12.210  28.542  -17.321 1.00 63.81  ? 11 GLU E OE1 1 
ATOM   1183 O OE2 . GLU E 2 12 ? 11.603  26.554  -18.115 1.00 67.05  ? 11 GLU E OE2 1 
ATOM   1184 N N   . LEU E 2 13 ? 12.885  25.221  -13.385 1.00 35.98  ? 12 LEU E N   1 
ATOM   1185 C CA  . LEU E 2 13 ? 13.154  23.790  -13.468 1.00 31.94  ? 12 LEU E CA  1 
ATOM   1186 C C   . LEU E 2 13 ? 12.768  23.166  -12.140 1.00 37.99  ? 12 LEU E C   1 
ATOM   1187 O O   . LEU E 2 13 ? 12.377  21.975  -12.070 1.00 33.65  ? 12 LEU E O   1 
ATOM   1188 C CB  . LEU E 2 13 ? 14.640  23.475  -13.801 1.00 37.58  ? 12 LEU E CB  1 
ATOM   1189 C CG  . LEU E 2 13 ? 15.105  23.967  -15.191 1.00 39.01  ? 12 LEU E CG  1 
ATOM   1190 C CD1 . LEU E 2 13 ? 16.649  24.020  -15.216 1.00 45.30  ? 12 LEU E CD1 1 
ATOM   1191 C CD2 . LEU E 2 13 ? 14.592  23.069  -16.316 1.00 42.37  ? 12 LEU E CD2 1 
ATOM   1192 N N   . LYS E 2 14 ? 12.878  23.930  -11.064 1.00 31.78  ? 13 LYS E N   1 
ATOM   1193 C CA  . LYS E 2 14 ? 12.482  23.338  -9.786  1.00 41.80  ? 13 LYS E CA  1 
ATOM   1194 C C   . LYS E 2 14 ? 10.951  23.043  -9.778  1.00 39.69  ? 13 LYS E C   1 
ATOM   1195 O O   . LYS E 2 14 ? 10.519  22.068  -9.203  1.00 33.72  ? 13 LYS E O   1 
ATOM   1196 C CB  . LYS E 2 14 ? 12.805  24.259  -8.631  1.00 44.31  ? 13 LYS E CB  1 
ATOM   1197 C CG  . LYS E 2 14 ? 14.226  24.216  -8.109  1.00 56.63  ? 13 LYS E CG  1 
ATOM   1198 C CD  . LYS E 2 14 ? 14.299  25.307  -7.039  1.00 64.30  ? 13 LYS E CD  1 
ATOM   1199 C CE  . LYS E 2 14 ? 15.658  25.471  -6.402  1.00 70.39  ? 13 LYS E CE  1 
ATOM   1200 N NZ  . LYS E 2 14 ? 15.568  26.511  -5.316  1.00 81.02  ? 13 LYS E NZ  1 
ATOM   1201 N N   . SER E 2 15 ? 10.161  23.876  -10.441 1.00 39.19  ? 14 SER E N   1 
ATOM   1202 C CA  . SER E 2 15 ? 8.722   23.653  -10.459 1.00 46.17  ? 14 SER E CA  1 
ATOM   1203 C C   . SER E 2 15 ? 8.428   22.521  -11.387 1.00 43.63  ? 14 SER E C   1 
ATOM   1204 O O   . SER E 2 15 ? 7.596   21.648  -11.090 1.00 40.90  ? 14 SER E O   1 
ATOM   1205 C CB  . SER E 2 15 ? 7.968   24.921  -10.869 1.00 36.95  ? 14 SER E CB  1 
ATOM   1206 O OG  . SER E 2 15 ? 8.117   25.818  -9.778  1.00 40.44  ? 14 SER E OG  1 
ATOM   1207 N N   . LYS E 2 16 ? 9.140   22.489  -12.500 1.00 38.53  ? 15 LYS E N   1 
ATOM   1208 C CA  . LYS E 2 16 ? 8.904   21.401  -13.405 1.00 41.55  ? 15 LYS E CA  1 
ATOM   1209 C C   . LYS E 2 16 ? 9.270   20.092  -12.697 1.00 46.20  ? 15 LYS E C   1 
ATOM   1210 O O   . LYS E 2 16 ? 8.574   19.060  -12.837 1.00 50.00  ? 15 LYS E O   1 
ATOM   1211 C CB  . LYS E 2 16 ? 9.689   21.609  -14.699 1.00 46.41  ? 15 LYS E CB  1 
ATOM   1212 C CG  . LYS E 2 16 ? 9.316   20.592  -15.773 1.00 46.90  ? 15 LYS E CG  1 
ATOM   1213 C CD  . LYS E 2 16 ? 9.851   21.032  -17.158 1.00 59.66  ? 15 LYS E CD  1 
ATOM   1214 C CE  . LYS E 2 16 ? 9.392   20.103  -18.285 1.00 67.44  ? 15 LYS E CE  1 
ATOM   1215 N NZ  . LYS E 2 16 ? 8.052   20.500  -18.819 1.00 72.12  ? 15 LYS E NZ  1 
ATOM   1216 N N   . LEU E 2 17 ? 10.327  20.121  -11.894 1.00 38.56  ? 16 LEU E N   1 
ATOM   1217 C CA  . LEU E 2 17 ? 10.730  18.913  -11.184 1.00 36.26  ? 16 LEU E CA  1 
ATOM   1218 C C   . LEU E 2 17 ? 9.630   18.455  -10.189 1.00 37.22  ? 16 LEU E C   1 
ATOM   1219 O O   . LEU E 2 17 ? 9.339   17.287  -10.084 1.00 30.79  ? 16 LEU E O   1 
ATOM   1220 C CB  . LEU E 2 17 ? 11.998  19.161  -10.370 1.00 43.85  ? 16 LEU E CB  1 
ATOM   1221 C CG  . LEU E 2 17 ? 12.759  17.886  -10.033 1.00 54.22  ? 16 LEU E CG  1 
ATOM   1222 C CD1 . LEU E 2 17 ? 13.471  17.348  -11.316 1.00 48.86  ? 16 LEU E CD1 1 
ATOM   1223 C CD2 . LEU E 2 17 ? 13.777  18.210  -8.959  1.00 61.18  ? 16 LEU E CD2 1 
ATOM   1224 N N   . TRP E 2 18 ? 9.113   19.382  -9.406  1.00 31.40  ? 17 TRP E N   1 
ATOM   1225 C CA  . TRP E 2 18 ? 8.062   19.050  -8.473  1.00 43.95  ? 17 TRP E CA  1 
ATOM   1226 C C   . TRP E 2 18 ? 6.880   18.362  -9.220  1.00 38.50  ? 17 TRP E C   1 
ATOM   1227 O O   . TRP E 2 18 ? 6.342   17.372  -8.735  1.00 44.45  ? 17 TRP E O   1 
ATOM   1228 C CB  . TRP E 2 18 ? 7.571   20.337  -7.755  1.00 36.40  ? 17 TRP E CB  1 
ATOM   1229 C CG  . TRP E 2 18 ? 6.355   20.082  -6.832  1.00 51.46  ? 17 TRP E CG  1 
ATOM   1230 C CD1 . TRP E 2 18 ? 6.269   19.188  -5.769  1.00 47.50  ? 17 TRP E CD1 1 
ATOM   1231 C CD2 . TRP E 2 18 ? 5.075   20.716  -6.917  1.00 49.39  ? 17 TRP E CD2 1 
ATOM   1232 N NE1 . TRP E 2 18 ? 5.005   19.236  -5.212  1.00 48.27  ? 17 TRP E NE1 1 
ATOM   1233 C CE2 . TRP E 2 18 ? 4.261   20.169  -5.890  1.00 52.54  ? 17 TRP E CE2 1 
ATOM   1234 C CE3 . TRP E 2 18 ? 4.534   21.697  -7.759  1.00 50.55  ? 17 TRP E CE3 1 
ATOM   1235 C CZ2 . TRP E 2 18 ? 2.952   20.576  -5.690  1.00 46.91  ? 17 TRP E CZ2 1 
ATOM   1236 C CZ3 . TRP E 2 18 ? 3.228   22.099  -7.553  1.00 56.15  ? 17 TRP E CZ3 1 
ATOM   1237 C CH2 . TRP E 2 18 ? 2.453   21.540  -6.527  1.00 53.86  ? 17 TRP E CH2 1 
ATOM   1238 N N   . HIS E 2 19 ? 6.502   18.850  -10.389 1.00 39.25  ? 18 HIS E N   1 
ATOM   1239 C CA  . HIS E 2 19 ? 5.354   18.249  -11.053 1.00 44.51  ? 18 HIS E CA  1 
ATOM   1240 C C   . HIS E 2 19 ? 5.688   16.803  -11.418 1.00 51.78  ? 18 HIS E C   1 
ATOM   1241 O O   . HIS E 2 19 ? 4.944   15.871  -11.023 1.00 43.27  ? 18 HIS E O   1 
ATOM   1242 C CB  . HIS E 2 19 ? 4.893   19.089  -12.272 1.00 44.19  ? 18 HIS E CB  1 
ATOM   1243 C CG  . HIS E 2 19 ? 4.237   20.408  -11.913 1.00 48.80  ? 18 HIS E CG  1 
ATOM   1244 N ND1 . HIS E 2 19 ? 3.100   20.500  -11.133 1.00 45.77  ? 18 HIS E ND1 1 
ATOM   1245 C CD2 . HIS E 2 19 ? 4.603   21.693  -12.183 1.00 46.33  ? 18 HIS E CD2 1 
ATOM   1246 C CE1 . HIS E 2 19 ? 2.803   21.777  -10.922 1.00 36.86  ? 18 HIS E CE1 1 
ATOM   1247 N NE2 . HIS E 2 19 ? 3.701   22.519  -11.548 1.00 46.82  ? 18 HIS E NE2 1 
ATOM   1248 N N   . LEU E 2 20 ? 6.846   16.588  -12.066 1.00 39.03  ? 19 LEU E N   1 
ATOM   1249 C CA  . LEU E 2 20 ? 7.237   15.236  -12.458 1.00 37.19  ? 19 LEU E CA  1 
ATOM   1250 C C   . LEU E 2 20 ? 7.322   14.273  -11.319 1.00 39.30  ? 19 LEU E C   1 
ATOM   1251 O O   . LEU E 2 20 ? 7.053   13.087  -11.508 1.00 36.94  ? 19 LEU E O   1 
ATOM   1252 C CB  . LEU E 2 20 ? 8.598   15.220  -13.205 1.00 38.58  ? 19 LEU E CB  1 
ATOM   1253 C CG  . LEU E 2 20 ? 8.453   15.641  -14.645 1.00 37.80  ? 19 LEU E CG  1 
ATOM   1254 C CD1 . LEU E 2 20 ? 9.789   16.167  -15.158 1.00 49.66  ? 19 LEU E CD1 1 
ATOM   1255 C CD2 . LEU E 2 20 ? 8.008   14.471  -15.485 1.00 41.06  ? 19 LEU E CD2 1 
ATOM   1256 N N   . LYS E 2 21 ? 7.768   14.750  -10.153 1.00 36.12  ? 20 LYS E N   1 
ATOM   1257 C CA  . LYS E 2 21 ? 7.830   13.881  -9.004  1.00 37.67  ? 20 LYS E CA  1 
ATOM   1258 C C   . LYS E 2 21 ? 6.412   13.531  -8.580  1.00 40.28  ? 20 LYS E C   1 
ATOM   1259 O O   . LYS E 2 21 ? 6.176   12.458  -8.075  1.00 42.60  ? 20 LYS E O   1 
ATOM   1260 C CB  . LYS E 2 21 ? 8.565   14.574  -7.855  1.00 42.02  ? 20 LYS E CB  1 
ATOM   1261 C CG  . LYS E 2 21 ? 10.059  14.827  -8.175  1.00 45.74  ? 20 LYS E CG  1 
ATOM   1262 C CD  . LYS E 2 21 ? 10.853  15.224  -6.946  1.00 55.06  ? 20 LYS E CD  1 
ATOM   1263 C CE  . LYS E 2 21 ? 12.327  15.403  -7.284  1.00 63.98  ? 20 LYS E CE  1 
ATOM   1264 N NZ  . LYS E 2 21 ? 13.126  15.735  -6.055  1.00 69.93  ? 20 LYS E NZ  1 
ATOM   1265 N N   . ASN E 2 22 ? 5.478   14.468  -8.705  1.00 39.71  ? 21 ASN E N   1 
ATOM   1266 C CA  . ASN E 2 22 ? 4.077   14.128  -8.355  1.00 44.55  ? 21 ASN E CA  1 
ATOM   1267 C C   . ASN E 2 22 ? 3.579   13.013  -9.329  1.00 42.17  ? 21 ASN E C   1 
ATOM   1268 O O   . ASN E 2 22 ? 2.903   12.059  -8.915  1.00 44.54  ? 21 ASN E O   1 
ATOM   1269 C CB  . ASN E 2 22 ? 3.133   15.337  -8.541  1.00 34.29  ? 21 ASN E CB  1 
ATOM   1270 C CG  . ASN E 2 22 ? 3.291   16.421  -7.472  1.00 41.83  ? 21 ASN E CG  1 
ATOM   1271 O OD1 . ASN E 2 22 ? 3.053   17.619  -7.752  1.00 43.54  ? 21 ASN E OD1 1 
ATOM   1272 N ND2 . ASN E 2 22 ? 3.646   16.026  -6.260  1.00 40.26  ? 21 ASN E ND2 1 
ATOM   1273 N N   . LYS E 2 23 ? 3.879   13.176  -10.627 1.00 39.52  ? 22 LYS E N   1 
ATOM   1274 C CA  . LYS E 2 23 ? 3.446   12.207  -11.645 1.00 40.60  ? 22 LYS E CA  1 
ATOM   1275 C C   . LYS E 2 23 ? 4.066   10.831  -11.373 1.00 48.06  ? 22 LYS E C   1 
ATOM   1276 O O   . LYS E 2 23 ? 3.396   9.781   -11.473 1.00 44.81  ? 22 LYS E O   1 
ATOM   1277 C CB  . LYS E 2 23 ? 3.818   12.742  -13.021 1.00 38.88  ? 22 LYS E CB  1 
ATOM   1278 C CG  . LYS E 2 23 ? 3.420   11.920  -14.209 1.00 39.02  ? 22 LYS E CG  1 
ATOM   1279 C CD  . LYS E 2 23 ? 3.378   12.887  -15.393 1.00 48.49  ? 22 LYS E CD  1 
ATOM   1280 C CE  . LYS E 2 23 ? 2.702   12.321  -16.610 1.00 50.19  ? 22 LYS E CE  1 
ATOM   1281 N NZ  . LYS E 2 23 ? 2.965   13.184  -17.822 1.00 51.31  ? 22 LYS E NZ  1 
ATOM   1282 N N   . VAL E 2 24 ? 5.341   10.816  -11.011 1.00 43.65  ? 23 VAL E N   1 
ATOM   1283 C CA  . VAL E 2 24 ? 5.961   9.537   -10.722 1.00 40.83  ? 23 VAL E CA  1 
ATOM   1284 C C   . VAL E 2 24 ? 5.292   8.911   -9.495  1.00 43.17  ? 23 VAL E C   1 
ATOM   1285 O O   . VAL E 2 24 ? 5.003   7.720   -9.512  1.00 40.76  ? 23 VAL E O   1 
ATOM   1286 C CB  . VAL E 2 24 ? 7.503   9.682   -10.497 1.00 45.33  ? 23 VAL E CB  1 
ATOM   1287 C CG1 . VAL E 2 24 ? 8.067   8.518   -9.632  1.00 45.35  ? 23 VAL E CG1 1 
ATOM   1288 C CG2 . VAL E 2 24 ? 8.208   9.672   -11.863 1.00 39.17  ? 23 VAL E CG2 1 
ATOM   1289 N N   . ALA E 2 25 ? 5.073   9.688   -8.431  1.00 41.53  ? 24 ALA E N   1 
ATOM   1290 C CA  . ALA E 2 25 ? 4.410   9.152   -7.238  1.00 48.64  ? 24 ALA E CA  1 
ATOM   1291 C C   . ALA E 2 25 ? 3.031   8.563   -7.589  1.00 46.18  ? 24 ALA E C   1 
ATOM   1292 O O   . ALA E 2 25 ? 2.660   7.502   -7.092  1.00 60.76  ? 24 ALA E O   1 
ATOM   1293 C CB  . ALA E 2 25 ? 4.263   10.224  -6.176  1.00 45.71  ? 24 ALA E CB  1 
ATOM   1294 N N   . ARG E 2 26 ? 2.291   9.235   -8.454  1.00 47.47  ? 25 ARG E N   1 
ATOM   1295 C CA  . ARG E 2 26 ? 0.976   8.768   -8.876  1.00 48.72  ? 25 ARG E CA  1 
ATOM   1296 C C   . ARG E 2 26 ? 1.090   7.417   -9.641  1.00 51.83  ? 25 ARG E C   1 
ATOM   1297 O O   . ARG E 2 26 ? 0.421   6.434   -9.293  1.00 48.64  ? 25 ARG E O   1 
ATOM   1298 C CB  . ARG E 2 26 ? 0.309   9.815   -9.762  1.00 48.41  ? 25 ARG E CB  1 
ATOM   1299 C CG  . ARG E 2 26 ? -1.037  9.354   -10.289 1.00 53.47  ? 25 ARG E CG  1 
ATOM   1300 C CD  . ARG E 2 26 ? -1.598  10.316  -11.300 1.00 53.63  ? 25 ARG E CD  1 
ATOM   1301 N NE  . ARG E 2 26 ? -2.967  9.953   -11.632 1.00 51.08  ? 25 ARG E NE  1 
ATOM   1302 C CZ  . ARG E 2 26 ? -3.346  9.301   -12.733 1.00 60.28  ? 25 ARG E CZ  1 
ATOM   1303 N NH1 . ARG E 2 26 ? -2.456  8.936   -13.648 1.00 51.79  ? 25 ARG E NH1 1 
ATOM   1304 N NH2 . ARG E 2 26 ? -4.632  8.995   -12.915 1.00 49.74  ? 25 ARG E NH2 1 
ATOM   1305 N N   . LEU E 2 27 ? 1.939   7.357   -10.669 1.00 51.26  ? 26 LEU E N   1 
ATOM   1306 C CA  . LEU E 2 27 ? 2.123   6.114   -11.436 1.00 51.23  ? 26 LEU E CA  1 
ATOM   1307 C C   . LEU E 2 27 ? 2.542   4.940   -10.553 1.00 48.93  ? 26 LEU E C   1 
ATOM   1308 O O   . LEU E 2 27 ? 2.083   3.826   -10.757 1.00 51.08  ? 26 LEU E O   1 
ATOM   1309 C CB  . LEU E 2 27 ? 3.124   6.313   -12.568 1.00 42.64  ? 26 LEU E CB  1 
ATOM   1310 C CG  . LEU E 2 27 ? 2.562   7.275   -13.618 1.00 47.69  ? 26 LEU E CG  1 
ATOM   1311 C CD1 . LEU E 2 27 ? 3.691   7.878   -14.454 1.00 35.30  ? 26 LEU E CD1 1 
ATOM   1312 C CD2 . LEU E 2 27 ? 1.570   6.531   -14.526 1.00 43.98  ? 26 LEU E CD2 1 
ATOM   1313 N N   . LYS E 2 28 ? 3.405   5.171   -9.572  1.00 43.87  ? 27 LYS E N   1 
ATOM   1314 C CA  . LYS E 2 28 ? 3.804   4.083   -8.699  1.00 52.93  ? 27 LYS E CA  1 
ATOM   1315 C C   . LYS E 2 28 ? 2.603   3.641   -7.871  1.00 60.20  ? 27 LYS E C   1 
ATOM   1316 O O   . LYS E 2 28 ? 2.444   2.467   -7.573  1.00 60.21  ? 27 LYS E O   1 
ATOM   1317 C CB  . LYS E 2 28 ? 4.938   4.512   -7.785  1.00 55.30  ? 27 LYS E CB  1 
ATOM   1318 C CG  . LYS E 2 28 ? 6.244   4.756   -8.554  1.00 63.18  ? 27 LYS E CG  1 
ATOM   1319 C CD  . LYS E 2 28 ? 7.317   5.434   -7.723  1.00 60.37  ? 27 LYS E CD  1 
ATOM   1320 C CE  . LYS E 2 28 ? 7.712   4.615   -6.515  1.00 67.39  ? 27 LYS E CE  1 
ATOM   1321 N NZ  . LYS E 2 28 ? 6.622   4.600   -5.488  1.00 70.56  ? 27 LYS E NZ  1 
ATOM   1322 N N   . LYS E 2 29 ? 1.763   4.590   -7.490  1.00 60.84  ? 28 LYS E N   1 
ATOM   1323 C CA  . LYS E 2 29 ? 0.591   4.247   -6.714  1.00 64.72  ? 28 LYS E CA  1 
ATOM   1324 C C   . LYS E 2 29 ? -0.270  3.379   -7.607  1.00 65.70  ? 28 LYS E C   1 
ATOM   1325 O O   . LYS E 2 29 ? -0.702  2.293   -7.188  1.00 62.60  ? 28 LYS E O   1 
ATOM   1326 C CB  . LYS E 2 29 ? -0.178  5.514   -6.290  1.00 68.80  ? 28 LYS E CB  1 
ATOM   1327 N N   . LYS E 2 30 ? -0.498  3.857   -8.838  1.00 61.27  ? 29 LYS E N   1 
ATOM   1328 C CA  . LYS E 2 30 ? -1.306  3.140   -9.810  1.00 60.55  ? 29 LYS E CA  1 
ATOM   1329 C C   . LYS E 2 30 ? -0.774  1.736   -10.003 1.00 68.50  ? 29 LYS E C   1 
ATOM   1330 O O   . LYS E 2 30 ? -1.542  0.747   -10.020 1.00 64.92  ? 29 LYS E O   1 
ATOM   1331 C CB  . LYS E 2 30 ? -1.306  3.836   -11.168 1.00 63.37  ? 29 LYS E CB  1 
ATOM   1332 C CG  . LYS E 2 30 ? -2.409  4.859   -11.369 1.00 68.25  ? 29 LYS E CG  1 
ATOM   1333 C CD  . LYS E 2 30 ? -2.906  4.845   -12.815 1.00 68.99  ? 29 LYS E CD  1 
ATOM   1334 C CE  . LYS E 2 30 ? -4.416  4.673   -12.840 1.00 77.25  ? 29 LYS E CE  1 
ATOM   1335 N NZ  . LYS E 2 30 ? -4.954  4.158   -14.135 1.00 86.94  ? 29 LYS E NZ  1 
ATOM   1336 N N   . ASN E 2 31 ? 0.543   1.645   -10.154 1.00 63.34  ? 30 ASN E N   1 
ATOM   1337 C CA  . ASN E 2 31 ? 1.148   0.357   -10.356 1.00 65.51  ? 30 ASN E CA  1 
ATOM   1338 C C   . ASN E 2 31 ? 0.945   -0.526  -9.151  1.00 65.28  ? 30 ASN E C   1 
ATOM   1339 O O   . ASN E 2 31 ? 0.616   -1.699  -9.297  1.00 66.35  ? 30 ASN E O   1 
ATOM   1340 C CB  . ASN E 2 31 ? 2.635   0.500   -10.676 1.00 67.17  ? 30 ASN E CB  1 
ATOM   1341 C CG  . ASN E 2 31 ? 2.919   0.281   -12.136 1.00 73.41  ? 30 ASN E CG  1 
ATOM   1342 O OD1 . ASN E 2 31 ? 3.489   -0.749  -12.523 1.00 76.11  ? 30 ASN E OD1 1 
ATOM   1343 N ND2 . ASN E 2 31 ? 2.501   1.234   -12.973 1.00 75.81  ? 30 ASN E ND2 1 
ATOM   1344 N N   . ALA E 2 32 ? 1.126   0.017   -7.957  1.00 65.11  ? 31 ALA E N   1 
ATOM   1345 C CA  . ALA E 2 32 ? 0.942   -0.797  -6.768  1.00 66.67  ? 31 ALA E CA  1 
ATOM   1346 C C   . ALA E 2 32 ? -0.483  -1.335  -6.713  1.00 68.91  ? 31 ALA E C   1 
ATOM   1347 O O   . ALA E 2 32 ? -0.694  -2.530  -6.542  1.00 70.21  ? 31 ALA E O   1 
ATOM   1348 C CB  . ALA E 2 32 ? 1.246   0.009   -5.526  1.00 67.88  ? 31 ALA E CB  1 
ATOM   1349 N N   . GLU E 2 33 ? -1.452  -0.439  -6.876  1.00 72.36  ? 32 GLU E N   1 
ATOM   1350 C CA  . GLU E 2 33 ? -2.860  -0.797  -6.838  1.00 73.10  ? 32 GLU E CA  1 
ATOM   1351 C C   . GLU E 2 33 ? -3.154  -1.906  -7.825  1.00 76.12  ? 32 GLU E C   1 
ATOM   1352 O O   . GLU E 2 33 ? -3.889  -2.852  -7.511  1.00 79.17  ? 32 GLU E O   1 
ATOM   1353 C CB  . GLU E 2 33 ? -3.729  0.426   -7.139  1.00 73.75  ? 32 GLU E CB  1 
ATOM   1354 N N   . CYS E 2 34 ? -2.590  -1.809  -9.021  1.00 74.07  ? 33 CYS E N   1 
ATOM   1355 C CA  . CYS E 2 34 ? -2.834  -2.847  -10.004 1.00 80.09  ? 33 CYS E CA  1 
ATOM   1356 C C   . CYS E 2 34 ? -2.257  -4.180  -9.507  1.00 84.23  ? 33 CYS E C   1 
ATOM   1357 O O   . CYS E 2 34 ? -2.991  -5.151  -9.327  1.00 84.05  ? 33 CYS E O   1 
ATOM   1358 C CB  . CYS E 2 34 ? -2.224  -2.470  -11.349 1.00 77.61  ? 33 CYS E CB  1 
ATOM   1359 S SG  . CYS E 2 34 ? -2.602  -3.697  -12.629 1.00 79.54  ? 33 CYS E SG  1 
ATOM   1360 N N   . LYS E 2 35 ? -0.951  -4.226  -9.270  1.00 87.46  ? 34 LYS E N   1 
ATOM   1361 C CA  . LYS E 2 35 ? -0.340  -5.455  -8.781  1.00 92.65  ? 34 LYS E CA  1 
ATOM   1362 C C   . LYS E 2 35 ? -0.991  -5.836  -7.445  1.00 95.50  ? 34 LYS E C   1 
ATOM   1363 O O   . LYS E 2 35 ? -1.911  -6.684  -7.459  1.00 97.94  ? 34 LYS E O   1 
ATOM   1364 C CB  . LYS E 2 35 ? 1.169   -5.266  -8.605  1.00 86.76  ? 34 LYS E CB  1 
HETATM 1365 C C   . ACE F 1 1  ? 30.755  31.931  -9.812  1.00 72.33  ? 0  ACE F C   1 
HETATM 1366 O O   . ACE F 1 1  ? 30.373  30.766  -9.751  1.00 74.59  ? 0  ACE F O   1 
HETATM 1367 C CH3 . ACE F 1 1  ? 32.210  32.252  -10.037 1.00 73.23  ? 0  ACE F CH3 1 
ATOM   1368 N N   . GLU F 1 2  ? 29.919  32.951  -9.689  1.00 70.79  ? 1  GLU F N   1 
ATOM   1369 C CA  . GLU F 1 2  ? 28.500  32.715  -9.467  1.00 69.76  ? 1  GLU F CA  1 
ATOM   1370 C C   . GLU F 1 2  ? 27.782  32.139  -10.690 1.00 67.68  ? 1  GLU F C   1 
ATOM   1371 O O   . GLU F 1 2  ? 26.830  31.351  -10.559 1.00 66.98  ? 1  GLU F O   1 
ATOM   1372 C CB  . GLU F 1 2  ? 27.814  34.005  -9.055  1.00 69.24  ? 1  GLU F CB  1 
ATOM   1373 C CG  . GLU F 1 2  ? 26.328  33.832  -8.857  1.00 80.70  ? 1  GLU F CG  1 
ATOM   1374 C CD  . GLU F 1 2  ? 25.693  35.048  -8.232  1.00 88.02  ? 1  GLU F CD  1 
ATOM   1375 O OE1 . GLU F 1 2  ? 25.909  36.158  -8.766  1.00 95.47  ? 1  GLU F OE1 1 
ATOM   1376 O OE2 . GLU F 1 2  ? 24.981  34.895  -7.213  1.00 91.33  ? 1  GLU F OE2 1 
ATOM   1377 N N   . VAL F 1 3  ? 28.224  32.536  -11.881 1.00 58.26  ? 2  VAL F N   1 
ATOM   1378 C CA  . VAL F 1 3  ? 27.610  32.053  -13.102 1.00 55.45  ? 2  VAL F CA  1 
ATOM   1379 C C   . VAL F 1 3  ? 27.876  30.564  -13.233 1.00 55.11  ? 2  VAL F C   1 
ATOM   1380 O O   . VAL F 1 3  ? 26.962  29.753  -13.446 1.00 50.60  ? 2  VAL F O   1 
ATOM   1381 C CB  . VAL F 1 3  ? 28.190  32.783  -14.322 1.00 58.29  ? 2  VAL F CB  1 
ATOM   1382 C CG1 . VAL F 1 3  ? 27.449  32.385  -15.593 1.00 55.74  ? 2  VAL F CG1 1 
ATOM   1383 C CG2 . VAL F 1 3  ? 28.062  34.286  -14.107 1.00 61.44  ? 2  VAL F CG2 1 
ATOM   1384 N N   . LYS F 1 4  ? 29.139  30.212  -13.085 1.00 47.94  ? 3  LYS F N   1 
ATOM   1385 C CA  . LYS F 1 4  ? 29.569  28.828  -13.210 1.00 57.43  ? 3  LYS F CA  1 
ATOM   1386 C C   . LYS F 1 4  ? 28.743  27.924  -12.302 1.00 51.95  ? 3  LYS F C   1 
ATOM   1387 O O   . LYS F 1 4  ? 28.267  26.858  -12.718 1.00 43.58  ? 3  LYS F O   1 
ATOM   1388 C CB  . LYS F 1 4  ? 31.044  28.711  -12.816 1.00 64.91  ? 3  LYS F CB  1 
ATOM   1389 C CG  . LYS F 1 4  ? 31.759  27.478  -13.330 1.00 72.63  ? 3  LYS F CG  1 
ATOM   1390 C CD  . LYS F 1 4  ? 32.561  27.830  -14.580 1.00 78.76  ? 3  LYS F CD  1 
ATOM   1391 C CE  . LYS F 1 4  ? 33.429  26.674  -15.023 1.00 82.17  ? 3  LYS F CE  1 
ATOM   1392 N NZ  . LYS F 1 4  ? 32.599  25.493  -15.370 1.00 89.14  ? 3  LYS F NZ  1 
ATOM   1393 N N   . GLN F 1 5  ? 28.585  28.361  -11.058 1.00 46.43  ? 4  GLN F N   1 
ATOM   1394 C CA  . GLN F 1 5  ? 27.851  27.581  -10.092 1.00 52.59  ? 4  GLN F CA  1 
ATOM   1395 C C   . GLN F 1 5  ? 26.363  27.450  -10.482 1.00 49.36  ? 4  GLN F C   1 
ATOM   1396 O O   . GLN F 1 5  ? 25.839  26.348  -10.471 1.00 53.17  ? 4  GLN F O   1 
ATOM   1397 C CB  . GLN F 1 5  ? 28.051  28.154  -8.694  1.00 51.58  ? 4  GLN F CB  1 
ATOM   1398 C CG  . GLN F 1 5  ? 27.486  27.273  -7.603  1.00 67.70  ? 4  GLN F CG  1 
ATOM   1399 C CD  . GLN F 1 5  ? 27.625  25.781  -7.928  1.00 77.01  ? 4  GLN F CD  1 
ATOM   1400 O OE1 . GLN F 1 5  ? 28.725  25.292  -8.238  1.00 77.65  ? 4  GLN F OE1 1 
ATOM   1401 N NE2 . GLN F 1 5  ? 26.510  25.052  -7.856  1.00 74.97  ? 4  GLN F NE2 1 
ATOM   1402 N N   . LEU F 1 6  ? 25.700  28.551  -10.828 1.00 40.03  ? 5  LEU F N   1 
ATOM   1403 C CA  . LEU F 1 6  ? 24.320  28.487  -11.285 1.00 46.46  ? 5  LEU F CA  1 
ATOM   1404 C C   . LEU F 1 6  ? 24.175  27.563  -12.526 1.00 50.05  ? 5  LEU F C   1 
ATOM   1405 O O   . LEU F 1 6  ? 23.214  26.789  -12.626 1.00 43.53  ? 5  LEU F O   1 
ATOM   1406 C CB  . LEU F 1 6  ? 23.815  29.887  -11.626 1.00 41.83  ? 5  LEU F CB  1 
ATOM   1407 C CG  . LEU F 1 6  ? 23.467  30.734  -10.379 1.00 46.64  ? 5  LEU F CG  1 
ATOM   1408 C CD1 . LEU F 1 6  ? 23.213  32.194  -10.758 1.00 47.54  ? 5  LEU F CD1 1 
ATOM   1409 C CD2 . LEU F 1 6  ? 22.221  30.149  -9.702  1.00 50.89  ? 5  LEU F CD2 1 
ATOM   1410 N N   . GLU F 1 7  ? 25.136  27.623  -13.456 1.00 45.28  ? 6  GLU F N   1 
ATOM   1411 C CA  . GLU F 1 7  ? 25.059  26.798  -14.648 1.00 48.48  ? 6  GLU F CA  1 
ATOM   1412 C C   . GLU F 1 7  ? 25.134  25.332  -14.256 1.00 43.47  ? 6  GLU F C   1 
ATOM   1413 O O   . GLU F 1 7  ? 24.447  24.538  -14.841 1.00 36.72  ? 6  GLU F O   1 
ATOM   1414 C CB  . GLU F 1 7  ? 26.182  27.131  -15.654 1.00 43.02  ? 6  GLU F CB  1 
ATOM   1415 C CG  . GLU F 1 7  ? 26.013  28.490  -16.301 1.00 48.68  ? 6  GLU F CG  1 
ATOM   1416 C CD  . GLU F 1 7  ? 27.163  28.836  -17.251 1.00 52.65  ? 6  GLU F CD  1 
ATOM   1417 O OE1 . GLU F 1 7  ? 28.332  28.493  -16.926 1.00 49.00  ? 6  GLU F OE1 1 
ATOM   1418 O OE2 . GLU F 1 7  ? 26.895  29.450  -18.310 1.00 46.34  ? 6  GLU F OE2 1 
ATOM   1419 N N   . ALA F 1 8  ? 25.962  24.997  -13.265 1.00 40.38  ? 7  ALA F N   1 
ATOM   1420 C CA  . ALA F 1 8  ? 26.077  23.621  -12.833 1.00 44.76  ? 7  ALA F CA  1 
ATOM   1421 C C   . ALA F 1 8  ? 24.749  23.179  -12.198 1.00 45.70  ? 7  ALA F C   1 
ATOM   1422 O O   . ALA F 1 8  ? 24.328  22.052  -12.389 1.00 39.45  ? 7  ALA F O   1 
ATOM   1423 C CB  . ALA F 1 8  ? 27.214  23.455  -11.845 1.00 47.83  ? 7  ALA F CB  1 
ATOM   1424 N N   . GLU F 1 9  ? 24.105  24.074  -11.453 1.00 41.03  ? 8  GLU F N   1 
ATOM   1425 C CA  . GLU F 1 9  ? 22.828  23.776  -10.840 1.00 45.56  ? 8  GLU F CA  1 
ATOM   1426 C C   . GLU F 1 9  ? 21.753  23.528  -11.907 1.00 39.18  ? 8  GLU F C   1 
ATOM   1427 O O   . GLU F 1 9  ? 20.981  22.576  -11.814 1.00 48.21  ? 8  GLU F O   1 
ATOM   1428 C CB  . GLU F 1 9  ? 22.406  24.912  -9.891  1.00 42.74  ? 8  GLU F CB  1 
ATOM   1429 C CG  . GLU F 1 9  ? 21.904  24.345  -8.580  1.00 62.43  ? 8  GLU F CG  1 
ATOM   1430 C CD  . GLU F 1 9  ? 21.075  25.326  -7.796  1.00 68.24  ? 8  GLU F CD  1 
ATOM   1431 O OE1 . GLU F 1 9  ? 21.575  26.455  -7.604  1.00 70.49  ? 8  GLU F OE1 1 
ATOM   1432 O OE2 . GLU F 1 9  ? 19.937  24.974  -7.384  1.00 56.19  ? 8  GLU F OE2 1 
ATOM   1433 N N   . VAL F 1 10 ? 21.712  24.370  -12.941 1.00 39.06  ? 9  VAL F N   1 
ATOM   1434 C CA  . VAL F 1 10 ? 20.768  24.189  -14.036 1.00 37.76  ? 9  VAL F CA  1 
ATOM   1435 C C   . VAL F 1 10 ? 20.953  22.809  -14.707 1.00 44.04  ? 9  VAL F C   1 
ATOM   1436 O O   . VAL F 1 10 ? 19.993  22.056  -14.980 1.00 35.66  ? 9  VAL F O   1 
ATOM   1437 C CB  . VAL F 1 10 ? 20.944  25.309  -15.093 1.00 34.41  ? 9  VAL F CB  1 
ATOM   1438 C CG1 . VAL F 1 10 ? 20.228  24.960  -16.379 1.00 37.63  ? 9  VAL F CG1 1 
ATOM   1439 C CG2 . VAL F 1 10 ? 20.384  26.629  -14.561 1.00 44.62  ? 9  VAL F CG2 1 
ATOM   1440 N N   . GLU F 1 11 ? 22.204  22.469  -14.964 1.00 35.57  ? 10 GLU F N   1 
ATOM   1441 C CA  . GLU F 1 11 ? 22.532  21.204  -15.623 1.00 37.74  ? 10 GLU F CA  1 
ATOM   1442 C C   . GLU F 1 11 ? 22.139  20.014  -14.794 1.00 33.68  ? 10 GLU F C   1 
ATOM   1443 O O   . GLU F 1 11 ? 21.648  19.025  -15.318 1.00 37.65  ? 10 GLU F O   1 
ATOM   1444 C CB  . GLU F 1 11 ? 24.037  21.144  -15.931 1.00 38.43  ? 10 GLU F CB  1 
ATOM   1445 C CG  . GLU F 1 11 ? 24.356  21.956  -17.159 1.00 50.88  ? 10 GLU F CG  1 
ATOM   1446 C CD  . GLU F 1 11 ? 25.825  22.308  -17.266 1.00 51.56  ? 10 GLU F CD  1 
ATOM   1447 O OE1 . GLU F 1 11 ? 26.630  21.746  -16.496 1.00 46.76  ? 10 GLU F OE1 1 
ATOM   1448 O OE2 . GLU F 1 11 ? 26.152  23.149  -18.134 1.00 59.61  ? 10 GLU F OE2 1 
ATOM   1449 N N   . GLU F 1 12 ? 22.339  20.127  -13.493 1.00 32.42  ? 11 GLU F N   1 
ATOM   1450 C CA  . GLU F 1 12 ? 21.976  19.062  -12.584 1.00 37.49  ? 11 GLU F CA  1 
ATOM   1451 C C   . GLU F 1 12 ? 20.454  18.886  -12.568 1.00 35.49  ? 11 GLU F C   1 
ATOM   1452 O O   . GLU F 1 12 ? 19.952  17.759  -12.511 1.00 37.48  ? 11 GLU F O   1 
ATOM   1453 C CB  . GLU F 1 12 ? 22.485  19.391  -11.160 1.00 41.46  ? 11 GLU F CB  1 
ATOM   1454 C CG  . GLU F 1 12 ? 22.168  18.332  -10.110 1.00 54.18  ? 11 GLU F CG  1 
ATOM   1455 C CD  . GLU F 1 12 ? 22.984  18.479  -8.807  1.00 72.80  ? 11 GLU F CD  1 
ATOM   1456 O OE1 . GLU F 1 12 ? 23.412  17.437  -8.253  1.00 78.12  ? 11 GLU F OE1 1 
ATOM   1457 O OE2 . GLU F 1 12 ? 23.183  19.623  -8.329  1.00 78.79  ? 11 GLU F OE2 1 
ATOM   1458 N N   . LEU F 1 13 ? 19.721  19.996  -12.581 1.00 32.84  ? 12 LEU F N   1 
ATOM   1459 C CA  . LEU F 1 13 ? 18.259  19.909  -12.572 1.00 34.41  ? 12 LEU F CA  1 
ATOM   1460 C C   . LEU F 1 13 ? 17.773  19.303  -13.889 1.00 41.23  ? 12 LEU F C   1 
ATOM   1461 O O   . LEU F 1 13 ? 16.882  18.420  -13.904 1.00 41.57  ? 12 LEU F O   1 
ATOM   1462 C CB  . LEU F 1 13 ? 17.652  21.300  -12.364 1.00 32.99  ? 12 LEU F CB  1 
ATOM   1463 C CG  . LEU F 1 13 ? 17.692  21.762  -10.913 1.00 35.69  ? 12 LEU F CG  1 
ATOM   1464 C CD1 . LEU F 1 13 ? 17.389  23.258  -10.907 1.00 33.32  ? 12 LEU F CD1 1 
ATOM   1465 C CD2 . LEU F 1 13 ? 16.628  21.039  -10.072 1.00 41.03  ? 12 LEU F CD2 1 
ATOM   1466 N N   . GLU F 1 14 ? 18.358  19.765  -15.001 1.00 33.16  ? 13 GLU F N   1 
ATOM   1467 C CA  . GLU F 1 14 ? 18.000  19.221  -16.286 1.00 38.05  ? 13 GLU F CA  1 
ATOM   1468 C C   . GLU F 1 14 ? 18.237  17.720  -16.387 1.00 39.52  ? 13 GLU F C   1 
ATOM   1469 O O   . GLU F 1 14 ? 17.379  16.987  -16.910 1.00 35.39  ? 13 GLU F O   1 
ATOM   1470 C CB  . GLU F 1 14 ? 18.729  19.958  -17.397 1.00 39.59  ? 13 GLU F CB  1 
ATOM   1471 C CG  . GLU F 1 14 ? 18.176  21.377  -17.579 1.00 45.37  ? 13 GLU F CG  1 
ATOM   1472 C CD  . GLU F 1 14 ? 18.905  22.121  -18.675 1.00 46.96  ? 13 GLU F CD  1 
ATOM   1473 O OE1 . GLU F 1 14 ? 20.098  21.806  -18.897 1.00 53.80  ? 13 GLU F OE1 1 
ATOM   1474 O OE2 . GLU F 1 14 ? 18.311  23.031  -19.289 1.00 49.08  ? 13 GLU F OE2 1 
ATOM   1475 N N   . SER F 1 15 ? 19.366  17.227  -15.883 1.00 33.43  ? 14 SER F N   1 
ATOM   1476 C CA  . SER F 1 15 ? 19.574  15.792  -15.970 1.00 38.84  ? 14 SER F CA  1 
ATOM   1477 C C   . SER F 1 15 ? 18.535  15.057  -15.091 1.00 36.94  ? 14 SER F C   1 
ATOM   1478 O O   . SER F 1 15 ? 18.066  14.011  -15.480 1.00 35.76  ? 14 SER F O   1 
ATOM   1479 C CB  . SER F 1 15 ? 21.017  15.375  -15.606 1.00 39.31  ? 14 SER F CB  1 
ATOM   1480 O OG  . SER F 1 15 ? 21.923  15.690  -16.676 1.00 37.21  ? 14 SER F OG  1 
ATOM   1481 N N   . GLU F 1 16 ? 18.141  15.606  -13.946 1.00 31.76  ? 15 GLU F N   1 
ATOM   1482 C CA  . GLU F 1 16 ? 17.149  14.897  -13.156 1.00 41.93  ? 15 GLU F CA  1 
ATOM   1483 C C   . GLU F 1 16 ? 15.767  14.882  -13.876 1.00 30.65  ? 15 GLU F C   1 
ATOM   1484 O O   . GLU F 1 16 ? 15.084  13.879  -13.896 1.00 39.35  ? 15 GLU F O   1 
ATOM   1485 C CB  . GLU F 1 16 ? 17.004  15.507  -11.784 1.00 40.18  ? 15 GLU F CB  1 
ATOM   1486 C CG  . GLU F 1 16 ? 16.276  14.588  -10.847 1.00 41.35  ? 15 GLU F CG  1 
ATOM   1487 C CD  . GLU F 1 16 ? 16.245  15.140  -9.435  1.00 56.48  ? 15 GLU F CD  1 
ATOM   1488 O OE1 . GLU F 1 16 ? 16.769  16.262  -9.240  1.00 40.08  ? 15 GLU F OE1 1 
ATOM   1489 O OE2 . GLU F 1 16 ? 15.714  14.453  -8.533  1.00 52.81  ? 15 GLU F OE2 1 
ATOM   1490 N N   . LEU F 1 17 ? 15.412  15.995  -14.494 1.00 33.41  ? 16 LEU F N   1 
ATOM   1491 C CA  . LEU F 1 17 ? 14.186  16.123  -15.256 1.00 35.63  ? 16 LEU F CA  1 
ATOM   1492 C C   . LEU F 1 17 ? 14.088  15.035  -16.327 1.00 44.69  ? 16 LEU F C   1 
ATOM   1493 O O   . LEU F 1 17 ? 13.045  14.432  -16.473 1.00 35.36  ? 16 LEU F O   1 
ATOM   1494 C CB  . LEU F 1 17 ? 14.163  17.468  -15.918 1.00 41.82  ? 16 LEU F CB  1 
ATOM   1495 C CG  . LEU F 1 17 ? 12.831  18.182  -15.890 1.00 56.73  ? 16 LEU F CG  1 
ATOM   1496 C CD1 . LEU F 1 17 ? 12.383  18.347  -14.414 1.00 62.68  ? 16 LEU F CD1 1 
ATOM   1497 C CD2 . LEU F 1 17 ? 12.995  19.540  -16.573 1.00 55.94  ? 16 LEU F CD2 1 
ATOM   1498 N N   . TRP F 1 18 ? 15.172  14.820  -17.093 1.00 35.18  ? 17 TRP F N   1 
ATOM   1499 C CA  . TRP F 1 18 ? 15.240  13.804  -18.157 1.00 41.06  ? 17 TRP F CA  1 
ATOM   1500 C C   . TRP F 1 18 ? 15.136  12.441  -17.514 1.00 32.23  ? 17 TRP F C   1 
ATOM   1501 O O   . TRP F 1 18 ? 14.419  11.544  -18.009 1.00 39.18  ? 17 TRP F O   1 
ATOM   1502 C CB  . TRP F 1 18 ? 16.567  13.979  -18.989 1.00 33.72  ? 17 TRP F CB  1 
ATOM   1503 C CG  . TRP F 1 18 ? 17.039  12.785  -19.914 1.00 52.98  ? 17 TRP F CG  1 
ATOM   1504 C CD1 . TRP F 1 18 ? 18.293  12.193  -19.929 1.00 56.25  ? 17 TRP F CD1 1 
ATOM   1505 C CD2 . TRP F 1 18 ? 16.304  12.155  -20.983 1.00 52.74  ? 17 TRP F CD2 1 
ATOM   1506 N NE1 . TRP F 1 18 ? 18.377  11.250  -20.936 1.00 52.72  ? 17 TRP F NE1 1 
ATOM   1507 C CE2 . TRP F 1 18 ? 17.175  11.203  -21.594 1.00 61.33  ? 17 TRP F CE2 1 
ATOM   1508 C CE3 . TRP F 1 18 ? 14.998  12.296  -21.482 1.00 61.35  ? 17 TRP F CE3 1 
ATOM   1509 C CZ2 . TRP F 1 18 ? 16.776  10.404  -22.671 1.00 54.42  ? 17 TRP F CZ2 1 
ATOM   1510 C CZ3 . TRP F 1 18 ? 14.603  11.494  -22.557 1.00 65.02  ? 17 TRP F CZ3 1 
ATOM   1511 C CH2 . TRP F 1 18 ? 15.494  10.561  -23.137 1.00 60.19  ? 17 TRP F CH2 1 
ATOM   1512 N N   . HIS F 1 19 ? 15.782  12.273  -16.374 1.00 31.44  ? 18 HIS F N   1 
ATOM   1513 C CA  . HIS F 1 19 ? 15.693  10.989  -15.677 1.00 30.17  ? 18 HIS F CA  1 
ATOM   1514 C C   . HIS F 1 19 ? 14.224  10.708  -15.276 1.00 35.67  ? 18 HIS F C   1 
ATOM   1515 O O   . HIS F 1 19 ? 13.722  9.599   -15.469 1.00 37.25  ? 18 HIS F O   1 
ATOM   1516 C CB  . HIS F 1 19 ? 16.615  10.959  -14.417 1.00 27.57  ? 18 HIS F CB  1 
ATOM   1517 C CG  . HIS F 1 19 ? 16.241  9.913   -13.420 1.00 31.93  ? 18 HIS F CG  1 
ATOM   1518 N ND1 . HIS F 1 19 ? 16.209  8.571   -13.729 1.00 31.51  ? 18 HIS F ND1 1 
ATOM   1519 C CD2 . HIS F 1 19 ? 15.845  10.016  -12.124 1.00 33.61  ? 18 HIS F CD2 1 
ATOM   1520 C CE1 . HIS F 1 19 ? 15.819  7.883   -12.663 1.00 34.50  ? 18 HIS F CE1 1 
ATOM   1521 N NE2 . HIS F 1 19 ? 15.597  8.734   -11.679 1.00 37.69  ? 18 HIS F NE2 1 
ATOM   1522 N N   . LEU F 1 20 ? 13.560  11.687  -14.687 1.00 32.06  ? 19 LEU F N   1 
ATOM   1523 C CA  . LEU F 1 20 ? 12.144  11.512  -14.281 1.00 39.07  ? 19 LEU F CA  1 
ATOM   1524 C C   . LEU F 1 20 ? 11.213  11.399  -15.498 1.00 33.62  ? 19 LEU F C   1 
ATOM   1525 O O   . LEU F 1 20 ? 10.210  10.658  -15.474 1.00 39.10  ? 19 LEU F O   1 
ATOM   1526 C CB  . LEU F 1 20 ? 11.689  12.661  -13.336 1.00 35.21  ? 19 LEU F CB  1 
ATOM   1527 C CG  . LEU F 1 20 ? 12.420  12.747  -11.992 1.00 33.97  ? 19 LEU F CG  1 
ATOM   1528 C CD1 . LEU F 1 20 ? 11.973  14.030  -11.350 1.00 44.93  ? 19 LEU F CD1 1 
ATOM   1529 C CD2 . LEU F 1 20 ? 12.175  11.558  -11.054 1.00 33.56  ? 19 LEU F CD2 1 
ATOM   1530 N N   . GLU F 1 21 ? 11.510  12.115  -16.568 1.00 32.44  ? 20 GLU F N   1 
ATOM   1531 C CA  . GLU F 1 21 ? 10.690  11.938  -17.753 1.00 38.21  ? 20 GLU F CA  1 
ATOM   1532 C C   . GLU F 1 21 ? 10.770  10.482  -18.226 1.00 47.89  ? 20 GLU F C   1 
ATOM   1533 O O   . GLU F 1 21 ? 9.758   9.878   -18.663 1.00 46.06  ? 20 GLU F O   1 
ATOM   1534 C CB  . GLU F 1 21 ? 11.116  12.852  -18.888 1.00 39.77  ? 20 GLU F CB  1 
ATOM   1535 C CG  . GLU F 1 21 ? 10.799  14.360  -18.637 1.00 41.68  ? 20 GLU F CG  1 
ATOM   1536 C CD  . GLU F 1 21 ? 11.282  15.219  -19.787 1.00 47.25  ? 20 GLU F CD  1 
ATOM   1537 O OE1 . GLU F 1 21 ? 12.203  14.775  -20.497 1.00 48.57  ? 20 GLU F OE1 1 
ATOM   1538 O OE2 . GLU F 1 21 ? 10.754  16.329  -19.999 1.00 58.70  ? 20 GLU F OE2 1 
ATOM   1539 N N   . ASN F 1 22 ? 11.965  9.912   -18.155 1.00 40.06  ? 21 ASN F N   1 
ATOM   1540 C CA  . ASN F 1 22 ? 12.156  8.525   -18.555 1.00 40.22  ? 21 ASN F CA  1 
ATOM   1541 C C   . ASN F 1 22 ? 11.480  7.576   -17.583 1.00 40.13  ? 21 ASN F C   1 
ATOM   1542 O O   . ASN F 1 22 ? 10.915  6.563   -18.001 1.00 38.33  ? 21 ASN F O   1 
ATOM   1543 C CB  . ASN F 1 22 ? 13.666  8.194   -18.716 1.00 49.68  ? 21 ASN F CB  1 
ATOM   1544 C CG  . ASN F 1 22 ? 14.260  8.785   -20.015 1.00 42.01  ? 21 ASN F CG  1 
ATOM   1545 O OD1 . ASN F 1 22 ? 13.677  8.655   -21.077 1.00 53.89  ? 21 ASN F OD1 1 
ATOM   1546 N ND2 . ASN F 1 22 ? 15.411  9.401   -19.923 1.00 49.54  ? 21 ASN F ND2 1 
ATOM   1547 N N   . GLU F 1 23 ? 11.533  7.888   -16.289 1.00 31.79  ? 22 GLU F N   1 
ATOM   1548 C CA  . GLU F 1 23 ? 10.873  7.073   -15.265 1.00 42.37  ? 22 GLU F CA  1 
ATOM   1549 C C   . GLU F 1 23 ? 9.308   7.066   -15.478 1.00 45.83  ? 22 GLU F C   1 
ATOM   1550 O O   . GLU F 1 23 ? 8.652   6.044   -15.253 1.00 42.37  ? 22 GLU F O   1 
ATOM   1551 C CB  . GLU F 1 23 ? 11.173  7.624   -13.874 1.00 42.67  ? 22 GLU F CB  1 
ATOM   1552 C CG  . GLU F 1 23 ? 12.377  7.024   -13.218 1.00 54.84  ? 22 GLU F CG  1 
ATOM   1553 C CD  . GLU F 1 23 ? 12.188  5.546   -12.978 1.00 56.35  ? 22 GLU F CD  1 
ATOM   1554 O OE1 . GLU F 1 23 ? 12.722  4.775   -13.783 1.00 62.23  ? 22 GLU F OE1 1 
ATOM   1555 O OE2 . GLU F 1 23 ? 11.478  5.154   -12.014 1.00 56.37  ? 22 GLU F OE2 1 
ATOM   1556 N N   . VAL F 1 24 ? 8.748   8.206   -15.901 1.00 41.73  ? 23 VAL F N   1 
ATOM   1557 C CA  . VAL F 1 24 ? 7.313   8.335   -16.165 1.00 42.41  ? 23 VAL F CA  1 
ATOM   1558 C C   . VAL F 1 24 ? 7.006   7.336   -17.300 1.00 47.99  ? 23 VAL F C   1 
ATOM   1559 O O   . VAL F 1 24 ? 6.086   6.542   -17.220 1.00 46.48  ? 23 VAL F O   1 
ATOM   1560 C CB  . VAL F 1 24 ? 6.936   9.784   -16.646 1.00 41.29  ? 23 VAL F CB  1 
ATOM   1561 C CG1 . VAL F 1 24 ? 5.584   9.779   -17.358 1.00 41.10  ? 23 VAL F CG1 1 
ATOM   1562 C CG2 . VAL F 1 24 ? 6.840   10.757  -15.468 1.00 40.97  ? 23 VAL F CG2 1 
ATOM   1563 N N   . ALA F 1 25 ? 7.797   7.376   -18.355 1.00 44.19  ? 24 ALA F N   1 
ATOM   1564 C CA  . ALA F 1 25 ? 7.614   6.477   -19.481 1.00 43.83  ? 24 ALA F CA  1 
ATOM   1565 C C   . ALA F 1 25 ? 7.677   5.021   -19.055 1.00 48.42  ? 24 ALA F C   1 
ATOM   1566 O O   . ALA F 1 25 ? 6.816   4.216   -19.422 1.00 49.57  ? 24 ALA F O   1 
ATOM   1567 C CB  . ALA F 1 25 ? 8.662   6.764   -20.572 1.00 46.13  ? 24 ALA F CB  1 
ATOM   1568 N N   . ARG F 1 26 ? 8.677   4.680   -18.259 1.00 39.17  ? 25 ARG F N   1 
ATOM   1569 C CA  . ARG F 1 26 ? 8.798   3.330   -17.788 1.00 41.83  ? 25 ARG F CA  1 
ATOM   1570 C C   . ARG F 1 26 ? 7.557   2.928   -16.985 1.00 52.35  ? 25 ARG F C   1 
ATOM   1571 O O   . ARG F 1 26 ? 6.960   1.880   -17.274 1.00 45.62  ? 25 ARG F O   1 
ATOM   1572 C CB  . ARG F 1 26 ? 10.038  3.171   -16.911 1.00 47.87  ? 25 ARG F CB  1 
ATOM   1573 C CG  . ARG F 1 26 ? 10.425  1.731   -16.583 1.00 47.99  ? 25 ARG F CG  1 
ATOM   1574 C CD  . ARG F 1 26 ? 11.739  1.703   -15.796 1.00 55.01  ? 25 ARG F CD  1 
ATOM   1575 N NE  . ARG F 1 26 ? 11.587  2.286   -14.465 1.00 56.22  ? 25 ARG F NE  1 
ATOM   1576 C CZ  . ARG F 1 26 ? 11.142  1.628   -13.403 1.00 66.63  ? 25 ARG F CZ  1 
ATOM   1577 N NH1 . ARG F 1 26 ? 10.813  0.339   -13.501 1.00 67.44  ? 25 ARG F NH1 1 
ATOM   1578 N NH2 . ARG F 1 26 ? 10.992  2.266   -12.246 1.00 67.92  ? 25 ARG F NH2 1 
ATOM   1579 N N   . LEU F 1 27 ? 7.167   3.740   -15.991 1.00 46.76  ? 26 LEU F N   1 
ATOM   1580 C CA  . LEU F 1 27 ? 6.009   3.374   -15.163 1.00 49.10  ? 26 LEU F CA  1 
ATOM   1581 C C   . LEU F 1 27 ? 4.688   3.319   -15.928 1.00 47.89  ? 26 LEU F C   1 
ATOM   1582 O O   . LEU F 1 27 ? 3.776   2.555   -15.535 1.00 50.15  ? 26 LEU F O   1 
ATOM   1583 C CB  . LEU F 1 27 ? 5.894   4.269   -13.899 1.00 47.10  ? 26 LEU F CB  1 
ATOM   1584 C CG  . LEU F 1 27 ? 7.081   4.087   -12.932 1.00 49.09  ? 26 LEU F CG  1 
ATOM   1585 C CD1 . LEU F 1 27 ? 7.309   5.329   -12.046 1.00 40.66  ? 26 LEU F CD1 1 
ATOM   1586 C CD2 . LEU F 1 27 ? 6.851   2.862   -12.098 1.00 54.43  ? 26 LEU F CD2 1 
ATOM   1587 N N   . GLU F 1 28 ? 4.578   4.085   -17.018 1.00 47.26  ? 27 GLU F N   1 
ATOM   1588 C CA  . GLU F 1 28 ? 3.354   4.068   -17.825 1.00 49.49  ? 27 GLU F CA  1 
ATOM   1589 C C   . GLU F 1 28 ? 3.321   2.752   -18.637 1.00 57.13  ? 27 GLU F C   1 
ATOM   1590 O O   . GLU F 1 28 ? 2.243   2.171   -18.895 1.00 56.29  ? 27 GLU F O   1 
ATOM   1591 C CB  . GLU F 1 28 ? 3.285   5.314   -18.735 1.00 38.26  ? 27 GLU F CB  1 
ATOM   1592 C CG  . GLU F 1 28 ? 2.949   6.583   -17.914 1.00 47.29  ? 27 GLU F CG  1 
ATOM   1593 C CD  . GLU F 1 28 ? 2.863   7.850   -18.752 1.00 44.88  ? 27 GLU F CD  1 
ATOM   1594 O OE1 . GLU F 1 28 ? 3.234   7.814   -19.936 1.00 59.37  ? 27 GLU F OE1 1 
ATOM   1595 O OE2 . GLU F 1 28 ? 2.425   8.891   -18.208 1.00 49.28  ? 27 GLU F OE2 1 
ATOM   1596 N N   . LYS F 1 29 ? 4.504   2.283   -19.037 1.00 53.54  ? 28 LYS F N   1 
ATOM   1597 C CA  . LYS F 1 29 ? 4.598   1.018   -19.747 1.00 52.61  ? 28 LYS F CA  1 
ATOM   1598 C C   . LYS F 1 29 ? 4.234   -0.093  -18.754 1.00 52.16  ? 28 LYS F C   1 
ATOM   1599 O O   . LYS F 1 29 ? 3.353   -0.902  -19.009 1.00 51.00  ? 28 LYS F O   1 
ATOM   1600 C CB  . LYS F 1 29 ? 6.006   0.776   -20.283 1.00 57.03  ? 28 LYS F CB  1 
ATOM   1601 C CG  . LYS F 1 29 ? 6.066   -0.403  -21.260 1.00 61.83  ? 28 LYS F CG  1 
ATOM   1602 C CD  . LYS F 1 29 ? 7.321   -0.316  -22.118 1.00 71.27  ? 28 LYS F CD  1 
ATOM   1603 C CE  . LYS F 1 29 ? 7.406   -1.462  -23.104 1.00 74.10  ? 28 LYS F CE  1 
ATOM   1604 N NZ  . LYS F 1 29 ? 8.576   -1.274  -24.011 1.00 81.01  ? 28 LYS F NZ  1 
ATOM   1605 N N   . GLU F 1 30 ? 4.903   -0.142  -17.615 1.00 42.52  ? 29 GLU F N   1 
ATOM   1606 C CA  . GLU F 1 30 ? 4.549   -1.150  -16.656 1.00 44.79  ? 29 GLU F CA  1 
ATOM   1607 C C   . GLU F 1 30 ? 3.054   -1.084  -16.302 1.00 55.79  ? 29 GLU F C   1 
ATOM   1608 O O   . GLU F 1 30 ? 2.394   -2.126  -16.160 1.00 52.01  ? 29 GLU F O   1 
ATOM   1609 C CB  . GLU F 1 30 ? 5.378   -1.012  -15.414 1.00 48.71  ? 29 GLU F CB  1 
ATOM   1610 N N   . ASN F 1 31 ? 2.490   0.115   -16.181 1.00 55.89  ? 30 ASN F N   1 
ATOM   1611 C CA  . ASN F 1 31 ? 1.093   0.165   -15.771 1.00 54.96  ? 30 ASN F CA  1 
ATOM   1612 C C   . ASN F 1 31 ? 0.188   -0.424  -16.827 1.00 53.98  ? 30 ASN F C   1 
ATOM   1613 O O   . ASN F 1 31 ? -0.703  -1.197  -16.510 1.00 45.43  ? 30 ASN F O   1 
ATOM   1614 C CB  . ASN F 1 31 ? 0.668   1.583   -15.417 1.00 57.22  ? 30 ASN F CB  1 
ATOM   1615 C CG  . ASN F 1 31 ? -0.771  1.653   -14.929 1.00 67.70  ? 30 ASN F CG  1 
ATOM   1616 O OD1 . ASN F 1 31 ? -1.708  1.846   -15.722 1.00 65.67  ? 30 ASN F OD1 1 
ATOM   1617 N ND2 . ASN F 1 31 ? -0.959  1.480   -13.619 1.00 60.73  ? 30 ASN F ND2 1 
ATOM   1618 N N   . ALA F 1 32 ? 0.421   -0.048  -18.071 1.00 54.81  ? 31 ALA F N   1 
ATOM   1619 C CA  . ALA F 1 32 ? -0.351  -0.538  -19.174 1.00 59.64  ? 31 ALA F CA  1 
ATOM   1620 C C   . ALA F 1 32 ? -0.342  -2.068  -19.109 1.00 68.47  ? 31 ALA F C   1 
ATOM   1621 O O   . ALA F 1 32 ? -1.388  -2.731  -19.241 1.00 65.90  ? 31 ALA F O   1 
ATOM   1622 C CB  . ALA F 1 32 ? 0.276   -0.060  -20.481 1.00 57.62  ? 31 ALA F CB  1 
ATOM   1623 N N   . GLU F 1 33 ? 0.851   -2.613  -18.877 1.00 71.28  ? 32 GLU F N   1 
ATOM   1624 C CA  . GLU F 1 33 ? 1.063   -4.052  -18.810 1.00 72.02  ? 32 GLU F CA  1 
ATOM   1625 C C   . GLU F 1 33 ? 0.242   -4.738  -17.738 1.00 71.66  ? 32 GLU F C   1 
ATOM   1626 O O   . GLU F 1 33 ? -0.486  -5.695  -18.012 1.00 64.48  ? 32 GLU F O   1 
ATOM   1627 C CB  . GLU F 1 33 ? 2.543   -4.354  -18.576 1.00 79.48  ? 32 GLU F CB  1 
ATOM   1628 C CG  . GLU F 1 33 ? 2.937   -5.772  -18.929 1.00 85.08  ? 32 GLU F CG  1 
ATOM   1629 C CD  . GLU F 1 33 ? 2.435   -6.156  -20.302 1.00 90.86  ? 32 GLU F CD  1 
ATOM   1630 O OE1 . GLU F 1 33 ? 2.441   -5.280  -21.198 1.00 92.40  ? 32 GLU F OE1 1 
ATOM   1631 O OE2 . GLU F 1 33 ? 2.038   -7.328  -20.485 1.00 95.90  ? 32 GLU F OE2 1 
ATOM   1632 N N   . CYS F 1 34 ? 0.359   -4.255  -16.512 1.00 69.48  ? 33 CYS F N   1 
ATOM   1633 C CA  . CYS F 1 34 ? -0.380  -4.854  -15.417 1.00 71.51  ? 33 CYS F CA  1 
ATOM   1634 C C   . CYS F 1 34 ? -1.873  -4.684  -15.660 1.00 73.12  ? 33 CYS F C   1 
ATOM   1635 O O   . CYS F 1 34 ? -2.674  -5.528  -15.270 1.00 70.78  ? 33 CYS F O   1 
ATOM   1636 C CB  . CYS F 1 34 ? 0.017   -4.205  -14.089 1.00 71.78  ? 33 CYS F CB  1 
ATOM   1637 S SG  . CYS F 1 34 ? -0.924  -4.854  -12.675 1.00 79.63  ? 33 CYS F SG  1 
ATOM   1638 N N   . GLU F 1 35 ? -2.233  -3.601  -16.338 1.00 73.22  ? 34 GLU F N   1 
ATOM   1639 C CA  . GLU F 1 35 ? -3.636  -3.302  -16.612 1.00 77.53  ? 34 GLU F CA  1 
ATOM   1640 C C   . GLU F 1 35 ? -4.271  -4.329  -17.541 1.00 76.08  ? 34 GLU F C   1 
ATOM   1641 O O   . GLU F 1 35 ? -5.342  -4.870  -17.244 1.00 71.55  ? 34 GLU F O   1 
ATOM   1642 C CB  . GLU F 1 35 ? -3.783  -1.879  -17.214 1.00 73.30  ? 34 GLU F CB  1 
ATOM   1643 N N   . ALA F 1 36 ? -3.608  -4.590  -18.660 1.00 76.35  ? 35 ALA F N   1 
ATOM   1644 C CA  . ALA F 1 36 ? -4.111  -5.547  -19.630 1.00 79.11  ? 35 ALA F CA  1 
ATOM   1645 C C   . ALA F 1 36 ? -4.263  -6.934  -19.000 1.00 81.14  ? 35 ALA F C   1 
ATOM   1646 O O   . ALA F 1 36 ? -4.845  -7.821  -19.659 1.00 83.78  ? 35 ALA F O   1 
ATOM   1647 C CB  . ALA F 1 36 ? -3.183  -5.605  -20.830 1.00 82.16  ? 35 ALA F CB  1 
ATOM   1648 O OXT . ALA F 1 36 ? -3.812  -7.119  -17.849 1.00 77.70  ? 35 ALA F OXT 1 
HETATM 1649 O O   . HOH G 3 .  ? 25.881  14.994  -2.003  1.00 56.55  ? 36 HOH A O   1 
HETATM 1650 O O   . HOH G 3 .  ? 24.972  23.037  1.517   1.00 49.94  ? 37 HOH A O   1 
HETATM 1651 O O   . HOH G 3 .  ? 26.270  26.098  2.674   1.00 61.27  ? 38 HOH A O   1 
HETATM 1652 O O   . HOH G 3 .  ? 13.327  25.364  -0.520  1.00 45.98  ? 39 HOH A O   1 
HETATM 1653 O O   . HOH G 3 .  ? 26.163  28.547  -4.310  1.00 69.66  ? 40 HOH A O   1 
HETATM 1654 O O   . HOH G 3 .  ? 10.097  7.785   -3.188  1.00 69.40  ? 41 HOH A O   1 
HETATM 1655 O O   . HOH G 3 .  ? 25.290  12.404  -1.450  1.00 56.83  ? 42 HOH A O   1 
HETATM 1656 O O   . HOH G 3 .  ? 10.291  4.453   5.616   1.00 67.47  ? 43 HOH A O   1 
HETATM 1657 O O   . HOH G 3 .  ? 19.102  3.872   -2.737  1.00 57.82  ? 44 HOH A O   1 
HETATM 1658 O O   . HOH G 3 .  ? 18.265  7.106   -10.279 1.00 55.02  ? 45 HOH A O   1 
HETATM 1659 O O   . HOH G 3 .  ? 10.346  9.655   2.465   1.00 75.99  ? 46 HOH A O   1 
HETATM 1660 O O   . HOH G 3 .  ? 8.903   3.634   1.540   1.00 81.84  ? 47 HOH A O   1 
HETATM 1661 O O   . HOH G 3 .  ? 17.014  23.468  -4.939  1.00 69.72  ? 48 HOH A O   1 
HETATM 1662 O O   . HOH G 3 .  ? 29.567  30.504  -5.708  1.00 78.56  ? 49 HOH A O   1 
HETATM 1663 O O   . HOH G 3 .  ? 25.782  45.074  -1.280  1.00 69.00  ? 50 HOH A O   1 
HETATM 1664 O O   . HOH G 3 .  ? 15.479  34.081  -1.047  1.00 84.03  ? 51 HOH A O   1 
HETATM 1665 O O   . HOH G 3 .  ? 26.671  23.969  -3.897  1.00 66.98  ? 52 HOH A O   1 
HETATM 1666 O O   . HOH G 3 .  ? 15.993  -7.136  -3.442  1.00 66.87  ? 53 HOH A O   1 
HETATM 1667 O O   . HOH G 3 .  ? 9.722   5.499   -3.304  1.00 76.86  ? 54 HOH A O   1 
HETATM 1668 O O   . HOH G 3 .  ? 24.666  30.594  7.658   1.00 75.12  ? 55 HOH A O   1 
HETATM 1669 O O   . HOH G 3 .  ? 27.503  39.218  8.475   1.00 69.23  ? 56 HOH A O   1 
HETATM 1670 O O   . HOH G 3 .  ? 31.639  43.838  6.200   1.00 67.59  ? 57 HOH A O   1 
HETATM 1671 O O   . HOH G 3 .  ? 24.764  26.453  -4.807  1.00 55.52  ? 58 HOH A O   1 
HETATM 1672 O O   . HOH G 3 .  ? 23.688  22.283  3.608   1.00 53.59  ? 59 HOH A O   1 
HETATM 1673 O O   . HOH G 3 .  ? 8.648   6.866   4.927   1.00 77.13  ? 60 HOH A O   1 
HETATM 1674 O O   . HOH G 3 .  ? 12.848  13.330  -4.535  1.00 48.42  ? 61 HOH A O   1 
HETATM 1675 O O   . HOH G 3 .  ? 16.258  29.549  -2.131  1.00 72.72  ? 62 HOH A O   1 
HETATM 1676 O O   . HOH H 3 .  ? 11.825  30.165  10.865  1.00 66.06  ? 36 HOH B O   1 
HETATM 1677 O O   . HOH H 3 .  ? 23.076  29.442  9.945   1.00 55.78  ? 37 HOH B O   1 
HETATM 1678 O O   . HOH H 3 .  ? 11.253  31.359  5.690   1.00 52.70  ? 38 HOH B O   1 
HETATM 1679 O O   . HOH H 3 .  ? 22.548  13.404  9.692   1.00 66.46  ? 39 HOH B O   1 
HETATM 1680 O O   . HOH H 3 .  ? 18.560  27.588  11.289  1.00 39.11  ? 40 HOH B O   1 
HETATM 1681 O O   . HOH H 3 .  ? 13.823  28.007  10.905  1.00 38.45  ? 41 HOH B O   1 
HETATM 1682 O O   . HOH H 3 .  ? 24.243  23.433  5.892   1.00 49.76  ? 42 HOH B O   1 
HETATM 1683 O O   . HOH H 3 .  ? 24.659  19.728  4.302   1.00 59.51  ? 43 HOH B O   1 
HETATM 1684 O O   . HOH H 3 .  ? 10.214  33.424  3.866   1.00 55.68  ? 44 HOH B O   1 
HETATM 1685 O O   . HOH H 3 .  ? 9.265   20.012  7.415   1.00 62.45  ? 45 HOH B O   1 
HETATM 1686 O O   . HOH H 3 .  ? 22.236  19.225  10.210  1.00 76.94  ? 46 HOH B O   1 
HETATM 1687 O O   . HOH H 3 .  ? 23.271  12.244  12.699  1.00 73.42  ? 47 HOH B O   1 
HETATM 1688 O O   . HOH H 3 .  ? 25.374  16.825  8.156   1.00 54.57  ? 48 HOH B O   1 
HETATM 1689 O O   . HOH H 3 .  ? 24.163  15.979  10.142  1.00 47.29  ? 49 HOH B O   1 
HETATM 1690 O O   . HOH H 3 .  ? 22.582  13.687  14.615  1.00 67.31  ? 50 HOH B O   1 
HETATM 1691 O O   . HOH H 3 .  ? 9.296   39.647  11.513  1.00 73.97  ? 51 HOH B O   1 
HETATM 1692 O O   . HOH H 3 .  ? 14.193  11.219  11.262  1.00 80.80  ? 52 HOH B O   1 
HETATM 1693 O O   . HOH H 3 .  ? 12.206  25.496  4.242   1.00 54.34  ? 53 HOH B O   1 
HETATM 1694 O O   . HOH H 3 .  ? 24.071  5.897   7.784   1.00 79.49  ? 54 HOH B O   1 
HETATM 1695 O O   . HOH H 3 .  ? 19.894  14.984  14.363  1.00 68.16  ? 55 HOH B O   1 
HETATM 1696 O O   . HOH H 3 .  ? 15.412  -5.794  14.645  1.00 79.74  ? 56 HOH B O   1 
HETATM 1697 O O   . HOH H 3 .  ? 15.438  11.394  14.997  1.00 76.96  ? 57 HOH B O   1 
HETATM 1698 O O   . HOH H 3 .  ? 13.076  -8.386  14.435  1.00 66.26  ? 58 HOH B O   1 
HETATM 1699 O O   . HOH H 3 .  ? 15.005  15.377  13.201  1.00 67.85  ? 59 HOH B O   1 
HETATM 1700 O O   . HOH H 3 .  ? 15.973  28.357  12.631  1.00 59.63  ? 60 HOH B O   1 
HETATM 1701 O O   . HOH H 3 .  ? 22.558  19.645  7.893   1.00 75.22  ? 61 HOH B O   1 
HETATM 1702 O O   . HOH H 3 .  ? 11.956  15.507  7.657   1.00 73.85  ? 62 HOH B O   1 
HETATM 1703 O O   . HOH H 3 .  ? 13.899  35.702  1.230   1.00 60.69  ? 63 HOH B O   1 
HETATM 1704 O O   . HOH H 3 .  ? 15.396  25.332  12.075  1.00 66.73  ? 64 HOH B O   1 
HETATM 1705 O O   . HOH I 3 .  ? -27.442 -31.285 17.510  1.00 57.75  ? 36 HOH C O   1 
HETATM 1706 O O   . HOH I 3 .  ? -34.541 -37.378 8.289   1.00 42.86  ? 37 HOH C O   1 
HETATM 1707 O O   . HOH I 3 .  ? -36.842 -31.060 5.166   1.00 61.90  ? 38 HOH C O   1 
HETATM 1708 O O   . HOH I 3 .  ? -36.770 -28.588 13.040  1.00 62.88  ? 39 HOH C O   1 
HETATM 1709 O O   . HOH I 3 .  ? -34.496 -39.779 9.432   1.00 56.01  ? 40 HOH C O   1 
HETATM 1710 O O   . HOH I 3 .  ? -36.837 -32.382 13.506  1.00 58.28  ? 41 HOH C O   1 
HETATM 1711 O O   . HOH I 3 .  ? -29.457 -24.553 -2.387  1.00 47.90  ? 42 HOH C O   1 
HETATM 1712 O O   . HOH I 3 .  ? -34.473 -34.918 8.906   1.00 52.80  ? 43 HOH C O   1 
HETATM 1713 O O   . HOH I 3 .  ? -31.826 -38.542 2.735   1.00 65.17  ? 44 HOH C O   1 
HETATM 1714 O O   . HOH I 3 .  ? -35.412 -35.136 11.464  1.00 69.54  ? 45 HOH C O   1 
HETATM 1715 O O   . HOH I 3 .  ? -30.773 -36.266 -2.239  1.00 51.57  ? 46 HOH C O   1 
HETATM 1716 O O   . HOH I 3 .  ? -35.201 -32.431 -4.843  1.00 64.93  ? 47 HOH C O   1 
HETATM 1717 O O   . HOH I 3 .  ? -25.302 -30.877 9.593   1.00 57.92  ? 48 HOH C O   1 
HETATM 1718 O O   . HOH I 3 .  ? -39.042 -40.775 19.542  1.00 74.53  ? 49 HOH C O   1 
HETATM 1719 O O   . HOH I 3 .  ? -27.820 -27.167 10.143  1.00 54.13  ? 50 HOH C O   1 
HETATM 1720 O O   . HOH I 3 .  ? -29.751 -27.622 16.241  1.00 83.27  ? 51 HOH C O   1 
HETATM 1721 O O   . HOH I 3 .  ? -29.323 -39.905 28.446  1.00 73.75  ? 52 HOH C O   1 
HETATM 1722 O O   . HOH I 3 .  ? -30.795 -22.512 -17.000 1.00 65.85  ? 53 HOH C O   1 
HETATM 1723 O O   . HOH I 3 .  ? -29.622 -37.290 33.721  1.00 58.16  ? 54 HOH C O   1 
HETATM 1724 O O   . HOH I 3 .  ? -34.085 -40.111 11.853  1.00 53.93  ? 55 HOH C O   1 
HETATM 1725 O O   . HOH I 3 .  ? -29.746 -30.858 24.059  1.00 67.43  ? 56 HOH C O   1 
HETATM 1726 O O   . HOH I 3 .  ? -27.514 -35.788 -7.487  1.00 77.19  ? 57 HOH C O   1 
HETATM 1727 O O   . HOH I 3 .  ? -27.884 -27.367 7.528   1.00 64.92  ? 58 HOH C O   1 
HETATM 1728 O O   . HOH I 3 .  ? -35.669 -26.313 1.777   1.00 71.69  ? 59 HOH C O   1 
HETATM 1729 O O   . HOH I 3 .  ? -29.913 -24.393 0.320   1.00 52.12  ? 60 HOH C O   1 
HETATM 1730 O O   . HOH I 3 .  ? -38.018 -34.055 11.977  1.00 46.27  ? 61 HOH C O   1 
HETATM 1731 O O   . HOH I 3 .  ? -27.330 -24.339 -3.278  1.00 65.83  ? 62 HOH C O   1 
HETATM 1732 O O   . HOH I 3 .  ? -24.173 -31.842 12.462  1.00 60.97  ? 63 HOH C O   1 
HETATM 1733 O O   . HOH I 3 .  ? -29.468 -23.431 -13.838 1.00 66.79  ? 64 HOH C O   1 
HETATM 1734 O O   . HOH I 3 .  ? -24.559 -24.869 0.353   1.00 76.07  ? 65 HOH C O   1 
HETATM 1735 O O   . HOH I 3 .  ? -29.611 -16.279 -13.514 1.00 80.51  ? 66 HOH C O   1 
HETATM 1736 O O   . HOH J 3 .  ? -33.411 -46.464 17.515  1.00 62.56  ? 36 HOH D O   1 
HETATM 1737 O O   . HOH J 3 .  ? -27.670 -47.706 15.892  1.00 65.48  ? 37 HOH D O   1 
HETATM 1738 O O   . HOH J 3 .  ? -24.822 -33.677 16.747  1.00 53.92  ? 38 HOH D O   1 
HETATM 1739 O O   . HOH J 3 .  ? -22.098 -39.638 -0.112  1.00 60.27  ? 39 HOH D O   1 
HETATM 1740 O O   . HOH J 3 .  ? -33.154 -50.832 24.545  1.00 65.98  ? 40 HOH D O   1 
HETATM 1741 O O   . HOH J 3 .  ? -26.669 -43.838 -7.041  1.00 71.72  ? 41 HOH D O   1 
HETATM 1742 O O   . HOH J 3 .  ? -17.996 -35.643 5.954   1.00 70.47  ? 42 HOH D O   1 
HETATM 1743 O O   . HOH J 3 .  ? -34.801 -42.701 14.802  1.00 65.84  ? 43 HOH D O   1 
HETATM 1744 O O   . HOH J 3 .  ? -35.331 -47.234 19.166  1.00 76.24  ? 44 HOH D O   1 
HETATM 1745 O O   . HOH J 3 .  ? -25.450 -47.448 11.770  1.00 47.07  ? 45 HOH D O   1 
HETATM 1746 O O   . HOH J 3 .  ? -21.777 -32.497 17.910  1.00 80.63  ? 46 HOH D O   1 
HETATM 1747 O O   . HOH J 3 .  ? -19.334 -39.040 -4.760  1.00 58.95  ? 47 HOH D O   1 
HETATM 1748 O O   . HOH J 3 .  ? -20.784 -40.058 -3.044  1.00 52.13  ? 48 HOH D O   1 
HETATM 1749 O O   . HOH J 3 .  ? -30.396 -48.120 16.904  1.00 70.60  ? 49 HOH D O   1 
HETATM 1750 O O   . HOH J 3 .  ? -24.493 -33.776 20.762  1.00 60.61  ? 50 HOH D O   1 
HETATM 1751 O O   . HOH J 3 .  ? -18.442 -34.723 -2.749  1.00 64.71  ? 51 HOH D O   1 
HETATM 1752 O O   . HOH J 3 .  ? -15.908 -30.760 -6.722  1.00 76.22  ? 52 HOH D O   1 
HETATM 1753 O O   . HOH J 3 .  ? -19.745 -29.370 -14.615 1.00 76.04  ? 53 HOH D O   1 
HETATM 1754 O O   . HOH J 3 .  ? -28.927 -44.403 -8.356  1.00 70.98  ? 54 HOH D O   1 
HETATM 1755 O O   . HOH J 3 .  ? -15.218 -30.864 -3.596  1.00 74.63  ? 55 HOH D O   1 
HETATM 1756 O O   . HOH K 3 .  ? 15.181  36.508  -16.226 1.00 60.02  ? 36 HOH E O   1 
HETATM 1757 O O   . HOH K 3 .  ? 0.361   10.116  -14.094 1.00 62.18  ? 37 HOH E O   1 
HETATM 1758 O O   . HOH K 3 .  ? 7.742   10.963  -6.747  1.00 58.03  ? 38 HOH E O   1 
HETATM 1759 O O   . HOH K 3 .  ? 6.402   15.858  -4.900  1.00 59.87  ? 39 HOH E O   1 
HETATM 1760 O O   . HOH K 3 .  ? 10.645  10.200  -8.013  1.00 50.72  ? 40 HOH E O   1 
HETATM 1761 O O   . HOH K 3 .  ? 7.482   23.192  -17.307 1.00 63.77  ? 41 HOH E O   1 
HETATM 1762 O O   . HOH K 3 .  ? 10.503  27.424  -7.944  1.00 52.38  ? 42 HOH E O   1 
HETATM 1763 O O   . HOH K 3 .  ? 12.900  30.708  -16.689 1.00 66.84  ? 43 HOH E O   1 
HETATM 1764 O O   . HOH K 3 .  ? 8.169   22.471  -20.557 1.00 63.90  ? 44 HOH E O   1 
HETATM 1765 O O   . HOH K 3 .  ? 5.457   16.365  -16.630 1.00 86.39  ? 45 HOH E O   1 
HETATM 1766 O O   . HOH K 3 .  ? 8.452   17.533  -17.891 1.00 72.31  ? 46 HOH E O   1 
HETATM 1767 O O   . HOH K 3 .  ? 20.656  37.777  -8.795  1.00 60.17  ? 47 HOH E O   1 
HETATM 1768 O O   . HOH K 3 .  ? 5.525   13.823  -18.262 1.00 56.00  ? 48 HOH E O   1 
HETATM 1769 O O   . HOH K 3 .  ? 16.779  30.424  -8.082  1.00 56.06  ? 49 HOH E O   1 
HETATM 1770 O O   . HOH K 3 .  ? -5.535  -5.629  -10.273 1.00 88.16  ? 50 HOH E O   1 
HETATM 1771 O O   . HOH K 3 .  ? 3.224   13.087  -4.597  1.00 81.99  ? 51 HOH E O   1 
HETATM 1772 O O   . HOH K 3 .  ? 7.043   24.635  -19.579 1.00 57.33  ? 52 HOH E O   1 
HETATM 1773 O O   . HOH K 3 .  ? 7.274   34.905  -23.423 1.00 59.28  ? 53 HOH E O   1 
HETATM 1774 O O   . HOH K 3 .  ? 5.511   7.023   -4.144  1.00 56.14  ? 54 HOH E O   1 
HETATM 1775 O O   . HOH K 3 .  ? 13.002  17.940  -4.741  1.00 54.30  ? 55 HOH E O   1 
HETATM 1776 O O   . HOH K 3 .  ? 11.133  20.895  -6.994  1.00 52.55  ? 56 HOH E O   1 
HETATM 1777 O O   . HOH K 3 .  ? 15.809  33.101  -7.096  1.00 66.34  ? 57 HOH E O   1 
HETATM 1778 O O   . HOH K 3 .  ? 4.552   0.749   -6.710  1.00 69.13  ? 58 HOH E O   1 
HETATM 1779 O O   . HOH K 3 .  ? 11.670  31.984  -19.684 1.00 87.00  ? 59 HOH E O   1 
HETATM 1780 O O   . HOH L 3 .  ? 25.741  21.425  -8.410  1.00 52.08  ? 36 HOH F O   1 
HETATM 1781 O O   . HOH L 3 .  ? 12.010  5.330   -20.440 1.00 50.05  ? 37 HOH F O   1 
HETATM 1782 O O   . HOH L 3 .  ? -7.457  -4.852  -19.482 1.00 60.53  ? 38 HOH F O   1 
HETATM 1783 O O   . HOH L 3 .  ? 10.573  -2.513  -21.666 1.00 58.73  ? 39 HOH F O   1 
HETATM 1784 O O   . HOH L 3 .  ? 23.864  25.232  -17.740 1.00 52.51  ? 40 HOH F O   1 
HETATM 1785 O O   . HOH L 3 .  ? 30.316  34.601  -12.011 1.00 62.29  ? 41 HOH F O   1 
HETATM 1786 O O   . HOH L 3 .  ? 22.551  23.574  -19.352 1.00 54.10  ? 42 HOH F O   1 
HETATM 1787 O O   . HOH L 3 .  ? 31.486  32.120  -13.162 1.00 54.30  ? 43 HOH F O   1 
HETATM 1788 O O   . HOH L 3 .  ? 18.465  16.770  -19.664 1.00 41.75  ? 44 HOH F O   1 
HETATM 1789 O O   . HOH L 3 .  ? -5.835  -2.612  -22.160 1.00 53.92  ? 45 HOH F O   1 
HETATM 1790 O O   . HOH L 3 .  ? 15.058  11.707  -8.696  1.00 43.33  ? 46 HOH F O   1 
HETATM 1791 O O   . HOH L 3 .  ? 21.096  17.190  -19.184 1.00 41.58  ? 47 HOH F O   1 
HETATM 1792 O O   . HOH L 3 .  ? 7.827   10.955  -20.056 1.00 51.67  ? 48 HOH F O   1 
HETATM 1793 O O   . HOH L 3 .  ? 11.534  9.588   -21.628 1.00 61.32  ? 49 HOH F O   1 
HETATM 1794 O O   . HOH L 3 .  ? 19.629  11.823  -17.362 1.00 48.78  ? 50 HOH F O   1 
HETATM 1795 O O   . HOH L 3 .  ? 15.223  8.426   -9.289  1.00 69.56  ? 51 HOH F O   1 
HETATM 1796 O O   . HOH L 3 .  ? 0.680   9.344   -16.478 1.00 51.79  ? 52 HOH F O   1 
HETATM 1797 O O   . HOH L 3 .  ? 26.532  19.933  -12.602 1.00 54.75  ? 53 HOH F O   1 
HETATM 1798 O O   . HOH L 3 .  ? 17.355  19.004  -20.903 1.00 52.17  ? 54 HOH F O   1 
HETATM 1799 O O   . HOH L 3 .  ? 5.714   9.380   -21.405 1.00 58.67  ? 55 HOH F O   1 
HETATM 1800 O O   . HOH L 3 .  ? 21.194  10.096  -16.499 1.00 63.20  ? 56 HOH F O   1 
HETATM 1801 O O   . HOH L 3 .  ? 2.333   10.798  -19.688 1.00 46.94  ? 57 HOH F O   1 
HETATM 1802 O O   . HOH L 3 .  ? 23.853  26.264  -7.191  1.00 56.71  ? 58 HOH F O   1 
HETATM 1803 O O   . HOH L 3 .  ? 4.572   -3.762  -22.416 1.00 63.38  ? 59 HOH F O   1 
HETATM 1804 O O   . HOH L 3 .  ? 23.046  29.396  -6.904  1.00 80.38  ? 60 HOH F O   1 
HETATM 1805 O O   . HOH L 3 .  ? 33.957  34.778  -10.455 1.00 73.49  ? 61 HOH F O   1 
HETATM 1806 O O   . HOH L 3 .  ? 22.930  27.192  -18.257 1.00 56.70  ? 62 HOH F O   1 
HETATM 1807 O O   . HOH L 3 .  ? -1.454  6.802   -16.670 1.00 79.51  ? 63 HOH F O   1 
HETATM 1808 O O   . HOH L 3 .  ? -5.975  -7.439  -21.588 1.00 71.91  ? 64 HOH F O   1 
HETATM 1809 O O   . HOH L 3 .  ? -9.917  -6.447  -19.030 1.00 55.50  ? 65 HOH F O   1 
HETATM 1810 O O   . HOH L 3 .  ? 24.107  39.375  -9.324  1.00 78.08  ? 66 HOH F O   1 
HETATM 1811 O O   . HOH L 3 .  ? -0.370  3.874   -18.809 1.00 58.41  ? 67 HOH F O   1 
HETATM 1812 O O   . HOH L 3 .  ? 34.571  33.779  -7.374  1.00 75.12  ? 68 HOH F O   1 
HETATM 1813 O O   . HOH L 3 .  ? 19.303  22.626  -7.208  1.00 56.33  ? 69 HOH F O   1 
HETATM 1814 O O   . HOH L 3 .  ? 20.543  17.267  -7.519  1.00 62.81  ? 70 HOH F O   1 
HETATM 1815 O O   . HOH L 3 .  ? 30.418  20.685  -14.020 1.00 51.93  ? 71 HOH F O   1 
HETATM 1816 O O   . HOH L 3 .  ? 10.069  5.207   -9.123  1.00 74.12  ? 72 HOH F O   1 
HETATM 1817 O O   . HOH L 3 .  ? 16.652  7.298   -16.020 1.00 50.08  ? 73 HOH F O   1 
HETATM 1818 O O   . HOH L 3 .  ? 30.657  30.229  -17.412 1.00 66.19  ? 74 HOH F O   1 
HETATM 1819 O O   . HOH L 3 .  ? 20.343  21.385  -9.170  1.00 58.41  ? 75 HOH F O   1 
HETATM 1820 O O   . HOH L 3 .  ? -4.533  0.949   -16.001 1.00 51.53  ? 76 HOH F O   1 
HETATM 1821 O O   . HOH L 3 .  ? 24.380  32.499  -6.786  1.00 61.17  ? 77 HOH F O   1 
HETATM 1822 O O   . HOH L 3 .  ? 27.579  20.384  -15.018 1.00 62.85  ? 78 HOH F O   1 
# 
